data_4PFN
#
_entry.id   4PFN
#
_cell.length_a   100.399
_cell.length_b   57.940
_cell.length_c   235.918
_cell.angle_alpha   90.000
_cell.angle_beta   90.010
_cell.angle_gamma   90.000
#
_symmetry.space_group_name_H-M   'C 1 2 1'
#
loop_
_entity.id
_entity.type
_entity.pdbx_description
1 polymer 'Serine hydroxymethyltransferase, putative'
2 non-polymer "PYRIDOXAL-5'-PHOSPHATE"
3 non-polymer SERINE
4 non-polymer 'CHLORIDE ION'
5 water water
#
_entity_poly.entity_id   1
_entity_poly.type   'polypeptide(L)'
_entity_poly.pdbx_seq_one_letter_code
;MFNNEPLEQIDKELHDILADEEKRQRETINLIASENLTNGAVRECLGNRVSNKYSEGYPKKRYYGGNDFIDKIEELCQKR
ALEAFNVSDEEWGVNVQPLSGSAANVQALYALVGVKGKIMGMHLCSGGHLTHGFFDEKKKVSITSDMFESKLYKCNSQGY
VDLDAVREMALSFKPKVIICGYTSYPRDIDYQQFRQICDEVNAYLFADISHISSFVACNILNNPFLHADVVTTTTHKILR
GPRSALIFFNKKRNPGIEQKINSAVFPSFQGGPHNNKIAAVACQLKEVHSPAFKEYTQQVLLNSKALAKALISKQIDLVT
NGTDNHLIVVDLRKFSITGSKLQETCNAINVSLNKNTIPSDVDCVSPSGVRIGTPAMTTRGAKEKDMEFIADVLARAIKI
TVDLQEQYGKKLVDFKKGLPGNAQLQQLKQEVVTWAGALPFP
;
_entity_poly.pdbx_strand_id   A,B,C
#
loop_
_chem_comp.id
_chem_comp.type
_chem_comp.name
_chem_comp.formula
CL non-polymer 'CHLORIDE ION' 'Cl -1'
PLP non-polymer PYRIDOXAL-5'-PHOSPHATE 'C8 H10 N O6 P'
#
# COMPACT_ATOMS: atom_id res chain seq x y z
N MET A 1 -13.77 9.61 -15.14
CA MET A 1 -13.63 9.10 -16.55
C MET A 1 -14.26 7.72 -16.70
N PHE A 2 -15.57 7.65 -16.47
CA PHE A 2 -16.29 6.38 -16.45
C PHE A 2 -17.71 6.55 -17.01
N ASN A 3 -18.37 5.43 -17.28
CA ASN A 3 -19.78 5.42 -17.66
C ASN A 3 -20.69 5.15 -16.47
N ASN A 4 -21.51 6.14 -16.12
CA ASN A 4 -22.31 6.06 -14.90
C ASN A 4 -23.74 5.58 -15.08
N GLU A 5 -24.17 5.41 -16.32
CA GLU A 5 -25.57 5.07 -16.59
C GLU A 5 -25.94 3.64 -16.18
N PRO A 6 -27.15 3.49 -15.57
CA PRO A 6 -27.67 2.21 -15.06
C PRO A 6 -27.48 1.03 -16.02
N LEU A 7 -27.44 -0.17 -15.45
CA LEU A 7 -27.26 -1.41 -16.21
C LEU A 7 -28.23 -1.51 -17.38
N GLU A 8 -29.49 -1.16 -17.12
CA GLU A 8 -30.53 -1.00 -18.13
C GLU A 8 -30.04 -0.28 -19.39
N GLN A 9 -29.50 0.93 -19.19
CA GLN A 9 -29.05 1.77 -20.31
C GLN A 9 -27.71 1.31 -20.88
N ILE A 10 -26.69 1.17 -20.03
CA ILE A 10 -25.31 0.85 -20.45
C ILE A 10 -25.18 -0.48 -21.20
N ASP A 11 -26.06 -1.43 -20.87
CA ASP A 11 -26.04 -2.74 -21.51
C ASP A 11 -27.43 -3.36 -21.45
N LYS A 12 -28.24 -3.04 -22.45
CA LYS A 12 -29.60 -3.56 -22.57
C LYS A 12 -29.62 -5.07 -22.85
N GLU A 13 -28.63 -5.57 -23.57
CA GLU A 13 -28.56 -7.01 -23.88
C GLU A 13 -28.53 -7.91 -22.63
N LEU A 14 -27.66 -7.58 -21.67
CA LEU A 14 -27.52 -8.34 -20.42
C LEU A 14 -28.75 -8.17 -19.53
N HIS A 15 -29.21 -6.94 -19.37
CA HIS A 15 -30.41 -6.62 -18.60
C HIS A 15 -31.62 -7.44 -19.02
N ASP A 16 -31.70 -7.77 -20.31
CA ASP A 16 -32.78 -8.60 -20.86
C ASP A 16 -32.76 -9.97 -20.20
N ILE A 17 -31.63 -10.64 -20.35
CA ILE A 17 -31.47 -12.00 -19.86
C ILE A 17 -31.64 -12.05 -18.35
N LEU A 18 -31.13 -11.03 -17.66
CA LEU A 18 -31.22 -10.95 -16.20
C LEU A 18 -32.67 -10.81 -15.74
N ALA A 19 -33.44 -10.00 -16.47
CA ALA A 19 -34.87 -9.83 -16.17
C ALA A 19 -35.64 -11.13 -16.46
N ASP A 20 -35.18 -11.85 -17.48
CA ASP A 20 -35.74 -13.16 -17.84
C ASP A 20 -35.51 -14.17 -16.72
N GLU A 21 -34.25 -14.29 -16.29
CA GLU A 21 -33.84 -15.18 -15.22
C GLU A 21 -34.65 -14.95 -13.95
N GLU A 22 -34.80 -13.69 -13.60
CA GLU A 22 -35.61 -13.23 -12.47
C GLU A 22 -37.06 -13.73 -12.57
N LYS A 23 -37.64 -13.62 -13.77
CA LYS A 23 -39.00 -14.08 -14.04
C LYS A 23 -39.08 -15.62 -13.91
N ARG A 24 -38.10 -16.33 -14.47
CA ARG A 24 -38.00 -17.78 -14.27
C ARG A 24 -37.98 -18.14 -12.76
N GLN A 25 -37.15 -17.46 -11.97
CA GLN A 25 -37.11 -17.70 -10.52
C GLN A 25 -38.43 -17.45 -9.80
N ARG A 26 -39.15 -16.42 -10.22
CA ARG A 26 -40.46 -16.11 -9.68
C ARG A 26 -41.53 -17.18 -10.03
N GLU A 27 -41.41 -17.79 -11.20
CA GLU A 27 -42.45 -18.68 -11.71
C GLU A 27 -42.03 -20.15 -11.65
N THR A 28 -41.21 -20.50 -10.67
CA THR A 28 -40.69 -21.85 -10.53
C THR A 28 -40.94 -22.36 -9.12
N ILE A 29 -41.40 -23.60 -9.02
CA ILE A 29 -41.33 -24.33 -7.75
C ILE A 29 -39.89 -24.87 -7.66
N ASN A 30 -39.08 -24.16 -6.87
CA ASN A 30 -37.66 -24.45 -6.74
C ASN A 30 -37.41 -25.45 -5.61
N LEU A 31 -37.20 -26.71 -5.96
CA LEU A 31 -36.97 -27.75 -4.96
C LEU A 31 -35.51 -28.16 -4.83
N ILE A 32 -34.59 -27.39 -5.41
CA ILE A 32 -33.16 -27.66 -5.27
C ILE A 32 -32.75 -27.49 -3.82
N ALA A 33 -32.31 -28.59 -3.21
CA ALA A 33 -32.10 -28.62 -1.77
C ALA A 33 -31.09 -27.57 -1.34
N SER A 34 -30.12 -27.33 -2.21
CA SER A 34 -29.02 -26.43 -1.92
C SER A 34 -29.25 -24.99 -2.36
N GLU A 35 -30.49 -24.67 -2.76
CA GLU A 35 -30.78 -23.32 -3.26
C GLU A 35 -31.66 -22.54 -2.30
N ASN A 36 -31.57 -21.22 -2.41
CA ASN A 36 -32.40 -20.34 -1.62
C ASN A 36 -32.54 -19.02 -2.33
N LEU A 37 -33.27 -18.09 -1.71
CA LEU A 37 -33.38 -16.73 -2.27
C LEU A 37 -32.94 -15.71 -1.24
N THR A 38 -31.92 -14.95 -1.61
CA THR A 38 -31.35 -13.88 -0.78
C THR A 38 -32.26 -12.65 -0.76
N ASN A 39 -32.31 -11.95 0.37
CA ASN A 39 -33.10 -10.71 0.49
C ASN A 39 -32.33 -9.52 -0.09
N GLY A 40 -32.96 -8.35 -0.11
CA GLY A 40 -32.39 -7.17 -0.75
C GLY A 40 -31.16 -6.62 -0.05
N ALA A 41 -31.09 -6.82 1.27
CA ALA A 41 -29.96 -6.34 2.06
C ALA A 41 -28.68 -7.13 1.81
N VAL A 42 -28.82 -8.44 1.62
CA VAL A 42 -27.70 -9.29 1.25
C VAL A 42 -27.19 -8.91 -0.14
N ARG A 43 -28.11 -8.59 -1.04
CA ARG A 43 -27.73 -8.18 -2.39
C ARG A 43 -27.17 -6.76 -2.49
N GLU A 44 -27.52 -5.90 -1.54
CA GLU A 44 -26.94 -4.55 -1.44
C GLU A 44 -25.50 -4.66 -1.01
N CYS A 45 -25.22 -5.62 -0.13
CA CYS A 45 -23.86 -5.86 0.38
C CYS A 45 -22.97 -6.46 -0.70
N LEU A 46 -23.53 -7.38 -1.49
CA LEU A 46 -22.80 -7.96 -2.62
C LEU A 46 -22.46 -6.90 -3.68
N GLY A 47 -23.34 -5.91 -3.82
CA GLY A 47 -23.13 -4.84 -4.78
C GLY A 47 -22.47 -3.59 -4.22
N ASN A 48 -21.88 -3.70 -3.02
CA ASN A 48 -21.27 -2.57 -2.32
C ASN A 48 -19.81 -2.28 -2.75
N ARG A 49 -19.39 -1.01 -2.64
CA ARG A 49 -18.03 -0.60 -3.08
C ARG A 49 -16.90 -1.15 -2.23
N VAL A 50 -17.24 -1.85 -1.16
CA VAL A 50 -16.25 -2.47 -0.29
C VAL A 50 -15.35 -3.49 -1.07
N SER A 51 -15.78 -3.89 -2.26
CA SER A 51 -14.99 -4.83 -3.09
C SER A 51 -13.96 -4.15 -3.98
N ASN A 52 -13.84 -2.83 -3.85
CA ASN A 52 -12.76 -2.07 -4.48
C ASN A 52 -11.44 -2.25 -3.74
N LYS A 53 -11.49 -2.91 -2.60
CA LYS A 53 -10.37 -2.88 -1.66
C LYS A 53 -9.53 -4.16 -1.64
N TYR A 54 -8.23 -4.00 -1.85
CA TYR A 54 -7.32 -5.10 -1.56
C TYR A 54 -7.06 -5.26 -0.06
N SER A 55 -7.28 -6.45 0.47
CA SER A 55 -7.20 -6.67 1.92
C SER A 55 -6.54 -7.99 2.28
N GLU A 56 -5.50 -8.35 1.54
CA GLU A 56 -4.75 -9.57 1.83
C GLU A 56 -4.27 -9.56 3.28
N GLY A 57 -4.42 -10.69 3.94
CA GLY A 57 -4.07 -10.80 5.35
C GLY A 57 -5.32 -10.94 6.18
N TYR A 58 -5.22 -10.54 7.43
CA TYR A 58 -6.33 -10.63 8.39
C TYR A 58 -6.44 -9.31 9.12
N PRO A 59 -7.57 -9.07 9.82
CA PRO A 59 -7.74 -7.82 10.56
C PRO A 59 -6.55 -7.50 11.47
N LYS A 60 -6.16 -6.22 11.50
CA LYS A 60 -5.04 -5.75 12.31
C LYS A 60 -3.69 -6.31 11.83
N LYS A 61 -3.73 -7.14 10.79
CA LYS A 61 -2.54 -7.77 10.23
C LYS A 61 -2.56 -7.81 8.70
N ARG A 62 -2.95 -6.69 8.08
CA ARG A 62 -3.02 -6.61 6.64
C ARG A 62 -1.65 -6.27 6.07
N TYR A 63 -1.48 -6.51 4.78
CA TYR A 63 -0.28 -6.10 4.09
C TYR A 63 -0.37 -4.66 3.63
N TYR A 64 -1.57 -4.21 3.29
CA TYR A 64 -1.76 -2.82 2.89
C TYR A 64 -2.59 -2.07 3.93
N GLY A 65 -2.41 -0.76 3.99
CA GLY A 65 -3.18 0.10 4.89
C GLY A 65 -4.53 0.48 4.32
N GLY A 66 -5.12 1.52 4.90
CA GLY A 66 -6.46 1.97 4.53
C GLY A 66 -7.51 0.91 4.83
N ASN A 67 -7.15 -0.09 5.64
CA ASN A 67 -8.00 -1.27 5.88
C ASN A 67 -8.76 -1.30 7.21
N ASP A 68 -9.00 -0.13 7.80
CA ASP A 68 -9.64 -0.05 9.12
C ASP A 68 -11.13 -0.39 9.10
N PHE A 69 -11.83 0.12 8.09
CA PHE A 69 -13.24 -0.19 7.96
C PHE A 69 -13.48 -1.59 7.42
N ILE A 70 -12.52 -2.12 6.64
CA ILE A 70 -12.54 -3.54 6.22
C ILE A 70 -12.33 -4.43 7.44
N ASP A 71 -11.35 -4.08 8.28
CA ASP A 71 -11.03 -4.83 9.50
C ASP A 71 -12.23 -4.98 10.42
N LYS A 72 -12.97 -3.89 10.57
CA LYS A 72 -14.18 -3.87 11.39
C LYS A 72 -15.27 -4.76 10.81
N ILE A 73 -15.31 -4.86 9.48
CA ILE A 73 -16.31 -5.70 8.80
C ILE A 73 -15.98 -7.17 8.97
N GLU A 74 -14.74 -7.55 8.70
CA GLU A 74 -14.32 -8.94 8.86
C GLU A 74 -14.47 -9.44 10.29
N GLU A 75 -14.19 -8.57 11.27
CA GLU A 75 -14.33 -8.91 12.70
C GLU A 75 -15.79 -8.98 13.14
N LEU A 76 -16.62 -8.07 12.62
CA LEU A 76 -18.06 -8.11 12.85
C LEU A 76 -18.69 -9.40 12.29
N CYS A 77 -18.08 -9.94 11.23
CA CYS A 77 -18.52 -11.17 10.59
C CYS A 77 -18.09 -12.40 11.39
N GLN A 78 -16.80 -12.48 11.75
CA GLN A 78 -16.27 -13.55 12.60
C GLN A 78 -17.03 -13.69 13.92
N LYS A 79 -17.31 -12.55 14.55
CA LYS A 79 -18.07 -12.48 15.79
C LYS A 79 -19.44 -13.12 15.59
N ARG A 80 -20.22 -12.51 14.68
CA ARG A 80 -21.58 -12.95 14.35
C ARG A 80 -21.68 -14.43 13.95
N ALA A 81 -20.59 -14.96 13.38
CA ALA A 81 -20.48 -16.37 12.96
C ALA A 81 -20.32 -17.32 14.12
N LEU A 82 -19.42 -16.99 15.04
CA LEU A 82 -19.27 -17.74 16.30
C LEU A 82 -20.53 -17.67 17.17
N GLU A 83 -21.11 -16.49 17.30
CA GLU A 83 -22.38 -16.33 18.01
C GLU A 83 -23.49 -17.20 17.42
N ALA A 84 -23.72 -17.08 16.11
CA ALA A 84 -24.76 -17.83 15.39
C ALA A 84 -24.66 -19.33 15.60
N PHE A 85 -23.44 -19.86 15.57
CA PHE A 85 -23.24 -21.30 15.76
C PHE A 85 -22.99 -21.67 17.22
N ASN A 86 -23.44 -20.77 18.09
CA ASN A 86 -23.47 -20.99 19.55
C ASN A 86 -22.15 -21.58 20.06
N VAL A 87 -21.10 -20.78 19.90
CA VAL A 87 -19.75 -21.21 20.21
C VAL A 87 -18.92 -19.97 20.62
N SER A 88 -17.98 -20.16 21.55
CA SER A 88 -17.29 -19.01 22.16
C SER A 88 -15.96 -18.71 21.48
N ASP A 89 -15.65 -17.41 21.39
CA ASP A 89 -14.43 -16.94 20.71
C ASP A 89 -13.14 -17.31 21.45
N GLU A 90 -13.29 -18.11 22.50
CA GLU A 90 -12.17 -18.56 23.32
C GLU A 90 -11.84 -20.03 23.09
N GLU A 91 -12.76 -20.75 22.44
CA GLU A 91 -12.59 -22.19 22.16
C GLU A 91 -12.53 -22.46 20.65
N TRP A 92 -13.20 -21.60 19.90
CA TRP A 92 -13.38 -21.75 18.46
C TRP A 92 -13.07 -20.47 17.72
N GLY A 93 -12.33 -20.58 16.62
CA GLY A 93 -12.15 -19.47 15.69
C GLY A 93 -12.78 -19.74 14.32
N VAL A 94 -12.95 -18.66 13.53
CA VAL A 94 -13.46 -18.77 12.17
C VAL A 94 -12.49 -18.17 11.15
N ASN A 95 -12.54 -18.69 9.92
CA ASN A 95 -12.03 -17.97 8.76
C ASN A 95 -13.19 -17.64 7.77
N VAL A 96 -13.39 -16.35 7.51
CA VAL A 96 -14.52 -15.87 6.69
C VAL A 96 -14.15 -15.55 5.24
N GLN A 97 -12.93 -15.91 4.85
CA GLN A 97 -12.41 -15.54 3.56
C GLN A 97 -12.59 -16.55 2.40
N PRO A 98 -12.86 -17.85 2.70
CA PRO A 98 -13.05 -18.78 1.58
C PRO A 98 -14.16 -18.32 0.65
N LEU A 99 -13.89 -18.35 -0.65
CA LEU A 99 -14.80 -17.79 -1.66
C LEU A 99 -16.03 -18.64 -1.93
N SER A 100 -15.92 -19.95 -1.67
CA SER A 100 -17.03 -20.88 -1.87
C SER A 100 -16.74 -22.20 -1.13
N GLY A 101 -17.76 -23.06 -1.03
CA GLY A 101 -17.61 -24.27 -0.25
C GLY A 101 -16.47 -25.17 -0.66
N SER A 102 -16.22 -25.28 -1.96
CA SER A 102 -15.20 -26.17 -2.45
C SER A 102 -13.81 -25.68 -2.07
N ALA A 103 -13.54 -24.41 -2.33
CA ALA A 103 -12.31 -23.79 -1.87
C ALA A 103 -12.09 -24.00 -0.37
N ALA A 104 -13.14 -23.83 0.42
CA ALA A 104 -13.09 -23.96 1.87
C ALA A 104 -12.69 -25.35 2.30
N ASN A 105 -13.26 -26.37 1.67
CA ASN A 105 -12.89 -27.74 1.99
C ASN A 105 -11.46 -28.06 1.56
N VAL A 106 -11.11 -27.74 0.31
CA VAL A 106 -9.73 -27.92 -0.15
C VAL A 106 -8.75 -27.25 0.81
N GLN A 107 -9.07 -26.03 1.24
CA GLN A 107 -8.23 -25.27 2.17
C GLN A 107 -8.11 -25.92 3.56
N ALA A 108 -9.27 -26.23 4.17
CA ALA A 108 -9.30 -26.86 5.49
C ALA A 108 -8.57 -28.22 5.50
N LEU A 109 -8.76 -29.01 4.44
CA LEU A 109 -8.15 -30.34 4.35
C LEU A 109 -6.63 -30.30 4.25
N TYR A 110 -6.12 -29.34 3.49
CA TYR A 110 -4.68 -29.15 3.36
C TYR A 110 -4.05 -28.70 4.69
N ALA A 111 -4.68 -27.71 5.32
CA ALA A 111 -4.26 -27.21 6.62
C ALA A 111 -4.06 -28.35 7.63
N LEU A 112 -4.93 -29.36 7.55
CA LEU A 112 -4.90 -30.48 8.48
C LEU A 112 -3.91 -31.57 8.07
N VAL A 113 -3.86 -31.90 6.78
CA VAL A 113 -3.12 -33.10 6.35
C VAL A 113 -1.97 -32.87 5.36
N GLY A 114 -1.93 -31.71 4.70
CA GLY A 114 -0.92 -31.42 3.69
C GLY A 114 -0.98 -32.29 2.45
N VAL A 115 -0.09 -32.01 1.50
CA VAL A 115 -0.01 -32.73 0.23
C VAL A 115 0.36 -34.18 0.49
N LYS A 116 -0.29 -35.10 -0.22
CA LYS A 116 -0.11 -36.55 -0.04
C LYS A 116 -0.79 -37.09 1.23
N GLY A 117 -1.32 -36.20 2.07
CA GLY A 117 -2.05 -36.61 3.26
C GLY A 117 -3.24 -37.54 2.99
N LYS A 118 -3.69 -38.24 4.03
CA LYS A 118 -4.73 -39.26 3.88
C LYS A 118 -6.08 -38.75 4.40
N ILE A 119 -7.13 -38.95 3.59
CA ILE A 119 -8.49 -38.50 3.96
C ILE A 119 -9.58 -39.54 3.67
N MET A 120 -10.57 -39.61 4.57
CA MET A 120 -11.78 -40.40 4.32
C MET A 120 -13.00 -39.49 4.16
N GLY A 121 -13.84 -39.83 3.19
CA GLY A 121 -15.08 -39.10 2.96
C GLY A 121 -16.15 -40.04 2.45
N MET A 122 -17.39 -39.61 2.50
CA MET A 122 -18.47 -40.37 1.87
C MET A 122 -18.42 -40.21 0.35
N HIS A 123 -18.54 -41.32 -0.36
CA HIS A 123 -18.68 -41.36 -1.81
C HIS A 123 -19.79 -40.45 -2.27
N LEU A 124 -19.62 -39.89 -3.47
CA LEU A 124 -20.63 -39.01 -4.08
C LEU A 124 -21.97 -39.72 -4.30
N CYS A 125 -21.92 -40.90 -4.91
CA CYS A 125 -23.11 -41.70 -5.18
C CYS A 125 -23.91 -41.99 -3.91
N SER A 126 -23.24 -41.97 -2.76
CA SER A 126 -23.87 -42.23 -1.47
C SER A 126 -24.34 -40.96 -0.77
N GLY A 127 -23.95 -39.81 -1.31
CA GLY A 127 -24.41 -38.54 -0.74
C GLY A 127 -23.31 -37.58 -0.36
N GLY A 128 -22.06 -37.98 -0.55
CA GLY A 128 -20.92 -37.10 -0.31
C GLY A 128 -20.73 -36.06 -1.41
N HIS A 129 -19.81 -35.15 -1.15
CA HIS A 129 -19.49 -34.07 -2.08
C HIS A 129 -18.20 -34.35 -2.79
N LEU A 130 -18.04 -33.70 -3.94
CA LEU A 130 -16.83 -33.82 -4.73
C LEU A 130 -15.57 -33.58 -3.90
N THR A 131 -15.59 -32.49 -3.13
CA THR A 131 -14.43 -32.12 -2.30
C THR A 131 -14.25 -33.01 -1.06
N HIS A 132 -15.03 -34.09 -0.99
CA HIS A 132 -14.83 -35.06 0.08
C HIS A 132 -13.96 -36.21 -0.36
N GLY A 133 -13.21 -36.02 -1.45
CA GLY A 133 -12.22 -36.99 -1.93
C GLY A 133 -12.63 -37.79 -3.14
N PHE A 134 -13.53 -37.25 -3.96
CA PHE A 134 -14.14 -38.07 -5.01
C PHE A 134 -13.24 -38.46 -6.19
N PHE A 135 -13.34 -39.72 -6.61
CA PHE A 135 -12.69 -40.20 -7.81
C PHE A 135 -13.39 -41.38 -8.48
N ASP A 136 -13.17 -41.51 -9.80
CA ASP A 136 -13.52 -42.71 -10.56
C ASP A 136 -12.34 -43.68 -10.46
N GLU A 137 -12.45 -44.82 -11.13
CA GLU A 137 -11.31 -45.70 -11.27
C GLU A 137 -10.21 -45.01 -12.09
N LYS A 138 -9.03 -44.85 -11.48
CA LYS A 138 -7.86 -44.23 -12.09
C LYS A 138 -8.00 -42.73 -12.38
N LYS A 139 -9.25 -42.26 -12.52
CA LYS A 139 -9.54 -40.85 -12.80
C LYS A 139 -9.81 -40.04 -11.53
N LYS A 140 -8.81 -39.25 -11.12
CA LYS A 140 -8.89 -38.40 -9.93
C LYS A 140 -9.80 -37.22 -10.19
N VAL A 141 -11.10 -37.42 -10.03
CA VAL A 141 -12.09 -36.42 -10.46
C VAL A 141 -11.91 -35.09 -9.72
N SER A 142 -11.90 -35.15 -8.38
CA SER A 142 -11.72 -33.96 -7.57
C SER A 142 -10.27 -33.83 -7.15
N ILE A 143 -9.78 -32.60 -7.09
CA ILE A 143 -8.43 -32.33 -6.57
C ILE A 143 -8.24 -33.02 -5.22
N THR A 144 -9.33 -33.20 -4.47
CA THR A 144 -9.28 -33.79 -3.14
C THR A 144 -8.91 -35.29 -3.17
N SER A 145 -8.95 -35.88 -4.35
CA SER A 145 -8.47 -37.25 -4.53
C SER A 145 -7.07 -37.28 -5.14
N ASP A 146 -6.63 -36.15 -5.70
CA ASP A 146 -5.32 -36.05 -6.33
C ASP A 146 -4.22 -35.49 -5.43
N MET A 147 -4.50 -34.38 -4.74
CA MET A 147 -3.49 -33.76 -3.91
C MET A 147 -3.44 -34.42 -2.53
N PHE A 148 -4.49 -35.17 -2.21
CA PHE A 148 -4.54 -36.02 -1.03
C PHE A 148 -4.77 -37.46 -1.50
N GLU A 149 -4.49 -38.42 -0.63
CA GLU A 149 -4.83 -39.80 -0.88
C GLU A 149 -6.13 -40.10 -0.16
N SER A 150 -7.17 -40.45 -0.94
CA SER A 150 -8.51 -40.56 -0.38
C SER A 150 -9.14 -41.92 -0.57
N LYS A 151 -9.93 -42.32 0.43
CA LYS A 151 -10.74 -43.51 0.33
C LYS A 151 -12.18 -43.18 0.73
N LEU A 152 -13.13 -43.82 0.06
CA LEU A 152 -14.52 -43.43 0.15
C LEU A 152 -15.38 -44.50 0.79
N TYR A 153 -16.05 -44.16 1.89
CA TYR A 153 -17.03 -45.07 2.48
C TYR A 153 -18.40 -44.91 1.83
N LYS A 154 -19.19 -45.98 1.85
CA LYS A 154 -20.54 -45.95 1.28
C LYS A 154 -21.60 -45.94 2.37
N CYS A 155 -22.87 -45.92 1.95
CA CYS A 155 -23.98 -46.05 2.89
C CYS A 155 -24.48 -47.47 2.70
N ASN A 156 -25.24 -47.99 3.65
CA ASN A 156 -25.83 -49.33 3.50
C ASN A 156 -26.99 -49.30 2.50
N SER A 157 -27.56 -50.46 2.18
CA SER A 157 -28.60 -50.52 1.15
C SER A 157 -29.94 -49.91 1.60
N GLN A 158 -30.04 -49.54 2.89
CA GLN A 158 -31.20 -48.87 3.48
C GLN A 158 -31.07 -47.33 3.32
N GLY A 159 -29.88 -46.87 2.92
CA GLY A 159 -29.62 -45.43 2.74
C GLY A 159 -28.97 -44.70 3.91
N TYR A 160 -28.52 -45.43 4.93
CA TYR A 160 -27.89 -44.83 6.10
C TYR A 160 -26.36 -44.95 6.09
N VAL A 161 -25.69 -44.09 6.85
CA VAL A 161 -24.24 -44.17 7.05
C VAL A 161 -23.91 -45.52 7.70
N ASP A 162 -23.05 -46.28 7.04
CA ASP A 162 -22.61 -47.59 7.52
C ASP A 162 -21.44 -47.39 8.47
N LEU A 163 -21.73 -46.97 9.70
CA LEU A 163 -20.69 -46.67 10.70
C LEU A 163 -19.71 -47.82 10.90
N ASP A 164 -20.21 -49.05 10.81
CA ASP A 164 -19.38 -50.24 10.90
C ASP A 164 -18.35 -50.31 9.77
N ALA A 165 -18.78 -50.09 8.52
CA ALA A 165 -17.85 -50.09 7.38
C ALA A 165 -16.82 -48.95 7.46
N VAL A 166 -17.22 -47.83 8.05
CA VAL A 166 -16.33 -46.70 8.31
C VAL A 166 -15.17 -47.17 9.20
N ARG A 167 -15.49 -47.87 10.29
CA ARG A 167 -14.47 -48.48 11.15
C ARG A 167 -13.61 -49.47 10.38
N GLU A 168 -14.26 -50.47 9.78
CA GLU A 168 -13.58 -51.46 8.94
C GLU A 168 -12.60 -50.81 7.99
N MET A 169 -12.91 -49.57 7.60
CA MET A 169 -12.09 -48.83 6.66
C MET A 169 -11.04 -47.94 7.36
N ALA A 170 -11.44 -47.27 8.43
CA ALA A 170 -10.53 -46.39 9.18
C ALA A 170 -9.27 -47.12 9.69
N LEU A 171 -9.45 -48.33 10.21
CA LEU A 171 -8.33 -49.15 10.70
C LEU A 171 -7.47 -49.68 9.54
N SER A 172 -8.10 -50.07 8.45
CA SER A 172 -7.40 -50.51 7.23
C SER A 172 -6.61 -49.40 6.53
N PHE A 173 -7.08 -48.16 6.66
CA PHE A 173 -6.54 -47.04 5.88
C PHE A 173 -5.72 -46.06 6.69
N LYS A 174 -6.07 -45.87 7.96
CA LYS A 174 -5.39 -44.94 8.86
C LYS A 174 -5.29 -43.52 8.28
N PRO A 175 -6.43 -42.81 8.15
CA PRO A 175 -6.44 -41.46 7.58
C PRO A 175 -6.18 -40.40 8.63
N LYS A 176 -5.71 -39.22 8.21
CA LYS A 176 -5.50 -38.11 9.15
C LYS A 176 -6.74 -37.24 9.36
N VAL A 177 -7.77 -37.44 8.53
CA VAL A 177 -9.05 -36.74 8.70
C VAL A 177 -10.22 -37.55 8.13
N ILE A 178 -11.33 -37.60 8.86
CA ILE A 178 -12.56 -38.22 8.35
C ILE A 178 -13.68 -37.19 8.22
N ILE A 179 -14.32 -37.17 7.05
CA ILE A 179 -15.35 -36.17 6.73
C ILE A 179 -16.77 -36.73 6.86
N CYS A 180 -17.64 -35.97 7.53
CA CYS A 180 -19.07 -36.24 7.57
C CYS A 180 -19.78 -34.91 7.36
N GLY A 181 -21.10 -34.97 7.13
CA GLY A 181 -21.85 -33.80 6.66
C GLY A 181 -21.84 -33.87 5.14
N TYR A 182 -23.00 -33.77 4.51
CA TYR A 182 -23.14 -34.27 3.14
C TYR A 182 -23.93 -33.41 2.15
N THR A 183 -23.82 -33.79 0.87
CA THR A 183 -24.49 -33.11 -0.22
C THR A 183 -25.93 -33.55 -0.28
N SER A 184 -26.14 -34.86 -0.14
CA SER A 184 -27.46 -35.43 -0.30
C SER A 184 -27.67 -36.51 0.72
N TYR A 185 -28.03 -36.09 1.92
CA TYR A 185 -28.30 -37.00 3.00
C TYR A 185 -29.53 -36.52 3.76
N PRO A 186 -30.60 -37.34 3.75
CA PRO A 186 -31.92 -36.99 4.32
C PRO A 186 -32.03 -37.19 5.84
N ARG A 187 -30.96 -37.65 6.48
CA ARG A 187 -31.02 -37.88 7.94
C ARG A 187 -29.95 -37.13 8.72
N ASP A 188 -30.18 -36.96 10.02
CA ASP A 188 -29.16 -36.38 10.90
C ASP A 188 -27.93 -37.31 11.01
N ILE A 189 -26.87 -36.78 11.60
CA ILE A 189 -25.59 -37.48 11.67
C ILE A 189 -25.20 -37.80 13.12
N ASP A 190 -24.68 -39.01 13.33
CA ASP A 190 -24.10 -39.36 14.61
C ASP A 190 -22.65 -38.87 14.68
N TYR A 191 -22.48 -37.63 15.13
CA TYR A 191 -21.15 -37.04 15.20
C TYR A 191 -20.31 -37.72 16.28
N GLN A 192 -20.94 -37.98 17.44
CA GLN A 192 -20.31 -38.73 18.52
C GLN A 192 -19.65 -40.01 18.04
N GLN A 193 -20.38 -40.82 17.26
CA GLN A 193 -19.86 -42.07 16.72
C GLN A 193 -18.72 -41.86 15.72
N PHE A 194 -18.70 -40.71 15.05
CA PHE A 194 -17.59 -40.38 14.16
C PHE A 194 -16.36 -40.00 14.97
N ARG A 195 -16.58 -39.20 16.01
CA ARG A 195 -15.55 -38.87 17.02
C ARG A 195 -14.85 -40.13 17.58
N GLN A 196 -15.63 -41.14 17.97
CA GLN A 196 -15.08 -42.38 18.52
C GLN A 196 -14.13 -43.04 17.54
N ILE A 197 -14.57 -43.14 16.28
CA ILE A 197 -13.79 -43.78 15.23
C ILE A 197 -12.48 -43.04 14.98
N CYS A 198 -12.56 -41.71 14.97
CA CYS A 198 -11.41 -40.87 14.73
C CYS A 198 -10.37 -40.99 15.85
N ASP A 199 -10.83 -41.07 17.10
CA ASP A 199 -9.94 -41.31 18.25
C ASP A 199 -9.13 -42.61 18.10
N GLU A 200 -9.81 -43.70 17.74
CA GLU A 200 -9.16 -45.01 17.61
C GLU A 200 -8.00 -45.02 16.62
N VAL A 201 -7.97 -44.04 15.72
CA VAL A 201 -6.97 -44.04 14.63
C VAL A 201 -6.09 -42.78 14.62
N ASN A 202 -6.31 -41.89 15.58
CA ASN A 202 -5.65 -40.57 15.65
C ASN A 202 -5.88 -39.71 14.40
N ALA A 203 -7.15 -39.53 14.07
CA ALA A 203 -7.55 -38.71 12.92
C ALA A 203 -8.41 -37.52 13.35
N TYR A 204 -8.45 -36.48 12.51
CA TYR A 204 -9.31 -35.32 12.76
C TYR A 204 -10.78 -35.59 12.41
N LEU A 205 -11.69 -34.90 13.08
CA LEU A 205 -13.11 -34.96 12.74
C LEU A 205 -13.56 -33.71 11.98
N PHE A 206 -13.87 -33.91 10.70
CA PHE A 206 -14.28 -32.84 9.78
C PHE A 206 -15.78 -32.93 9.52
N ALA A 207 -16.50 -31.87 9.84
CA ALA A 207 -17.94 -31.79 9.59
C ALA A 207 -18.28 -30.69 8.59
N ASP A 208 -18.74 -31.09 7.41
CA ASP A 208 -19.23 -30.15 6.42
C ASP A 208 -20.74 -30.11 6.57
N ILE A 209 -21.24 -29.06 7.23
CA ILE A 209 -22.67 -28.92 7.50
C ILE A 209 -23.38 -27.96 6.53
N SER A 210 -22.79 -27.76 5.35
CA SER A 210 -23.31 -26.81 4.34
C SER A 210 -24.82 -26.93 4.10
N HIS A 211 -25.31 -28.16 3.98
CA HIS A 211 -26.72 -28.39 3.73
C HIS A 211 -27.62 -28.22 4.92
N ILE A 212 -27.08 -28.43 6.11
CA ILE A 212 -27.91 -28.43 7.33
C ILE A 212 -27.55 -27.33 8.33
N SER A 213 -26.73 -26.37 7.87
CA SER A 213 -26.11 -25.37 8.75
C SER A 213 -27.10 -24.71 9.69
N SER A 214 -28.21 -24.21 9.16
CA SER A 214 -29.26 -23.58 9.97
C SER A 214 -29.76 -24.48 11.10
N PHE A 215 -29.93 -25.76 10.81
CA PHE A 215 -30.41 -26.69 11.85
C PHE A 215 -29.45 -26.73 13.03
N VAL A 216 -28.14 -26.71 12.73
CA VAL A 216 -27.11 -26.74 13.75
C VAL A 216 -27.09 -25.42 14.53
N ALA A 217 -27.38 -24.31 13.86
CA ALA A 217 -27.38 -23.00 14.48
C ALA A 217 -28.58 -22.77 15.39
N CYS A 218 -29.69 -23.45 15.10
CA CYS A 218 -30.94 -23.25 15.82
C CYS A 218 -31.24 -24.38 16.80
N ASN A 219 -30.22 -25.20 17.09
CA ASN A 219 -30.32 -26.34 18.02
C ASN A 219 -31.52 -27.27 17.75
N ILE A 220 -31.75 -27.49 16.44
CA ILE A 220 -32.83 -28.33 15.94
C ILE A 220 -32.31 -29.73 15.59
N LEU A 221 -31.04 -29.80 15.16
CA LEU A 221 -30.40 -31.08 14.87
C LEU A 221 -29.13 -31.26 15.71
N ASN A 222 -28.53 -32.44 15.64
CA ASN A 222 -27.26 -32.71 16.32
C ASN A 222 -26.20 -31.63 16.10
N ASN A 223 -25.42 -31.36 17.16
CA ASN A 223 -24.38 -30.34 17.14
C ASN A 223 -23.00 -30.95 16.89
N PRO A 224 -22.39 -30.66 15.72
CA PRO A 224 -21.05 -31.18 15.41
C PRO A 224 -19.93 -30.48 16.19
N PHE A 225 -20.18 -29.24 16.63
CA PHE A 225 -19.18 -28.47 17.34
C PHE A 225 -18.72 -29.13 18.66
N LEU A 226 -19.56 -30.00 19.22
CA LEU A 226 -19.19 -30.76 20.40
C LEU A 226 -18.08 -31.78 20.15
N HIS A 227 -18.06 -32.40 18.97
CA HIS A 227 -17.09 -33.47 18.68
C HIS A 227 -16.07 -33.12 17.63
N ALA A 228 -16.36 -32.13 16.79
CA ALA A 228 -15.51 -31.87 15.62
C ALA A 228 -14.31 -30.95 15.86
N ASP A 229 -13.21 -31.26 15.17
CA ASP A 229 -12.06 -30.37 15.11
C ASP A 229 -12.29 -29.24 14.11
N VAL A 230 -12.85 -29.58 12.93
CA VAL A 230 -13.13 -28.60 11.87
C VAL A 230 -14.57 -28.70 11.40
N VAL A 231 -15.26 -27.58 11.37
CA VAL A 231 -16.57 -27.52 10.72
C VAL A 231 -16.57 -26.49 9.59
N THR A 232 -16.84 -26.96 8.38
CA THR A 232 -17.06 -26.05 7.23
C THR A 232 -18.54 -25.95 6.86
N THR A 233 -18.93 -24.79 6.34
CA THR A 233 -20.24 -24.63 5.75
C THR A 233 -20.21 -23.55 4.66
N THR A 234 -21.01 -23.75 3.61
CA THR A 234 -21.29 -22.68 2.66
C THR A 234 -22.31 -21.76 3.30
N THR A 235 -22.54 -20.59 2.71
CA THR A 235 -23.50 -19.65 3.29
C THR A 235 -24.73 -19.44 2.38
N HIS A 236 -24.68 -20.00 1.16
CA HIS A 236 -25.72 -19.74 0.15
C HIS A 236 -26.88 -20.69 0.18
N LYS A 237 -26.80 -21.74 0.98
CA LYS A 237 -27.86 -22.76 1.00
C LYS A 237 -28.91 -22.45 2.07
N ILE A 238 -29.15 -23.39 2.98
CA ILE A 238 -30.17 -23.18 4.03
C ILE A 238 -29.89 -21.94 4.92
N LEU A 239 -28.61 -21.61 5.13
CA LEU A 239 -28.23 -20.38 5.82
C LEU A 239 -28.82 -19.14 5.16
N ARG A 240 -29.02 -19.22 3.85
CA ARG A 240 -29.67 -18.15 3.06
C ARG A 240 -28.82 -16.89 2.98
N GLY A 241 -27.50 -17.06 2.97
CA GLY A 241 -26.59 -15.95 2.71
C GLY A 241 -26.14 -15.89 1.27
N PRO A 242 -25.04 -15.17 0.99
CA PRO A 242 -24.45 -15.08 -0.33
C PRO A 242 -23.63 -16.32 -0.63
N ARG A 243 -23.00 -16.36 -1.80
CA ARG A 243 -22.16 -17.49 -2.14
C ARG A 243 -20.77 -17.26 -1.52
N SER A 244 -20.55 -17.98 -0.42
CA SER A 244 -19.35 -17.86 0.38
C SER A 244 -19.29 -19.04 1.33
N ALA A 245 -18.19 -19.16 2.06
CA ALA A 245 -18.02 -20.27 2.96
C ALA A 245 -17.31 -19.87 4.24
N LEU A 246 -17.56 -20.66 5.30
CA LEU A 246 -16.95 -20.43 6.62
C LEU A 246 -16.18 -21.65 7.06
N ILE A 247 -15.02 -21.44 7.67
CA ILE A 247 -14.24 -22.51 8.28
C ILE A 247 -14.11 -22.28 9.78
N PHE A 248 -14.60 -23.25 10.56
CA PHE A 248 -14.53 -23.21 12.01
C PHE A 248 -13.49 -24.21 12.50
N PHE A 249 -12.70 -23.81 13.50
CA PHE A 249 -11.64 -24.68 14.02
C PHE A 249 -11.62 -24.65 15.55
N ASN A 250 -11.60 -25.84 16.15
CA ASN A 250 -11.54 -26.00 17.60
C ASN A 250 -10.10 -25.88 18.11
N LYS A 251 -9.73 -24.67 18.53
CA LYS A 251 -8.36 -24.42 19.01
C LYS A 251 -8.11 -25.07 20.38
N LYS A 252 -9.16 -25.08 21.21
CA LYS A 252 -9.11 -25.68 22.55
C LYS A 252 -9.04 -27.22 22.50
N ARG A 253 -8.67 -27.75 21.33
CA ARG A 253 -8.45 -29.18 21.16
C ARG A 253 -7.28 -29.41 20.21
N ASN A 254 -6.91 -28.36 19.48
CA ASN A 254 -5.93 -28.49 18.40
C ASN A 254 -4.92 -27.35 18.38
N PRO A 255 -3.62 -27.72 18.20
CA PRO A 255 -2.42 -26.95 18.59
C PRO A 255 -2.40 -25.52 18.07
N GLY A 256 -1.51 -25.26 17.11
CA GLY A 256 -1.54 -24.05 16.32
C GLY A 256 -2.35 -24.37 15.09
N ILE A 257 -3.66 -24.54 15.28
CA ILE A 257 -4.60 -24.77 14.18
C ILE A 257 -5.11 -23.43 13.64
N GLU A 258 -5.23 -22.42 14.52
CA GLU A 258 -5.57 -21.07 14.09
C GLU A 258 -4.67 -20.63 12.95
N GLN A 259 -3.37 -20.83 13.13
CA GLN A 259 -2.39 -20.47 12.11
C GLN A 259 -2.53 -21.37 10.88
N LYS A 260 -2.60 -22.68 11.08
CA LYS A 260 -2.67 -23.64 9.97
C LYS A 260 -3.87 -23.42 9.02
N ILE A 261 -5.05 -23.19 9.59
CA ILE A 261 -6.23 -22.85 8.80
C ILE A 261 -6.08 -21.49 8.12
N ASN A 262 -5.69 -20.47 8.89
CA ASN A 262 -5.65 -19.10 8.39
C ASN A 262 -4.65 -18.91 7.28
N SER A 263 -3.61 -19.72 7.25
CA SER A 263 -2.60 -19.59 6.22
C SER A 263 -2.80 -20.58 5.06
N ALA A 264 -3.59 -21.62 5.28
CA ALA A 264 -4.07 -22.43 4.17
C ALA A 264 -4.93 -21.53 3.27
N VAL A 265 -5.78 -20.70 3.88
CA VAL A 265 -6.62 -19.76 3.17
C VAL A 265 -5.77 -18.69 2.47
N PHE A 266 -4.99 -17.95 3.25
CA PHE A 266 -4.04 -17.02 2.67
C PHE A 266 -2.77 -17.06 3.50
N PRO A 267 -1.61 -17.24 2.84
CA PRO A 267 -1.41 -17.11 1.41
C PRO A 267 -1.17 -18.41 0.63
N SER A 268 -1.63 -19.55 1.13
CA SER A 268 -1.48 -20.78 0.37
C SER A 268 -2.35 -20.79 -0.89
N PHE A 269 -3.67 -20.64 -0.70
CA PHE A 269 -4.63 -20.77 -1.80
C PHE A 269 -5.11 -19.44 -2.37
N GLN A 270 -5.65 -18.58 -1.52
CA GLN A 270 -6.27 -17.33 -1.95
C GLN A 270 -5.34 -16.12 -1.89
N GLY A 271 -5.79 -15.02 -2.49
CA GLY A 271 -5.12 -13.71 -2.39
C GLY A 271 -6.05 -12.75 -1.68
N GLY A 272 -6.32 -11.60 -2.30
CA GLY A 272 -7.25 -10.63 -1.73
C GLY A 272 -8.56 -11.30 -1.37
N PRO A 273 -9.12 -10.98 -0.19
CA PRO A 273 -10.48 -11.44 0.10
C PRO A 273 -11.51 -10.63 -0.69
N HIS A 274 -12.69 -11.22 -0.85
CA HIS A 274 -13.81 -10.55 -1.49
C HIS A 274 -14.63 -9.97 -0.38
N ASN A 275 -14.32 -8.73 -0.04
CA ASN A 275 -14.91 -8.05 1.13
C ASN A 275 -16.42 -7.90 1.02
N ASN A 276 -16.94 -7.85 -0.21
CA ASN A 276 -18.38 -7.76 -0.42
C ASN A 276 -19.11 -9.05 0.01
N LYS A 277 -18.46 -10.18 -0.18
CA LYS A 277 -18.96 -11.44 0.30
C LYS A 277 -18.96 -11.40 1.82
N ILE A 278 -17.82 -11.01 2.41
CA ILE A 278 -17.68 -10.89 3.87
C ILE A 278 -18.80 -10.01 4.45
N ALA A 279 -18.99 -8.83 3.88
CA ALA A 279 -20.07 -7.94 4.27
C ALA A 279 -21.43 -8.63 4.19
N ALA A 280 -21.68 -9.38 3.12
CA ALA A 280 -22.98 -10.02 2.96
C ALA A 280 -23.20 -11.14 3.97
N VAL A 281 -22.16 -11.90 4.26
CA VAL A 281 -22.23 -12.95 5.26
C VAL A 281 -22.56 -12.33 6.62
N ALA A 282 -21.82 -11.28 6.98
CA ALA A 282 -22.06 -10.53 8.21
C ALA A 282 -23.54 -10.21 8.37
N CYS A 283 -24.11 -9.65 7.32
CA CYS A 283 -25.52 -9.27 7.29
C CYS A 283 -26.48 -10.45 7.48
N GLN A 284 -26.18 -11.58 6.84
CA GLN A 284 -27.06 -12.74 6.99
C GLN A 284 -26.92 -13.39 8.36
N LEU A 285 -25.68 -13.45 8.85
CA LEU A 285 -25.43 -14.03 10.17
C LEU A 285 -26.19 -13.29 11.27
N LYS A 286 -26.34 -11.97 11.14
CA LYS A 286 -27.16 -11.23 12.09
C LYS A 286 -28.55 -11.82 12.09
N GLU A 287 -29.14 -11.93 10.90
CA GLU A 287 -30.45 -12.53 10.71
C GLU A 287 -30.53 -13.95 11.26
N VAL A 288 -29.45 -14.72 11.13
CA VAL A 288 -29.41 -16.12 11.56
C VAL A 288 -29.66 -16.25 13.06
N HIS A 289 -29.11 -15.31 13.83
CA HIS A 289 -29.21 -15.36 15.29
C HIS A 289 -30.56 -14.97 15.83
N SER A 290 -31.35 -14.24 15.04
CA SER A 290 -32.69 -13.82 15.44
C SER A 290 -33.58 -15.05 15.65
N PRO A 291 -34.54 -14.96 16.61
CA PRO A 291 -35.44 -16.11 16.82
C PRO A 291 -36.45 -16.25 15.67
N ALA A 292 -36.62 -15.18 14.89
CA ALA A 292 -37.45 -15.21 13.68
C ALA A 292 -36.90 -16.19 12.64
N PHE A 293 -35.57 -16.30 12.58
CA PHE A 293 -34.92 -17.23 11.68
C PHE A 293 -35.08 -18.66 12.16
N LYS A 294 -35.09 -18.86 13.49
CA LYS A 294 -35.34 -20.19 14.07
C LYS A 294 -36.75 -20.62 13.68
N GLU A 295 -37.64 -19.64 13.57
CA GLU A 295 -39.00 -19.90 13.11
C GLU A 295 -38.95 -20.41 11.67
N TYR A 296 -38.23 -19.71 10.80
CA TYR A 296 -38.07 -20.09 9.40
C TYR A 296 -37.55 -21.51 9.24
N THR A 297 -36.44 -21.80 9.93
CA THR A 297 -35.78 -23.11 9.90
C THR A 297 -36.71 -24.22 10.37
N GLN A 298 -37.46 -23.95 11.44
CA GLN A 298 -38.49 -24.89 11.92
C GLN A 298 -39.48 -25.17 10.82
N GLN A 299 -39.88 -24.12 10.10
CA GLN A 299 -40.84 -24.24 9.01
C GLN A 299 -40.29 -25.08 7.85
N VAL A 300 -39.01 -24.90 7.55
CA VAL A 300 -38.30 -25.73 6.59
C VAL A 300 -38.48 -27.21 6.95
N LEU A 301 -38.24 -27.53 8.23
CA LEU A 301 -38.36 -28.90 8.67
C LEU A 301 -39.79 -29.41 8.57
N LEU A 302 -40.74 -28.62 9.07
CA LEU A 302 -42.14 -29.02 9.09
C LEU A 302 -42.61 -29.26 7.65
N ASN A 303 -42.32 -28.32 6.75
CA ASN A 303 -42.64 -28.46 5.33
C ASN A 303 -42.06 -29.74 4.73
N SER A 304 -40.79 -29.99 5.03
CA SER A 304 -40.10 -31.19 4.57
C SER A 304 -40.76 -32.48 5.05
N LYS A 305 -41.16 -32.51 6.32
CA LYS A 305 -41.84 -33.68 6.87
C LYS A 305 -43.22 -33.83 6.23
N ALA A 306 -43.88 -32.70 5.97
CA ALA A 306 -45.22 -32.71 5.40
C ALA A 306 -45.15 -33.23 3.96
N LEU A 307 -44.09 -32.85 3.25
CA LEU A 307 -43.86 -33.28 1.87
C LEU A 307 -43.54 -34.77 1.79
N ALA A 308 -42.65 -35.23 2.65
CA ALA A 308 -42.34 -36.66 2.77
C ALA A 308 -43.62 -37.46 3.02
N LYS A 309 -44.39 -37.04 4.02
CA LYS A 309 -45.63 -37.73 4.38
C LYS A 309 -46.58 -37.81 3.18
N ALA A 310 -46.75 -36.69 2.48
CA ALA A 310 -47.70 -36.61 1.38
C ALA A 310 -47.24 -37.45 0.17
N LEU A 311 -45.94 -37.41 -0.10
CA LEU A 311 -45.37 -38.28 -1.13
C LEU A 311 -45.66 -39.75 -0.81
N ILE A 312 -45.43 -40.14 0.45
CA ILE A 312 -45.71 -41.50 0.91
C ILE A 312 -47.19 -41.87 0.81
N SER A 313 -48.08 -40.93 1.12
CA SER A 313 -49.52 -41.19 1.05
C SER A 313 -49.98 -41.43 -0.39
N LYS A 314 -49.15 -41.01 -1.35
CA LYS A 314 -49.40 -41.23 -2.78
C LYS A 314 -48.54 -42.38 -3.29
N GLN A 315 -48.12 -43.25 -2.36
CA GLN A 315 -47.36 -44.48 -2.67
C GLN A 315 -46.05 -44.23 -3.41
N ILE A 316 -45.35 -43.17 -3.02
CA ILE A 316 -44.01 -42.88 -3.53
C ILE A 316 -42.98 -43.23 -2.45
N ASP A 317 -41.95 -43.99 -2.84
CA ASP A 317 -40.90 -44.40 -1.91
C ASP A 317 -39.82 -43.33 -1.71
N LEU A 318 -39.32 -43.27 -0.48
CA LEU A 318 -38.24 -42.38 -0.10
C LEU A 318 -37.10 -43.19 0.52
N VAL A 319 -35.86 -42.87 0.14
CA VAL A 319 -34.69 -43.48 0.74
C VAL A 319 -34.64 -43.12 2.21
N THR A 320 -34.44 -44.15 3.04
CA THR A 320 -34.62 -44.07 4.51
C THR A 320 -36.09 -43.88 4.91
N ASN A 321 -37.00 -43.92 3.93
CA ASN A 321 -38.45 -43.73 4.16
C ASN A 321 -38.85 -42.44 4.92
N GLY A 322 -38.06 -41.40 4.77
CA GLY A 322 -38.39 -40.13 5.42
C GLY A 322 -37.23 -39.15 5.46
N THR A 323 -37.34 -38.19 6.38
CA THR A 323 -36.33 -37.14 6.50
C THR A 323 -36.21 -36.62 7.95
N ASP A 324 -35.01 -36.18 8.32
CA ASP A 324 -34.78 -35.51 9.60
C ASP A 324 -34.53 -34.03 9.36
N ASN A 325 -34.39 -33.67 8.07
CA ASN A 325 -33.97 -32.33 7.69
C ASN A 325 -34.79 -31.73 6.57
N HIS A 326 -34.11 -30.98 5.70
CA HIS A 326 -34.73 -30.19 4.63
C HIS A 326 -34.86 -30.97 3.33
N LEU A 327 -34.37 -32.20 3.32
CA LEU A 327 -34.00 -32.90 2.08
C LEU A 327 -34.61 -34.30 2.00
N ILE A 328 -35.30 -34.56 0.89
CA ILE A 328 -35.85 -35.88 0.64
C ILE A 328 -35.19 -36.47 -0.59
N VAL A 329 -34.96 -37.78 -0.61
CA VAL A 329 -34.55 -38.44 -1.85
C VAL A 329 -35.59 -39.46 -2.25
N VAL A 330 -36.23 -39.22 -3.40
CA VAL A 330 -37.25 -40.13 -3.93
C VAL A 330 -36.59 -41.32 -4.64
N ASP A 331 -37.01 -42.52 -4.25
CA ASP A 331 -36.65 -43.77 -4.95
C ASP A 331 -37.69 -44.10 -6.03
N LEU A 332 -37.23 -44.15 -7.28
CA LEU A 332 -38.13 -44.29 -8.43
C LEU A 332 -38.25 -45.70 -9.04
N ARG A 333 -37.43 -46.66 -8.61
CA ARG A 333 -37.43 -48.03 -9.17
C ARG A 333 -38.84 -48.52 -9.47
N LYS A 334 -39.67 -48.53 -8.44
CA LYS A 334 -41.10 -48.83 -8.48
C LYS A 334 -41.82 -48.42 -9.78
N PHE A 335 -41.35 -47.33 -10.38
CA PHE A 335 -41.96 -46.75 -11.57
C PHE A 335 -41.15 -47.00 -12.85
N SER A 336 -39.98 -47.61 -12.72
CA SER A 336 -39.12 -47.93 -13.85
C SER A 336 -38.75 -46.71 -14.71
N ILE A 337 -38.59 -45.57 -14.06
CA ILE A 337 -38.08 -44.35 -14.71
C ILE A 337 -36.85 -43.87 -13.94
N THR A 338 -36.00 -43.11 -14.61
CA THR A 338 -34.78 -42.59 -13.99
C THR A 338 -35.05 -41.24 -13.33
N GLY A 339 -34.13 -40.82 -12.47
CA GLY A 339 -34.11 -39.44 -12.00
C GLY A 339 -33.80 -38.48 -13.14
N SER A 340 -32.89 -38.91 -14.02
CA SER A 340 -32.51 -38.17 -15.25
C SER A 340 -33.75 -37.72 -16.02
N LYS A 341 -34.68 -38.66 -16.24
CA LYS A 341 -35.92 -38.36 -16.93
C LYS A 341 -36.82 -37.41 -16.17
N LEU A 342 -37.01 -37.68 -14.88
CA LEU A 342 -37.91 -36.87 -14.04
C LEU A 342 -37.46 -35.42 -13.95
N GLN A 343 -36.14 -35.22 -13.85
CA GLN A 343 -35.55 -33.89 -13.93
C GLN A 343 -36.03 -33.19 -15.21
N GLU A 344 -35.85 -33.86 -16.35
CA GLU A 344 -36.27 -33.31 -17.64
C GLU A 344 -37.77 -33.01 -17.67
N THR A 345 -38.58 -33.94 -17.17
CA THR A 345 -40.02 -33.72 -17.06
C THR A 345 -40.37 -32.55 -16.15
N CYS A 346 -39.65 -32.41 -15.04
CA CYS A 346 -39.91 -31.34 -14.08
C CYS A 346 -39.45 -29.98 -14.60
N ASN A 347 -38.35 -29.94 -15.35
CA ASN A 347 -37.94 -28.74 -16.12
C ASN A 347 -39.10 -28.20 -16.96
N ALA A 348 -39.72 -29.08 -17.75
CA ALA A 348 -40.82 -28.71 -18.64
C ALA A 348 -42.00 -28.03 -17.92
N ILE A 349 -42.14 -28.28 -16.61
CA ILE A 349 -43.24 -27.70 -15.85
C ILE A 349 -42.82 -26.64 -14.82
N ASN A 350 -41.61 -26.09 -15.00
CA ASN A 350 -41.03 -25.14 -14.06
C ASN A 350 -40.94 -25.69 -12.61
N VAL A 351 -40.55 -26.96 -12.49
CA VAL A 351 -40.28 -27.57 -11.20
C VAL A 351 -38.80 -27.92 -11.14
N SER A 352 -38.06 -27.21 -10.30
CA SER A 352 -36.63 -27.42 -10.17
C SER A 352 -36.32 -28.53 -9.18
N LEU A 353 -35.77 -29.61 -9.71
CA LEU A 353 -35.15 -30.63 -8.88
C LEU A 353 -33.97 -31.21 -9.66
N ASN A 354 -33.15 -31.99 -8.98
CA ASN A 354 -32.02 -32.64 -9.64
C ASN A 354 -32.03 -34.14 -9.41
N LYS A 355 -31.40 -34.87 -10.31
CA LYS A 355 -31.32 -36.33 -10.21
C LYS A 355 -30.34 -36.70 -9.10
N ASN A 356 -30.52 -37.88 -8.52
CA ASN A 356 -29.74 -38.34 -7.38
C ASN A 356 -29.68 -39.87 -7.35
N THR A 357 -28.51 -40.41 -7.03
CA THR A 357 -28.32 -41.86 -6.98
C THR A 357 -28.92 -42.47 -5.71
N ILE A 358 -29.28 -43.74 -5.78
CA ILE A 358 -29.77 -44.48 -4.62
C ILE A 358 -28.79 -45.63 -4.32
N PRO A 359 -28.81 -46.18 -3.08
CA PRO A 359 -27.83 -47.22 -2.71
C PRO A 359 -27.61 -48.33 -3.74
N SER A 360 -28.65 -48.67 -4.50
CA SER A 360 -28.60 -49.80 -5.44
C SER A 360 -28.06 -49.43 -6.82
N ASP A 361 -27.87 -48.14 -7.07
CA ASP A 361 -27.29 -47.67 -8.31
C ASP A 361 -25.80 -48.01 -8.36
N VAL A 362 -25.38 -48.71 -9.41
CA VAL A 362 -24.00 -49.17 -9.54
C VAL A 362 -23.10 -48.00 -9.95
N ASP A 363 -23.50 -47.31 -11.01
CA ASP A 363 -22.74 -46.20 -11.57
C ASP A 363 -23.44 -44.86 -11.34
N CYS A 364 -22.88 -43.80 -11.91
CA CYS A 364 -23.51 -42.47 -11.94
C CYS A 364 -24.23 -42.21 -13.26
N VAL A 365 -24.19 -43.19 -14.16
CA VAL A 365 -24.73 -43.05 -15.52
C VAL A 365 -26.21 -42.64 -15.51
N SER A 366 -27.05 -43.45 -14.85
CA SER A 366 -28.50 -43.24 -14.86
C SER A 366 -29.15 -43.49 -13.49
N PRO A 367 -29.03 -42.50 -12.58
CA PRO A 367 -29.51 -42.56 -11.18
C PRO A 367 -31.01 -42.85 -11.06
N SER A 368 -31.40 -43.58 -10.01
CA SER A 368 -32.81 -43.97 -9.85
C SER A 368 -33.59 -43.10 -8.85
N GLY A 369 -33.07 -41.92 -8.54
CA GLY A 369 -33.78 -41.01 -7.65
C GLY A 369 -33.68 -39.54 -8.00
N VAL A 370 -34.45 -38.74 -7.28
CA VAL A 370 -34.29 -37.30 -7.32
C VAL A 370 -34.14 -36.76 -5.90
N ARG A 371 -33.40 -35.68 -5.76
CA ARG A 371 -33.31 -34.98 -4.48
C ARG A 371 -34.17 -33.73 -4.52
N ILE A 372 -34.98 -33.53 -3.48
CA ILE A 372 -35.75 -32.30 -3.33
C ILE A 372 -35.48 -31.73 -1.94
N GLY A 373 -35.68 -30.42 -1.80
CA GLY A 373 -35.50 -29.72 -0.54
C GLY A 373 -36.50 -28.59 -0.38
N THR A 374 -36.70 -28.14 0.85
CA THR A 374 -37.76 -27.16 1.13
C THR A 374 -37.35 -25.72 1.49
N PRO A 375 -36.03 -25.43 1.64
CA PRO A 375 -35.63 -24.07 2.06
C PRO A 375 -36.15 -22.94 1.17
N ALA A 376 -36.00 -23.09 -0.14
CA ALA A 376 -36.37 -22.05 -1.09
C ALA A 376 -37.89 -21.76 -1.05
N MET A 377 -38.69 -22.82 -1.06
CA MET A 377 -40.15 -22.67 -1.07
C MET A 377 -40.70 -22.10 0.23
N THR A 378 -40.09 -22.52 1.34
CA THR A 378 -40.40 -22.01 2.67
C THR A 378 -40.14 -20.51 2.72
N THR A 379 -39.01 -20.10 2.15
CA THR A 379 -38.68 -18.68 2.02
C THR A 379 -39.78 -17.93 1.27
N ARG A 380 -40.36 -18.58 0.26
CA ARG A 380 -41.43 -17.99 -0.54
C ARG A 380 -42.82 -18.10 0.10
N GLY A 381 -42.86 -18.44 1.39
CA GLY A 381 -44.10 -18.44 2.16
C GLY A 381 -44.89 -19.74 2.29
N ALA A 382 -44.50 -20.78 1.55
CA ALA A 382 -45.21 -22.07 1.57
C ALA A 382 -45.23 -22.71 2.96
N LYS A 383 -46.39 -23.27 3.30
CA LYS A 383 -46.62 -23.87 4.60
C LYS A 383 -47.01 -25.34 4.41
N GLU A 384 -47.27 -26.06 5.49
CA GLU A 384 -47.50 -27.49 5.41
C GLU A 384 -48.60 -27.88 4.45
N LYS A 385 -49.71 -27.12 4.49
CA LYS A 385 -50.86 -27.34 3.61
C LYS A 385 -50.46 -27.28 2.14
N ASP A 386 -49.43 -26.48 1.84
CA ASP A 386 -48.96 -26.27 0.47
C ASP A 386 -48.14 -27.44 -0.06
N MET A 387 -47.64 -28.28 0.83
CA MET A 387 -46.82 -29.41 0.44
C MET A 387 -47.59 -30.48 -0.31
N GLU A 388 -48.89 -30.63 0.02
CA GLU A 388 -49.77 -31.57 -0.69
C GLU A 388 -49.81 -31.28 -2.19
N PHE A 389 -49.98 -30.00 -2.55
CA PHE A 389 -49.97 -29.56 -3.93
C PHE A 389 -48.64 -29.90 -4.62
N ILE A 390 -47.53 -29.58 -3.97
CA ILE A 390 -46.19 -29.90 -4.51
C ILE A 390 -46.01 -31.41 -4.69
N ALA A 391 -46.47 -32.20 -3.72
CA ALA A 391 -46.43 -33.66 -3.82
C ALA A 391 -47.31 -34.15 -4.97
N ASP A 392 -48.49 -33.55 -5.11
CA ASP A 392 -49.42 -33.85 -6.19
C ASP A 392 -48.82 -33.51 -7.56
N VAL A 393 -48.16 -32.36 -7.67
CA VAL A 393 -47.49 -31.98 -8.91
C VAL A 393 -46.39 -32.96 -9.27
N LEU A 394 -45.67 -33.43 -8.26
CA LEU A 394 -44.58 -34.39 -8.49
C LEU A 394 -45.11 -35.76 -8.90
N ALA A 395 -46.22 -36.19 -8.30
CA ALA A 395 -46.89 -37.44 -8.67
C ALA A 395 -47.38 -37.42 -10.13
N ARG A 396 -48.02 -36.31 -10.53
CA ARG A 396 -48.49 -36.13 -11.90
C ARG A 396 -47.33 -36.17 -12.89
N ALA A 397 -46.19 -35.60 -12.47
CA ALA A 397 -44.98 -35.59 -13.28
C ALA A 397 -44.37 -36.98 -13.39
N ILE A 398 -44.47 -37.75 -12.31
CA ILE A 398 -43.91 -39.09 -12.33
C ILE A 398 -44.73 -39.94 -13.32
N LYS A 399 -46.04 -39.75 -13.26
CA LYS A 399 -46.96 -40.48 -14.13
C LYS A 399 -46.72 -40.12 -15.60
N ILE A 400 -46.59 -38.83 -15.89
CA ILE A 400 -46.35 -38.36 -17.25
C ILE A 400 -45.03 -38.93 -17.79
N THR A 401 -44.01 -38.97 -16.93
CA THR A 401 -42.72 -39.57 -17.28
C THR A 401 -42.88 -41.04 -17.62
N VAL A 402 -43.79 -41.72 -16.93
CA VAL A 402 -44.05 -43.14 -17.18
C VAL A 402 -44.71 -43.30 -18.55
N ASP A 403 -45.69 -42.43 -18.83
CA ASP A 403 -46.42 -42.44 -20.10
C ASP A 403 -45.52 -42.08 -21.29
N LEU A 404 -44.61 -41.12 -21.08
CA LEU A 404 -43.71 -40.67 -22.14
C LEU A 404 -42.59 -41.64 -22.41
N GLN A 405 -42.24 -42.46 -21.42
CA GLN A 405 -41.24 -43.49 -21.60
C GLN A 405 -41.85 -44.65 -22.39
N GLU A 406 -43.15 -44.85 -22.21
CA GLU A 406 -43.91 -45.88 -22.90
C GLU A 406 -44.13 -45.55 -24.39
N GLN A 407 -44.19 -44.25 -24.70
CA GLN A 407 -44.38 -43.77 -26.07
C GLN A 407 -43.11 -43.64 -26.91
N TYR A 408 -42.01 -43.25 -26.26
CA TYR A 408 -40.78 -42.89 -26.98
C TYR A 408 -39.54 -43.72 -26.62
N GLY A 409 -39.66 -44.63 -25.67
CA GLY A 409 -38.53 -45.52 -25.32
C GLY A 409 -37.69 -45.08 -24.13
N LYS A 410 -36.63 -45.84 -23.86
CA LYS A 410 -35.83 -45.69 -22.64
C LYS A 410 -34.61 -44.76 -22.74
N LYS A 411 -34.07 -44.58 -23.94
CA LYS A 411 -32.89 -43.73 -24.11
C LYS A 411 -33.29 -42.26 -23.98
N LEU A 412 -32.58 -41.55 -23.10
CA LEU A 412 -32.97 -40.19 -22.68
C LEU A 412 -33.12 -39.20 -23.84
N VAL A 413 -32.26 -39.32 -24.85
CA VAL A 413 -32.32 -38.50 -26.06
C VAL A 413 -33.72 -38.54 -26.68
N ASP A 414 -34.22 -39.76 -26.91
CA ASP A 414 -35.56 -39.99 -27.45
C ASP A 414 -36.66 -39.43 -26.54
N PHE A 415 -36.53 -39.73 -25.23
CA PHE A 415 -37.50 -39.30 -24.23
C PHE A 415 -37.76 -37.79 -24.23
N LYS A 416 -36.69 -37.00 -24.26
CA LYS A 416 -36.81 -35.54 -24.28
C LYS A 416 -37.67 -35.05 -25.44
N LYS A 417 -37.58 -35.75 -26.57
CA LYS A 417 -38.33 -35.39 -27.78
C LYS A 417 -39.83 -35.40 -27.55
N GLY A 418 -40.26 -36.15 -26.54
CA GLY A 418 -41.67 -36.24 -26.17
C GLY A 418 -42.18 -35.07 -25.35
N LEU A 419 -41.26 -34.32 -24.76
CA LEU A 419 -41.61 -33.25 -23.81
C LEU A 419 -42.32 -32.04 -24.43
N PRO A 420 -41.73 -31.44 -25.49
CA PRO A 420 -42.37 -30.23 -25.99
C PRO A 420 -43.74 -30.52 -26.62
N GLY A 421 -44.66 -29.57 -26.50
CA GLY A 421 -45.97 -29.66 -27.15
C GLY A 421 -47.00 -30.53 -26.44
N ASN A 422 -46.53 -31.35 -25.49
CA ASN A 422 -47.40 -32.23 -24.69
C ASN A 422 -48.48 -31.45 -23.93
N ALA A 423 -49.73 -31.73 -24.27
CA ALA A 423 -50.89 -31.01 -23.73
C ALA A 423 -50.92 -30.99 -22.20
N GLN A 424 -50.58 -32.13 -21.59
CA GLN A 424 -50.63 -32.28 -20.14
C GLN A 424 -49.59 -31.43 -19.43
N LEU A 425 -48.37 -31.44 -19.94
CA LEU A 425 -47.27 -30.66 -19.38
C LEU A 425 -47.52 -29.15 -19.44
N GLN A 426 -48.12 -28.69 -20.53
CA GLN A 426 -48.42 -27.26 -20.69
C GLN A 426 -49.45 -26.83 -19.65
N GLN A 427 -50.45 -27.68 -19.44
CA GLN A 427 -51.50 -27.45 -18.45
C GLN A 427 -50.93 -27.44 -17.05
N LEU A 428 -50.07 -28.43 -16.76
CA LEU A 428 -49.46 -28.58 -15.45
C LEU A 428 -48.42 -27.49 -15.18
N LYS A 429 -47.67 -27.11 -16.21
CA LYS A 429 -46.75 -25.96 -16.10
C LYS A 429 -47.51 -24.68 -15.70
N GLN A 430 -48.65 -24.44 -16.34
CA GLN A 430 -49.43 -23.24 -16.08
C GLN A 430 -49.91 -23.19 -14.64
N GLU A 431 -50.42 -24.32 -14.13
CA GLU A 431 -50.80 -24.45 -12.72
C GLU A 431 -49.64 -24.07 -11.81
N VAL A 432 -48.44 -24.55 -12.14
CA VAL A 432 -47.22 -24.22 -11.41
C VAL A 432 -46.96 -22.72 -11.44
N VAL A 433 -46.86 -22.16 -12.65
CA VAL A 433 -46.56 -20.76 -12.85
C VAL A 433 -47.55 -19.88 -12.08
N THR A 434 -48.84 -20.19 -12.19
CA THR A 434 -49.88 -19.40 -11.53
C THR A 434 -49.68 -19.35 -10.04
N TRP A 435 -49.40 -20.50 -9.44
CA TRP A 435 -49.22 -20.56 -7.99
C TRP A 435 -47.87 -20.07 -7.57
N ALA A 436 -46.84 -20.39 -8.35
CA ALA A 436 -45.47 -19.94 -8.07
C ALA A 436 -45.31 -18.43 -8.23
N GLY A 437 -45.78 -17.91 -9.36
CA GLY A 437 -45.63 -16.48 -9.70
C GLY A 437 -46.14 -15.46 -8.69
N ALA A 438 -47.11 -15.87 -7.87
CA ALA A 438 -47.78 -14.97 -6.92
C ALA A 438 -47.33 -15.19 -5.47
N LEU A 439 -46.25 -15.96 -5.29
CA LEU A 439 -45.70 -16.19 -3.96
C LEU A 439 -44.75 -15.07 -3.56
N PRO A 440 -44.67 -14.76 -2.25
CA PRO A 440 -43.70 -13.79 -1.79
C PRO A 440 -42.32 -14.04 -2.43
N PHE A 441 -41.65 -12.98 -2.82
CA PHE A 441 -40.44 -13.07 -3.62
C PHE A 441 -39.49 -11.96 -3.23
N PRO A 442 -38.42 -12.29 -2.48
CA PRO A 442 -37.44 -11.27 -2.11
C PRO A 442 -36.65 -10.80 -3.32
N MET B 1 -41.68 -15.40 3.70
CA MET B 1 -41.15 -15.58 5.09
C MET B 1 -39.69 -15.13 5.19
N PHE B 2 -39.47 -13.83 5.00
CA PHE B 2 -38.14 -13.23 4.97
C PHE B 2 -38.23 -11.76 5.39
N ASN B 3 -37.09 -11.09 5.44
CA ASN B 3 -37.05 -9.64 5.73
C ASN B 3 -36.80 -8.75 4.52
N ASN B 4 -37.78 -7.90 4.21
CA ASN B 4 -37.69 -7.04 3.03
C ASN B 4 -36.97 -5.70 3.25
N GLU B 5 -36.87 -5.27 4.50
CA GLU B 5 -36.37 -3.93 4.78
C GLU B 5 -34.92 -3.70 4.32
N PRO B 6 -34.64 -2.53 3.73
CA PRO B 6 -33.31 -2.14 3.25
C PRO B 6 -32.21 -2.36 4.26
N LEU B 7 -30.97 -2.46 3.76
CA LEU B 7 -29.79 -2.70 4.60
C LEU B 7 -29.69 -1.70 5.75
N GLU B 8 -30.04 -0.43 5.45
CA GLU B 8 -30.13 0.64 6.45
C GLU B 8 -30.91 0.22 7.68
N GLN B 9 -32.16 -0.21 7.47
CA GLN B 9 -33.03 -0.59 8.58
C GLN B 9 -32.64 -1.95 9.18
N ILE B 10 -32.48 -2.97 8.34
CA ILE B 10 -32.22 -4.35 8.80
C ILE B 10 -30.94 -4.48 9.63
N ASP B 11 -29.94 -3.67 9.28
CA ASP B 11 -28.66 -3.72 9.96
C ASP B 11 -27.96 -2.37 9.82
N LYS B 12 -28.34 -1.45 10.71
CA LYS B 12 -27.77 -0.11 10.74
C LYS B 12 -26.29 -0.14 11.10
N GLU B 13 -25.89 -1.07 11.96
CA GLU B 13 -24.47 -1.21 12.31
C GLU B 13 -23.56 -1.37 11.08
N LEU B 14 -23.86 -2.35 10.23
CA LEU B 14 -23.07 -2.62 9.02
C LEU B 14 -23.10 -1.43 8.05
N HIS B 15 -24.30 -0.88 7.82
CA HIS B 15 -24.45 0.31 6.98
C HIS B 15 -23.62 1.48 7.46
N ASP B 16 -23.36 1.55 8.77
CA ASP B 16 -22.50 2.60 9.35
C ASP B 16 -21.09 2.45 8.76
N ILE B 17 -20.52 1.27 8.95
CA ILE B 17 -19.15 0.98 8.54
C ILE B 17 -19.01 1.07 7.03
N LEU B 18 -20.01 0.55 6.32
CA LEU B 18 -20.03 0.60 4.86
C LEU B 18 -20.08 2.02 4.33
N ALA B 19 -20.83 2.90 4.99
CA ALA B 19 -20.88 4.32 4.61
C ALA B 19 -19.53 4.99 4.86
N ASP B 20 -18.89 4.59 5.96
CA ASP B 20 -17.56 5.08 6.30
C ASP B 20 -16.50 4.71 5.29
N GLU B 21 -16.49 3.42 4.90
CA GLU B 21 -15.54 2.88 3.92
C GLU B 21 -15.66 3.61 2.60
N GLU B 22 -16.90 3.81 2.16
CA GLU B 22 -17.22 4.64 1.01
C GLU B 22 -16.58 6.03 1.08
N LYS B 23 -16.63 6.64 2.26
CA LYS B 23 -16.10 8.00 2.47
C LYS B 23 -14.56 8.01 2.39
N ARG B 24 -13.92 7.04 3.04
CA ARG B 24 -12.48 6.88 2.90
C ARG B 24 -12.07 6.74 1.43
N GLN B 25 -12.75 5.85 0.70
CA GLN B 25 -12.48 5.69 -0.73
C GLN B 25 -12.60 7.00 -1.52
N ARG B 26 -13.65 7.77 -1.22
CA ARG B 26 -13.87 9.07 -1.85
C ARG B 26 -12.80 10.10 -1.51
N GLU B 27 -12.25 10.01 -0.30
CA GLU B 27 -11.34 11.03 0.24
C GLU B 27 -9.89 10.55 0.27
N THR B 28 -9.52 9.66 -0.66
CA THR B 28 -8.20 9.07 -0.69
C THR B 28 -7.59 9.23 -2.08
N ILE B 29 -6.29 9.48 -2.11
CA ILE B 29 -5.52 9.31 -3.34
C ILE B 29 -5.07 7.83 -3.38
N ASN B 30 -5.76 7.06 -4.20
CA ASN B 30 -5.56 5.63 -4.29
C ASN B 30 -4.53 5.31 -5.36
N LEU B 31 -3.33 4.94 -4.93
CA LEU B 31 -2.24 4.61 -5.84
C LEU B 31 -1.90 3.12 -5.83
N ILE B 32 -2.76 2.30 -5.21
CA ILE B 32 -2.59 0.85 -5.24
C ILE B 32 -2.74 0.43 -6.68
N ALA B 33 -1.65 -0.04 -7.28
CA ALA B 33 -1.59 -0.29 -8.72
C ALA B 33 -2.63 -1.31 -9.17
N SER B 34 -3.05 -2.15 -8.23
CA SER B 34 -3.96 -3.26 -8.52
C SER B 34 -5.42 -2.94 -8.18
N GLU B 35 -5.68 -1.67 -7.91
CA GLU B 35 -7.03 -1.24 -7.53
C GLU B 35 -7.67 -0.34 -8.56
N ASN B 36 -9.00 -0.32 -8.55
CA ASN B 36 -9.79 0.50 -9.43
C ASN B 36 -11.15 0.74 -8.80
N LEU B 37 -12.02 1.48 -9.48
CA LEU B 37 -13.38 1.71 -8.96
C LEU B 37 -14.38 1.21 -9.99
N THR B 38 -15.29 0.34 -9.55
CA THR B 38 -16.33 -0.20 -10.41
C THR B 38 -17.46 0.80 -10.56
N ASN B 39 -18.11 0.80 -11.73
CA ASN B 39 -19.30 1.63 -11.93
C ASN B 39 -20.49 0.96 -11.26
N GLY B 40 -21.63 1.65 -11.26
CA GLY B 40 -22.83 1.15 -10.61
C GLY B 40 -23.43 0.00 -11.38
N ALA B 41 -23.11 -0.10 -12.67
CA ALA B 41 -23.62 -1.16 -13.54
C ALA B 41 -22.97 -2.52 -13.24
N VAL B 42 -21.67 -2.51 -12.97
CA VAL B 42 -20.96 -3.71 -12.55
C VAL B 42 -21.41 -4.15 -11.15
N ARG B 43 -21.77 -3.18 -10.32
CA ARG B 43 -22.27 -3.46 -8.97
C ARG B 43 -23.74 -3.90 -8.91
N GLU B 44 -24.54 -3.53 -9.91
CA GLU B 44 -25.92 -4.02 -10.03
C GLU B 44 -25.91 -5.49 -10.38
N CYS B 45 -24.95 -5.86 -11.22
CA CYS B 45 -24.74 -7.24 -11.62
C CYS B 45 -24.30 -8.11 -10.44
N LEU B 46 -23.36 -7.60 -9.65
CA LEU B 46 -22.91 -8.29 -8.43
C LEU B 46 -24.04 -8.49 -7.42
N GLY B 47 -25.01 -7.58 -7.41
CA GLY B 47 -26.15 -7.65 -6.49
C GLY B 47 -27.41 -8.21 -7.13
N ASN B 48 -27.28 -8.87 -8.28
CA ASN B 48 -28.39 -9.43 -9.02
C ASN B 48 -28.78 -10.85 -8.52
N ARG B 49 -30.08 -11.18 -8.54
CA ARG B 49 -30.58 -12.49 -8.06
C ARG B 49 -30.06 -13.72 -8.83
N VAL B 50 -29.23 -13.47 -9.84
CA VAL B 50 -28.69 -14.55 -10.64
C VAL B 50 -27.75 -15.47 -9.81
N SER B 51 -27.35 -14.99 -8.64
CA SER B 51 -26.48 -15.78 -7.78
C SER B 51 -27.25 -16.76 -6.88
N ASN B 52 -28.57 -16.82 -7.06
CA ASN B 52 -29.41 -17.83 -6.42
C ASN B 52 -29.27 -19.21 -7.05
N LYS B 53 -28.62 -19.25 -8.22
CA LYS B 53 -28.70 -20.38 -9.12
C LYS B 53 -27.47 -21.29 -9.09
N TYR B 54 -27.69 -22.56 -8.77
CA TYR B 54 -26.64 -23.58 -8.95
C TYR B 54 -26.48 -23.98 -10.42
N SER B 55 -25.26 -23.87 -10.93
CA SER B 55 -25.00 -24.05 -12.35
C SER B 55 -23.68 -24.76 -12.60
N GLU B 56 -23.40 -25.77 -11.77
CA GLU B 56 -22.23 -26.61 -11.97
C GLU B 56 -22.21 -27.15 -13.39
N GLY B 57 -21.06 -27.02 -14.03
CA GLY B 57 -20.89 -27.48 -15.38
C GLY B 57 -20.53 -26.32 -16.28
N TYR B 58 -20.95 -26.42 -17.54
CA TYR B 58 -20.71 -25.40 -18.55
C TYR B 58 -21.98 -25.23 -19.34
N PRO B 59 -22.11 -24.12 -20.10
CA PRO B 59 -23.29 -23.91 -20.94
C PRO B 59 -23.63 -25.15 -21.78
N LYS B 60 -24.91 -25.46 -21.86
CA LYS B 60 -25.42 -26.60 -22.65
C LYS B 60 -24.99 -27.95 -22.09
N LYS B 61 -24.22 -27.91 -21.00
CA LYS B 61 -23.73 -29.11 -20.33
C LYS B 61 -23.82 -29.02 -18.79
N ARG B 62 -24.97 -28.55 -18.31
CA ARG B 62 -25.19 -28.39 -16.88
C ARG B 62 -25.60 -29.70 -16.23
N TYR B 63 -25.36 -29.81 -14.94
CA TYR B 63 -25.85 -30.96 -14.20
C TYR B 63 -27.31 -30.74 -13.81
N TYR B 64 -27.67 -29.50 -13.52
CA TYR B 64 -29.05 -29.18 -13.22
C TYR B 64 -29.68 -28.40 -14.38
N GLY B 65 -30.99 -28.47 -14.48
CA GLY B 65 -31.73 -27.68 -15.47
C GLY B 65 -32.08 -26.31 -14.97
N GLY B 66 -33.07 -25.69 -15.62
CA GLY B 66 -33.46 -24.30 -15.34
C GLY B 66 -32.35 -23.31 -15.67
N ASN B 67 -31.34 -23.76 -16.42
CA ASN B 67 -30.12 -22.98 -16.64
C ASN B 67 -29.99 -22.30 -18.01
N ASP B 68 -31.13 -21.99 -18.63
CA ASP B 68 -31.10 -21.42 -19.98
C ASP B 68 -30.63 -19.98 -19.99
N PHE B 69 -31.15 -19.19 -19.07
CA PHE B 69 -30.76 -17.81 -18.99
C PHE B 69 -29.34 -17.63 -18.45
N ILE B 70 -28.89 -18.55 -17.59
CA ILE B 70 -27.48 -18.62 -17.11
C ILE B 70 -26.53 -19.03 -18.23
N ASP B 71 -26.92 -20.04 -19.01
CA ASP B 71 -26.13 -20.43 -20.20
C ASP B 71 -25.89 -19.26 -21.13
N LYS B 72 -26.94 -18.50 -21.41
CA LYS B 72 -26.84 -17.34 -22.29
C LYS B 72 -25.87 -16.31 -21.72
N ILE B 73 -25.91 -16.12 -20.40
CA ILE B 73 -25.01 -15.19 -19.71
C ILE B 73 -23.55 -15.63 -19.81
N GLU B 74 -23.26 -16.88 -19.45
CA GLU B 74 -21.89 -17.38 -19.50
C GLU B 74 -21.30 -17.34 -20.90
N GLU B 75 -22.14 -17.57 -21.92
CA GLU B 75 -21.71 -17.55 -23.33
C GLU B 75 -21.49 -16.12 -23.83
N LEU B 76 -22.41 -15.22 -23.48
CA LEU B 76 -22.24 -13.80 -23.74
C LEU B 76 -20.90 -13.32 -23.17
N CYS B 77 -20.55 -13.82 -21.98
CA CYS B 77 -19.31 -13.47 -21.30
C CYS B 77 -18.05 -13.99 -22.04
N GLN B 78 -18.00 -15.30 -22.31
CA GLN B 78 -16.91 -15.92 -23.09
C GLN B 78 -16.65 -15.24 -24.44
N LYS B 79 -17.73 -14.89 -25.14
CA LYS B 79 -17.66 -14.18 -26.42
C LYS B 79 -17.05 -12.79 -26.23
N ARG B 80 -17.70 -11.98 -25.38
CA ARG B 80 -17.22 -10.62 -25.06
C ARG B 80 -15.75 -10.62 -24.62
N ALA B 81 -15.31 -11.72 -24.01
CA ALA B 81 -13.94 -11.90 -23.54
C ALA B 81 -12.94 -12.11 -24.66
N LEU B 82 -13.27 -13.05 -25.55
CA LEU B 82 -12.46 -13.34 -26.74
C LEU B 82 -12.38 -12.13 -27.69
N GLU B 83 -13.52 -11.44 -27.88
CA GLU B 83 -13.56 -10.20 -28.65
C GLU B 83 -12.62 -9.14 -28.06
N ALA B 84 -12.79 -8.85 -26.76
CA ALA B 84 -11.98 -7.86 -26.05
C ALA B 84 -10.48 -8.10 -26.17
N PHE B 85 -10.06 -9.37 -26.14
CA PHE B 85 -8.64 -9.68 -26.27
C PHE B 85 -8.21 -9.99 -27.71
N ASN B 86 -8.99 -9.50 -28.67
CA ASN B 86 -8.69 -9.55 -30.10
C ASN B 86 -8.17 -10.93 -30.51
N VAL B 87 -9.02 -11.93 -30.29
CA VAL B 87 -8.62 -13.31 -30.42
C VAL B 87 -9.82 -14.13 -30.89
N SER B 88 -9.56 -15.12 -31.75
CA SER B 88 -10.62 -15.83 -32.48
C SER B 88 -11.16 -17.03 -31.72
N ASP B 89 -12.49 -17.16 -31.70
CA ASP B 89 -13.17 -18.25 -30.98
C ASP B 89 -12.90 -19.63 -31.59
N GLU B 90 -12.00 -19.65 -32.58
CA GLU B 90 -11.61 -20.87 -33.28
C GLU B 90 -10.21 -21.31 -32.91
N GLU B 91 -9.44 -20.39 -32.33
CA GLU B 91 -8.05 -20.64 -31.92
C GLU B 91 -7.88 -20.63 -30.39
N TRP B 92 -8.78 -19.91 -29.73
CA TRP B 92 -8.71 -19.65 -28.29
C TRP B 92 -10.02 -19.89 -27.61
N GLY B 93 -9.96 -20.54 -26.45
CA GLY B 93 -11.11 -20.58 -25.55
C GLY B 93 -10.88 -19.79 -24.27
N VAL B 94 -11.97 -19.50 -23.56
CA VAL B 94 -11.92 -18.90 -22.23
C VAL B 94 -12.68 -19.75 -21.24
N ASN B 95 -12.20 -19.75 -19.99
CA ASN B 95 -13.02 -20.16 -18.85
C ASN B 95 -13.30 -18.94 -17.94
N VAL B 96 -14.58 -18.70 -17.64
CA VAL B 96 -15.02 -17.48 -16.95
C VAL B 96 -15.41 -17.76 -15.49
N GLN B 97 -15.12 -18.97 -15.03
CA GLN B 97 -15.62 -19.42 -13.74
C GLN B 97 -14.67 -19.26 -12.54
N PRO B 98 -13.34 -19.11 -12.78
CA PRO B 98 -12.44 -18.89 -11.64
C PRO B 98 -12.89 -17.72 -10.78
N LEU B 99 -12.93 -17.96 -9.48
CA LEU B 99 -13.47 -17.00 -8.53
C LEU B 99 -12.53 -15.82 -8.26
N SER B 100 -11.24 -16.00 -8.53
CA SER B 100 -10.27 -14.92 -8.38
C SER B 100 -8.92 -15.28 -9.05
N GLY B 101 -8.00 -14.31 -9.09
CA GLY B 101 -6.73 -14.53 -9.76
C GLY B 101 -6.01 -15.77 -9.30
N SER B 102 -5.87 -15.90 -7.98
CA SER B 102 -5.13 -17.00 -7.37
C SER B 102 -5.74 -18.36 -7.70
N ALA B 103 -7.05 -18.49 -7.49
CA ALA B 103 -7.76 -19.69 -7.93
C ALA B 103 -7.43 -20.01 -9.39
N ALA B 104 -7.53 -19.02 -10.26
CA ALA B 104 -7.33 -19.20 -11.70
C ALA B 104 -5.94 -19.67 -12.04
N ASN B 105 -4.93 -19.19 -11.30
CA ASN B 105 -3.57 -19.63 -11.58
C ASN B 105 -3.29 -21.04 -11.07
N VAL B 106 -3.71 -21.34 -9.83
CA VAL B 106 -3.62 -22.68 -9.28
C VAL B 106 -4.26 -23.69 -10.23
N GLN B 107 -5.46 -23.38 -10.69
CA GLN B 107 -6.21 -24.23 -11.61
C GLN B 107 -5.51 -24.43 -12.97
N ALA B 108 -5.22 -23.35 -13.69
CA ALA B 108 -4.51 -23.43 -14.96
C ALA B 108 -3.20 -24.23 -14.86
N LEU B 109 -2.41 -23.97 -13.81
CA LEU B 109 -1.13 -24.65 -13.61
C LEU B 109 -1.30 -26.15 -13.42
N TYR B 110 -2.32 -26.52 -12.64
CA TYR B 110 -2.65 -27.93 -12.45
C TYR B 110 -3.05 -28.58 -13.78
N ALA B 111 -3.95 -27.93 -14.51
CA ALA B 111 -4.41 -28.42 -15.80
C ALA B 111 -3.20 -28.76 -16.68
N LEU B 112 -2.27 -27.83 -16.79
CA LEU B 112 -1.10 -28.00 -17.64
C LEU B 112 -0.18 -29.12 -17.17
N VAL B 113 0.12 -29.16 -15.87
CA VAL B 113 1.23 -29.99 -15.37
C VAL B 113 0.87 -31.08 -14.37
N GLY B 114 -0.23 -30.92 -13.63
CA GLY B 114 -0.62 -31.87 -12.59
C GLY B 114 0.21 -31.78 -11.33
N VAL B 115 -0.17 -32.58 -10.32
CA VAL B 115 0.49 -32.60 -9.02
C VAL B 115 1.93 -33.08 -9.16
N LYS B 116 2.83 -32.50 -8.35
CA LYS B 116 4.28 -32.78 -8.44
C LYS B 116 4.94 -32.18 -9.69
N GLY B 117 4.13 -31.71 -10.64
CA GLY B 117 4.63 -31.07 -11.87
C GLY B 117 5.62 -29.94 -11.64
N LYS B 118 6.44 -29.66 -12.65
CA LYS B 118 7.52 -28.69 -12.52
C LYS B 118 7.15 -27.34 -13.13
N ILE B 119 7.19 -26.29 -12.31
CA ILE B 119 6.83 -24.94 -12.78
C ILE B 119 7.92 -23.92 -12.49
N MET B 120 7.97 -22.89 -13.32
CA MET B 120 8.92 -21.80 -13.13
C MET B 120 8.18 -20.46 -13.15
N GLY B 121 8.52 -19.59 -12.19
CA GLY B 121 7.92 -18.27 -12.12
C GLY B 121 8.90 -17.24 -11.60
N MET B 122 8.57 -15.96 -11.76
CA MET B 122 9.38 -14.90 -11.15
C MET B 122 9.14 -14.80 -9.65
N HIS B 123 10.25 -14.74 -8.90
CA HIS B 123 10.24 -14.56 -7.45
C HIS B 123 9.39 -13.39 -7.05
N LEU B 124 8.73 -13.53 -5.89
CA LEU B 124 7.86 -12.49 -5.34
C LEU B 124 8.61 -11.17 -5.12
N CYS B 125 9.79 -11.26 -4.52
CA CYS B 125 10.64 -10.09 -4.27
C CYS B 125 11.07 -9.39 -5.56
N SER B 126 11.04 -10.09 -6.68
CA SER B 126 11.44 -9.54 -7.98
C SER B 126 10.25 -9.07 -8.79
N GLY B 127 9.05 -9.28 -8.26
CA GLY B 127 7.84 -8.75 -8.88
C GLY B 127 6.79 -9.76 -9.29
N GLY B 128 7.06 -11.04 -9.05
CA GLY B 128 6.10 -12.08 -9.33
C GLY B 128 5.06 -12.22 -8.24
N HIS B 129 4.03 -13.01 -8.54
CA HIS B 129 2.94 -13.24 -7.62
C HIS B 129 3.16 -14.48 -6.81
N LEU B 130 2.43 -14.56 -5.70
CA LEU B 130 2.44 -15.74 -4.84
C LEU B 130 2.14 -17.03 -5.62
N THR B 131 1.15 -16.98 -6.51
CA THR B 131 0.72 -18.16 -7.27
C THR B 131 1.66 -18.53 -8.43
N HIS B 132 2.78 -17.83 -8.55
CA HIS B 132 3.81 -18.19 -9.50
C HIS B 132 4.88 -19.03 -8.83
N GLY B 133 4.47 -19.89 -7.90
CA GLY B 133 5.37 -20.84 -7.26
C GLY B 133 6.22 -20.35 -6.10
N PHE B 134 5.68 -19.42 -5.31
CA PHE B 134 6.50 -18.77 -4.29
C PHE B 134 6.76 -19.61 -3.03
N PHE B 135 8.03 -19.62 -2.59
CA PHE B 135 8.40 -20.24 -1.33
C PHE B 135 9.57 -19.56 -0.60
N ASP B 136 9.59 -19.69 0.74
CA ASP B 136 10.71 -19.24 1.56
C ASP B 136 11.76 -20.33 1.68
N GLU B 137 12.60 -20.22 2.69
CA GLU B 137 13.50 -21.32 3.01
C GLU B 137 12.69 -22.42 3.73
N LYS B 138 12.50 -23.54 3.02
CA LYS B 138 11.80 -24.73 3.53
C LYS B 138 10.28 -24.55 3.72
N LYS B 139 9.84 -23.34 4.08
CA LYS B 139 8.41 -23.03 4.19
C LYS B 139 7.78 -22.73 2.81
N LYS B 140 6.97 -23.67 2.33
CA LYS B 140 6.28 -23.53 1.04
C LYS B 140 5.09 -22.59 1.16
N VAL B 141 5.35 -21.29 1.00
CA VAL B 141 4.37 -20.23 1.31
C VAL B 141 3.09 -20.33 0.46
N SER B 142 3.26 -20.62 -0.83
CA SER B 142 2.12 -20.76 -1.72
C SER B 142 1.86 -22.22 -2.03
N ILE B 143 0.60 -22.58 -2.21
CA ILE B 143 0.27 -23.92 -2.65
C ILE B 143 1.04 -24.26 -3.92
N THR B 144 1.32 -23.25 -4.74
CA THR B 144 1.98 -23.44 -6.04
C THR B 144 3.44 -23.88 -5.89
N SER B 145 3.95 -23.82 -4.67
CA SER B 145 5.29 -24.34 -4.36
C SER B 145 5.26 -25.71 -3.70
N ASP B 146 4.07 -26.12 -3.24
CA ASP B 146 3.89 -27.38 -2.54
C ASP B 146 3.19 -28.43 -3.41
N MET B 147 2.18 -27.98 -4.15
CA MET B 147 1.40 -28.82 -5.03
C MET B 147 2.23 -29.16 -6.27
N PHE B 148 3.06 -28.21 -6.67
CA PHE B 148 4.00 -28.37 -7.77
C PHE B 148 5.41 -28.17 -7.21
N GLU B 149 6.41 -28.57 -8.00
CA GLU B 149 7.81 -28.31 -7.67
C GLU B 149 8.24 -27.09 -8.48
N SER B 150 8.66 -26.03 -7.77
CA SER B 150 8.88 -24.75 -8.43
C SER B 150 10.27 -24.17 -8.24
N LYS B 151 10.70 -23.37 -9.23
CA LYS B 151 11.97 -22.67 -9.14
C LYS B 151 11.74 -21.22 -9.56
N LEU B 152 12.40 -20.30 -8.86
CA LEU B 152 12.13 -18.87 -9.01
C LEU B 152 13.29 -18.12 -9.64
N TYR B 153 13.06 -17.55 -10.82
CA TYR B 153 14.04 -16.69 -11.46
C TYR B 153 13.93 -15.26 -10.92
N LYS B 154 15.03 -14.50 -10.98
CA LYS B 154 15.05 -13.12 -10.46
C LYS B 154 15.17 -12.08 -11.56
N CYS B 155 15.13 -10.80 -11.16
CA CYS B 155 15.45 -9.72 -12.09
C CYS B 155 16.91 -9.39 -11.84
N ASN B 156 17.56 -8.72 -12.79
CA ASN B 156 18.94 -8.24 -12.60
C ASN B 156 18.96 -6.99 -11.70
N SER B 157 20.16 -6.50 -11.34
CA SER B 157 20.22 -5.40 -10.36
C SER B 157 19.70 -4.06 -10.92
N GLN B 158 19.44 -4.02 -12.23
CA GLN B 158 18.80 -2.87 -12.89
C GLN B 158 17.26 -2.96 -12.79
N GLY B 159 16.73 -4.09 -12.33
CA GLY B 159 15.27 -4.30 -12.21
C GLY B 159 14.53 -4.92 -13.39
N TYR B 160 15.27 -5.42 -14.38
CA TYR B 160 14.69 -6.04 -15.57
C TYR B 160 14.70 -7.57 -15.51
N VAL B 161 13.79 -8.22 -16.24
CA VAL B 161 13.77 -9.69 -16.33
C VAL B 161 15.10 -10.19 -16.86
N ASP B 162 15.80 -10.98 -16.04
CA ASP B 162 17.10 -11.53 -16.41
C ASP B 162 16.90 -12.73 -17.33
N LEU B 163 16.60 -12.45 -18.60
CA LEU B 163 16.24 -13.49 -19.58
C LEU B 163 17.30 -14.58 -19.72
N ASP B 164 18.57 -14.19 -19.59
CA ASP B 164 19.68 -15.14 -19.64
C ASP B 164 19.66 -16.13 -18.48
N ALA B 165 19.39 -15.65 -17.27
CA ALA B 165 19.30 -16.54 -16.10
C ALA B 165 18.05 -17.41 -16.16
N VAL B 166 17.02 -16.92 -16.83
CA VAL B 166 15.80 -17.70 -17.10
C VAL B 166 16.17 -18.95 -17.93
N ARG B 167 16.98 -18.74 -18.97
CA ARG B 167 17.54 -19.83 -19.78
C ARG B 167 18.41 -20.77 -18.94
N GLU B 168 19.43 -20.22 -18.28
CA GLU B 168 20.37 -21.02 -17.49
C GLU B 168 19.69 -21.85 -16.43
N MET B 169 18.53 -21.37 -15.96
CA MET B 169 17.73 -22.08 -14.99
C MET B 169 16.79 -23.08 -15.69
N ALA B 170 16.22 -22.67 -16.82
CA ALA B 170 15.31 -23.54 -17.57
C ALA B 170 15.95 -24.89 -17.94
N LEU B 171 17.11 -24.85 -18.60
CA LEU B 171 17.83 -26.05 -18.99
C LEU B 171 18.26 -26.88 -17.77
N SER B 172 18.67 -26.19 -16.71
CA SER B 172 19.01 -26.82 -15.42
C SER B 172 17.85 -27.59 -14.76
N PHE B 173 16.66 -27.02 -14.84
CA PHE B 173 15.51 -27.46 -14.05
C PHE B 173 14.46 -28.23 -14.87
N LYS B 174 14.46 -27.99 -16.18
CA LYS B 174 13.58 -28.68 -17.14
C LYS B 174 12.09 -28.61 -16.76
N PRO B 175 11.51 -27.39 -16.75
CA PRO B 175 10.13 -27.18 -16.28
C PRO B 175 9.09 -27.50 -17.34
N LYS B 176 7.86 -27.78 -16.92
CA LYS B 176 6.75 -28.02 -17.87
C LYS B 176 5.97 -26.75 -18.16
N VAL B 177 6.08 -25.75 -17.30
CA VAL B 177 5.51 -24.41 -17.55
C VAL B 177 6.40 -23.29 -17.01
N ILE B 178 6.54 -22.23 -17.80
CA ILE B 178 7.22 -21.00 -17.36
C ILE B 178 6.23 -19.84 -17.36
N ILE B 179 6.12 -19.17 -16.21
CA ILE B 179 5.17 -18.07 -16.04
C ILE B 179 5.82 -16.70 -16.19
N CYS B 180 5.17 -15.81 -16.92
CA CYS B 180 5.55 -14.40 -17.01
C CYS B 180 4.29 -13.56 -16.96
N GLY B 181 4.46 -12.25 -16.78
CA GLY B 181 3.35 -11.37 -16.40
C GLY B 181 3.35 -11.32 -14.89
N TYR B 182 3.33 -10.10 -14.32
CA TYR B 182 3.76 -9.94 -12.94
C TYR B 182 2.89 -9.06 -12.02
N THR B 183 3.18 -9.14 -10.73
CA THR B 183 2.50 -8.37 -9.71
C THR B 183 3.03 -6.94 -9.66
N SER B 184 4.36 -6.82 -9.66
CA SER B 184 5.00 -5.53 -9.57
C SER B 184 6.13 -5.47 -10.56
N TYR B 185 5.81 -5.05 -11.77
CA TYR B 185 6.80 -4.94 -12.81
C TYR B 185 6.45 -3.75 -13.69
N PRO B 186 7.33 -2.73 -13.70
CA PRO B 186 7.05 -1.44 -14.34
C PRO B 186 7.34 -1.40 -15.84
N ARG B 187 7.78 -2.52 -16.42
CA ARG B 187 8.11 -2.54 -17.85
C ARG B 187 7.32 -3.57 -18.65
N ASP B 188 7.37 -3.47 -19.98
CA ASP B 188 6.71 -4.46 -20.83
C ASP B 188 7.56 -5.73 -20.89
N ILE B 189 6.96 -6.80 -21.39
CA ILE B 189 7.54 -8.13 -21.35
C ILE B 189 7.89 -8.61 -22.74
N ASP B 190 9.01 -9.32 -22.84
CA ASP B 190 9.35 -9.96 -24.11
C ASP B 190 8.76 -11.37 -24.13
N TYR B 191 7.52 -11.46 -24.60
CA TYR B 191 6.83 -12.74 -24.68
C TYR B 191 7.53 -13.63 -25.70
N GLN B 192 7.79 -13.08 -26.89
CA GLN B 192 8.58 -13.75 -27.94
C GLN B 192 9.80 -14.46 -27.37
N GLN B 193 10.58 -13.76 -26.55
CA GLN B 193 11.79 -14.33 -25.96
C GLN B 193 11.49 -15.44 -24.98
N PHE B 194 10.33 -15.36 -24.32
CA PHE B 194 9.92 -16.42 -23.40
C PHE B 194 9.52 -17.66 -24.17
N ARG B 195 8.82 -17.45 -25.29
CA ARG B 195 8.50 -18.50 -26.26
C ARG B 195 9.75 -19.27 -26.74
N GLN B 196 10.82 -18.54 -27.10
CA GLN B 196 12.09 -19.14 -27.52
C GLN B 196 12.63 -20.12 -26.48
N ILE B 197 12.58 -19.72 -25.22
CA ILE B 197 13.09 -20.53 -24.11
C ILE B 197 12.19 -21.74 -23.88
N CYS B 198 10.89 -21.53 -24.00
CA CYS B 198 9.93 -22.57 -23.72
C CYS B 198 10.03 -23.72 -24.73
N ASP B 199 10.22 -23.40 -26.01
CA ASP B 199 10.47 -24.41 -27.04
C ASP B 199 11.72 -25.25 -26.74
N GLU B 200 12.81 -24.60 -26.36
CA GLU B 200 14.07 -25.28 -26.08
C GLU B 200 13.99 -26.39 -25.03
N VAL B 201 12.90 -26.40 -24.25
CA VAL B 201 12.78 -27.34 -23.12
C VAL B 201 11.48 -28.14 -23.10
N ASN B 202 10.70 -28.00 -24.19
CA ASN B 202 9.33 -28.53 -24.27
C ASN B 202 8.47 -28.09 -23.07
N ALA B 203 8.31 -26.78 -22.93
CA ALA B 203 7.53 -26.20 -21.83
C ALA B 203 6.37 -25.35 -22.35
N TYR B 204 5.32 -25.28 -21.54
CA TYR B 204 4.20 -24.38 -21.81
C TYR B 204 4.59 -22.94 -21.50
N LEU B 205 3.96 -21.98 -22.19
CA LEU B 205 4.14 -20.55 -21.90
C LEU B 205 2.91 -19.95 -21.23
N PHE B 206 3.10 -19.54 -19.99
CA PHE B 206 2.04 -18.97 -19.15
C PHE B 206 2.21 -17.46 -19.02
N ALA B 207 1.21 -16.72 -19.46
CA ALA B 207 1.19 -15.27 -19.29
C ALA B 207 0.07 -14.85 -18.35
N ASP B 208 0.47 -14.30 -17.19
CA ASP B 208 -0.47 -13.76 -16.22
C ASP B 208 -0.43 -12.25 -16.41
N ILE B 209 -1.39 -11.72 -17.16
CA ILE B 209 -1.42 -10.29 -17.51
C ILE B 209 -2.38 -9.48 -16.65
N SER B 210 -2.64 -9.98 -15.43
CA SER B 210 -3.58 -9.37 -14.47
C SER B 210 -3.42 -7.86 -14.28
N HIS B 211 -2.18 -7.41 -14.16
CA HIS B 211 -1.89 -6.00 -13.97
C HIS B 211 -1.95 -5.17 -15.22
N ILE B 212 -1.74 -5.79 -16.37
CA ILE B 212 -1.62 -5.04 -17.61
C ILE B 212 -2.71 -5.37 -18.65
N SER B 213 -3.72 -6.10 -18.21
CA SER B 213 -4.73 -6.69 -19.10
C SER B 213 -5.24 -5.69 -20.14
N SER B 214 -5.60 -4.49 -19.67
CA SER B 214 -6.15 -3.45 -20.54
C SER B 214 -5.20 -3.06 -21.68
N PHE B 215 -3.92 -2.95 -21.36
CA PHE B 215 -2.93 -2.58 -22.37
C PHE B 215 -2.95 -3.63 -23.48
N VAL B 216 -2.97 -4.90 -23.09
CA VAL B 216 -2.98 -6.01 -24.04
C VAL B 216 -4.24 -5.98 -24.90
N ALA B 217 -5.39 -5.79 -24.28
CA ALA B 217 -6.63 -5.72 -25.02
C ALA B 217 -6.61 -4.56 -26.03
N CYS B 218 -6.11 -3.39 -25.62
CA CYS B 218 -6.17 -2.17 -26.42
C CYS B 218 -4.97 -1.97 -27.35
N ASN B 219 -4.16 -3.01 -27.49
CA ASN B 219 -3.00 -3.03 -28.41
C ASN B 219 -1.99 -1.88 -28.20
N ILE B 220 -1.72 -1.60 -26.92
CA ILE B 220 -0.80 -0.54 -26.52
C ILE B 220 0.53 -1.17 -26.08
N LEU B 221 0.47 -2.37 -25.53
CA LEU B 221 1.66 -3.12 -25.16
C LEU B 221 1.80 -4.42 -25.96
N ASN B 222 2.93 -5.10 -25.81
CA ASN B 222 3.15 -6.43 -26.42
C ASN B 222 1.97 -7.40 -26.23
N ASN B 223 1.64 -8.14 -27.29
CA ASN B 223 0.58 -9.17 -27.24
C ASN B 223 1.11 -10.54 -26.83
N PRO B 224 0.64 -11.07 -25.69
CA PRO B 224 1.09 -12.40 -25.29
C PRO B 224 0.34 -13.51 -26.01
N PHE B 225 -0.87 -13.21 -26.50
CA PHE B 225 -1.68 -14.19 -27.21
C PHE B 225 -1.01 -14.72 -28.47
N LEU B 226 0.03 -14.01 -28.94
CA LEU B 226 0.78 -14.42 -30.11
C LEU B 226 1.81 -15.51 -29.81
N HIS B 227 2.15 -15.69 -28.53
CA HIS B 227 3.17 -16.66 -28.15
C HIS B 227 2.75 -17.59 -27.05
N ALA B 228 1.76 -17.17 -26.25
CA ALA B 228 1.35 -17.92 -25.06
C ALA B 228 0.40 -19.08 -25.32
N ASP B 229 0.63 -20.18 -24.61
CA ASP B 229 -0.30 -21.30 -24.56
C ASP B 229 -1.48 -21.03 -23.64
N VAL B 230 -1.20 -20.46 -22.46
CA VAL B 230 -2.25 -20.01 -21.53
C VAL B 230 -2.04 -18.56 -21.10
N VAL B 231 -3.11 -17.78 -21.16
CA VAL B 231 -3.13 -16.46 -20.53
C VAL B 231 -4.20 -16.36 -19.44
N THR B 232 -3.78 -15.99 -18.24
CA THR B 232 -4.74 -15.67 -17.15
C THR B 232 -4.76 -14.17 -16.85
N THR B 233 -5.90 -13.70 -16.36
CA THR B 233 -6.04 -12.33 -15.88
C THR B 233 -7.13 -12.18 -14.83
N THR B 234 -6.87 -11.38 -13.81
CA THR B 234 -7.96 -10.93 -12.92
C THR B 234 -8.79 -9.88 -13.64
N THR B 235 -9.97 -9.58 -13.13
CA THR B 235 -10.87 -8.62 -13.79
C THR B 235 -11.06 -7.33 -12.96
N HIS B 236 -10.54 -7.31 -11.74
CA HIS B 236 -10.75 -6.19 -10.80
C HIS B 236 -9.70 -5.12 -10.85
N LYS B 237 -8.63 -5.34 -11.60
CA LYS B 237 -7.53 -4.39 -11.65
C LYS B 237 -7.75 -3.38 -12.76
N ILE B 238 -6.75 -3.15 -13.58
CA ILE B 238 -6.85 -2.16 -14.67
C ILE B 238 -8.06 -2.40 -15.59
N LEU B 239 -8.47 -3.66 -15.74
CA LEU B 239 -9.68 -4.03 -16.48
C LEU B 239 -10.94 -3.37 -15.94
N ARG B 240 -10.91 -3.02 -14.66
CA ARG B 240 -12.00 -2.32 -13.98
C ARG B 240 -13.31 -3.11 -13.96
N GLY B 241 -13.19 -4.43 -13.79
CA GLY B 241 -14.36 -5.26 -13.60
C GLY B 241 -14.53 -5.65 -12.14
N PRO B 242 -15.28 -6.73 -11.89
CA PRO B 242 -15.47 -7.25 -10.55
C PRO B 242 -14.29 -8.10 -10.11
N ARG B 243 -14.38 -8.65 -8.91
CA ARG B 243 -13.34 -9.54 -8.44
C ARG B 243 -13.64 -10.92 -9.00
N SER B 244 -12.82 -11.30 -9.99
CA SER B 244 -13.00 -12.52 -10.76
C SER B 244 -11.78 -12.73 -11.65
N ALA B 245 -11.75 -13.87 -12.35
CA ALA B 245 -10.61 -14.16 -13.20
C ALA B 245 -10.99 -14.93 -14.47
N LEU B 246 -10.14 -14.81 -15.48
CA LEU B 246 -10.37 -15.45 -16.79
C LEU B 246 -9.19 -16.31 -17.14
N ILE B 247 -9.44 -17.48 -17.71
CA ILE B 247 -8.37 -18.35 -18.19
C ILE B 247 -8.48 -18.53 -19.71
N PHE B 248 -7.45 -18.12 -20.43
CA PHE B 248 -7.40 -18.25 -21.86
C PHE B 248 -6.46 -19.40 -22.24
N PHE B 249 -6.88 -20.19 -23.21
CA PHE B 249 -6.08 -21.34 -23.67
C PHE B 249 -6.06 -21.43 -25.18
N ASN B 250 -4.85 -21.57 -25.73
CA ASN B 250 -4.65 -21.74 -27.15
C ASN B 250 -4.85 -23.20 -27.57
N LYS B 251 -6.03 -23.51 -28.08
CA LYS B 251 -6.31 -24.88 -28.56
C LYS B 251 -5.53 -25.20 -29.83
N LYS B 252 -5.59 -24.28 -30.81
CA LYS B 252 -4.83 -24.40 -32.07
C LYS B 252 -3.31 -24.59 -31.89
N ARG B 253 -2.86 -24.66 -30.65
CA ARG B 253 -1.45 -24.94 -30.39
C ARG B 253 -1.30 -26.15 -29.48
N ASN B 254 -2.39 -26.49 -28.78
CA ASN B 254 -2.34 -27.50 -27.72
C ASN B 254 -3.52 -28.47 -27.78
N PRO B 255 -3.20 -29.79 -27.75
CA PRO B 255 -4.10 -30.93 -28.05
C PRO B 255 -5.49 -30.79 -27.44
N GLY B 256 -5.74 -31.49 -26.33
CA GLY B 256 -6.96 -31.35 -25.57
C GLY B 256 -6.66 -30.48 -24.37
N ILE B 257 -6.62 -29.17 -24.60
CA ILE B 257 -6.39 -28.19 -23.55
C ILE B 257 -7.74 -27.64 -23.05
N GLU B 258 -8.70 -27.51 -23.98
CA GLU B 258 -10.06 -27.12 -23.63
C GLU B 258 -10.61 -28.02 -22.52
N GLN B 259 -10.37 -29.32 -22.66
CA GLN B 259 -10.76 -30.30 -21.65
C GLN B 259 -10.02 -30.05 -20.34
N LYS B 260 -8.68 -30.05 -20.39
CA LYS B 260 -7.83 -29.96 -19.21
C LYS B 260 -8.10 -28.70 -18.36
N ILE B 261 -8.23 -27.54 -19.00
CA ILE B 261 -8.57 -26.30 -18.31
C ILE B 261 -9.98 -26.36 -17.71
N ASN B 262 -10.98 -26.66 -18.55
CA ASN B 262 -12.37 -26.62 -18.09
C ASN B 262 -12.69 -27.60 -16.98
N SER B 263 -11.90 -28.66 -16.83
CA SER B 263 -12.16 -29.63 -15.77
C SER B 263 -11.23 -29.44 -14.56
N ALA B 264 -10.08 -28.80 -14.78
CA ALA B 264 -9.29 -28.29 -13.69
C ALA B 264 -10.17 -27.34 -12.87
N VAL B 265 -10.87 -26.43 -13.56
CA VAL B 265 -11.75 -25.47 -12.92
C VAL B 265 -12.93 -26.18 -12.25
N PHE B 266 -13.68 -26.95 -13.02
CA PHE B 266 -14.73 -27.78 -12.43
C PHE B 266 -14.71 -29.11 -13.17
N PRO B 267 -14.68 -30.24 -12.43
CA PRO B 267 -14.91 -30.33 -11.00
C PRO B 267 -13.67 -30.58 -10.16
N SER B 268 -12.47 -30.38 -10.71
CA SER B 268 -11.29 -30.53 -9.88
C SER B 268 -11.30 -29.56 -8.68
N PHE B 269 -11.42 -28.26 -8.93
CA PHE B 269 -11.26 -27.25 -7.87
C PHE B 269 -12.56 -26.62 -7.35
N GLN B 270 -13.35 -26.05 -8.25
CA GLN B 270 -14.57 -25.34 -7.87
C GLN B 270 -15.84 -26.22 -7.95
N GLY B 271 -16.93 -25.69 -7.41
CA GLY B 271 -18.26 -26.26 -7.58
C GLY B 271 -19.12 -25.28 -8.38
N GLY B 272 -20.25 -24.89 -7.79
CA GLY B 272 -21.15 -23.93 -8.42
C GLY B 272 -20.39 -22.69 -8.84
N PRO B 273 -20.60 -22.21 -10.08
CA PRO B 273 -20.02 -20.92 -10.46
C PRO B 273 -20.80 -19.80 -9.75
N HIS B 274 -20.15 -18.65 -9.58
CA HIS B 274 -20.81 -17.47 -9.03
C HIS B 274 -21.27 -16.65 -10.19
N ASN B 275 -22.53 -16.83 -10.54
CA ASN B 275 -23.12 -16.24 -11.75
C ASN B 275 -23.17 -14.72 -11.77
N ASN B 276 -23.22 -14.12 -10.57
CA ASN B 276 -23.22 -12.65 -10.48
C ASN B 276 -21.88 -12.07 -10.91
N LYS B 277 -20.80 -12.80 -10.61
CA LYS B 277 -19.48 -12.42 -11.06
C LYS B 277 -19.50 -12.47 -12.59
N ILE B 278 -19.90 -13.61 -13.15
CA ILE B 278 -19.99 -13.81 -14.60
C ILE B 278 -20.82 -12.69 -15.27
N ALA B 279 -22.01 -12.42 -14.74
CA ALA B 279 -22.80 -11.26 -15.18
C ALA B 279 -21.98 -9.98 -15.16
N ALA B 280 -21.34 -9.68 -14.02
CA ALA B 280 -20.57 -8.43 -13.90
C ALA B 280 -19.38 -8.33 -14.86
N VAL B 281 -18.69 -9.45 -15.08
CA VAL B 281 -17.59 -9.50 -16.04
C VAL B 281 -18.12 -9.18 -17.43
N ALA B 282 -19.19 -9.87 -17.83
CA ALA B 282 -19.84 -9.63 -19.12
C ALA B 282 -20.03 -8.13 -19.36
N CYS B 283 -20.65 -7.48 -18.39
CA CYS B 283 -20.98 -6.06 -18.49
C CYS B 283 -19.75 -5.16 -18.67
N GLN B 284 -18.67 -5.50 -17.98
CA GLN B 284 -17.42 -4.74 -18.11
C GLN B 284 -16.72 -4.99 -19.45
N LEU B 285 -16.73 -6.23 -19.90
CA LEU B 285 -16.04 -6.60 -21.14
C LEU B 285 -16.66 -5.86 -22.34
N LYS B 286 -17.95 -5.55 -22.26
CA LYS B 286 -18.59 -4.74 -23.27
C LYS B 286 -17.95 -3.36 -23.31
N GLU B 287 -17.82 -2.73 -22.14
CA GLU B 287 -17.14 -1.44 -21.98
C GLU B 287 -15.69 -1.52 -22.46
N VAL B 288 -15.02 -2.64 -22.18
CA VAL B 288 -13.63 -2.86 -22.55
C VAL B 288 -13.41 -2.75 -24.04
N HIS B 289 -14.41 -3.18 -24.81
CA HIS B 289 -14.29 -3.20 -26.28
C HIS B 289 -14.55 -1.86 -26.92
N SER B 290 -15.25 -0.98 -26.21
CA SER B 290 -15.54 0.38 -26.67
C SER B 290 -14.26 1.19 -26.84
N PRO B 291 -14.26 2.19 -27.75
CA PRO B 291 -13.02 2.94 -27.93
C PRO B 291 -12.83 3.97 -26.82
N ALA B 292 -13.93 4.30 -26.13
CA ALA B 292 -13.92 5.14 -24.93
C ALA B 292 -13.06 4.55 -23.80
N PHE B 293 -13.02 3.22 -23.73
CA PHE B 293 -12.18 2.55 -22.75
C PHE B 293 -10.72 2.57 -23.19
N LYS B 294 -10.49 2.52 -24.51
CA LYS B 294 -9.14 2.62 -25.06
C LYS B 294 -8.61 4.01 -24.76
N GLU B 295 -9.53 4.98 -24.76
CA GLU B 295 -9.21 6.35 -24.36
C GLU B 295 -8.75 6.35 -22.90
N TYR B 296 -9.50 5.66 -22.03
CA TYR B 296 -9.18 5.54 -20.62
C TYR B 296 -7.80 4.93 -20.39
N THR B 297 -7.55 3.79 -21.02
CA THR B 297 -6.29 3.03 -20.85
C THR B 297 -5.08 3.84 -21.30
N GLN B 298 -5.24 4.56 -22.41
CA GLN B 298 -4.23 5.52 -22.86
C GLN B 298 -3.94 6.55 -21.78
N GLN B 299 -5.00 7.11 -21.20
CA GLN B 299 -4.88 8.11 -20.14
C GLN B 299 -4.14 7.55 -18.91
N VAL B 300 -4.40 6.28 -18.60
CA VAL B 300 -3.66 5.55 -17.56
C VAL B 300 -2.15 5.60 -17.83
N LEU B 301 -1.78 5.34 -19.09
CA LEU B 301 -0.36 5.34 -19.45
C LEU B 301 0.24 6.75 -19.45
N LEU B 302 -0.49 7.73 -19.97
CA LEU B 302 -0.01 9.10 -20.05
C LEU B 302 0.23 9.61 -18.63
N ASN B 303 -0.72 9.32 -17.74
CA ASN B 303 -0.60 9.71 -16.33
C ASN B 303 0.59 9.08 -15.67
N SER B 304 0.82 7.81 -15.97
CA SER B 304 1.94 7.08 -15.40
C SER B 304 3.28 7.63 -15.90
N LYS B 305 3.33 8.00 -17.17
CA LYS B 305 4.55 8.58 -17.71
C LYS B 305 4.82 9.93 -17.07
N ALA B 306 3.74 10.71 -16.87
CA ALA B 306 3.84 12.06 -16.32
C ALA B 306 4.21 12.03 -14.83
N LEU B 307 3.72 11.01 -14.12
CA LEU B 307 4.04 10.83 -12.71
C LEU B 307 5.50 10.39 -12.55
N ALA B 308 5.94 9.47 -13.40
CA ALA B 308 7.32 9.02 -13.41
C ALA B 308 8.24 10.22 -13.59
N LYS B 309 7.95 11.00 -14.61
CA LYS B 309 8.76 12.15 -15.00
C LYS B 309 8.86 13.18 -13.88
N ALA B 310 7.72 13.48 -13.25
CA ALA B 310 7.65 14.54 -12.24
C ALA B 310 8.34 14.11 -10.96
N LEU B 311 8.23 12.83 -10.64
CA LEU B 311 8.97 12.25 -9.53
C LEU B 311 10.46 12.37 -9.78
N ILE B 312 10.88 12.05 -11.01
CA ILE B 312 12.30 12.18 -11.42
C ILE B 312 12.75 13.64 -11.35
N SER B 313 11.87 14.56 -11.76
CA SER B 313 12.18 15.99 -11.70
C SER B 313 12.40 16.50 -10.28
N LYS B 314 11.91 15.75 -9.28
CA LYS B 314 12.13 16.06 -7.87
C LYS B 314 13.24 15.19 -7.27
N GLN B 315 14.09 14.65 -8.14
CA GLN B 315 15.22 13.79 -7.76
C GLN B 315 14.81 12.55 -6.96
N ILE B 316 13.78 11.86 -7.43
CA ILE B 316 13.36 10.60 -6.84
C ILE B 316 13.70 9.47 -7.82
N ASP B 317 14.41 8.47 -7.32
CA ASP B 317 14.83 7.33 -8.15
C ASP B 317 13.68 6.33 -8.37
N LEU B 318 13.56 5.89 -9.62
CA LEU B 318 12.58 4.89 -9.99
C LEU B 318 13.28 3.62 -10.48
N VAL B 319 12.78 2.46 -10.05
CA VAL B 319 13.34 1.18 -10.49
C VAL B 319 13.10 1.00 -12.00
N THR B 320 14.19 0.77 -12.73
CA THR B 320 14.26 0.81 -14.20
C THR B 320 14.19 2.23 -14.77
N ASN B 321 14.17 3.22 -13.88
CA ASN B 321 14.17 4.63 -14.27
C ASN B 321 12.99 5.11 -15.11
N GLY B 322 11.86 4.42 -14.96
CA GLY B 322 10.64 4.80 -15.68
C GLY B 322 9.60 3.70 -15.72
N THR B 323 8.66 3.84 -16.65
CA THR B 323 7.56 2.91 -16.79
C THR B 323 7.14 2.71 -18.25
N ASP B 324 6.63 1.53 -18.56
CA ASP B 324 6.02 1.27 -19.86
C ASP B 324 4.53 1.15 -19.69
N ASN B 325 4.10 1.13 -18.43
CA ASN B 325 2.71 0.84 -18.10
C ASN B 325 2.11 1.75 -17.03
N HIS B 326 1.28 1.16 -16.18
CA HIS B 326 0.49 1.83 -15.18
C HIS B 326 1.20 1.94 -13.84
N LEU B 327 2.36 1.30 -13.73
CA LEU B 327 2.95 1.00 -12.44
C LEU B 327 4.38 1.58 -12.34
N ILE B 328 4.67 2.23 -11.22
CA ILE B 328 6.01 2.72 -10.94
C ILE B 328 6.52 2.07 -9.66
N VAL B 329 7.82 1.82 -9.58
CA VAL B 329 8.40 1.42 -8.31
C VAL B 329 9.46 2.43 -7.91
N VAL B 330 9.21 3.11 -6.79
CA VAL B 330 10.16 4.08 -6.24
C VAL B 330 11.21 3.39 -5.39
N ASP B 331 12.47 3.58 -5.78
CA ASP B 331 13.63 3.19 -4.99
C ASP B 331 14.00 4.31 -4.02
N LEU B 332 13.95 4.00 -2.73
CA LEU B 332 14.14 5.00 -1.69
C LEU B 332 15.52 5.02 -0.99
N ARG B 333 16.44 4.13 -1.36
CA ARG B 333 17.76 4.04 -0.69
C ARG B 333 18.36 5.42 -0.43
N LYS B 334 18.33 6.25 -1.47
CA LYS B 334 18.78 7.64 -1.48
C LYS B 334 18.39 8.43 -0.21
N PHE B 335 17.26 8.10 0.38
CA PHE B 335 16.74 8.84 1.52
C PHE B 335 16.88 8.08 2.84
N SER B 336 17.42 6.86 2.78
CA SER B 336 17.63 6.02 3.97
C SER B 336 16.33 5.75 4.76
N ILE B 337 15.25 5.52 4.05
CA ILE B 337 13.97 5.15 4.65
C ILE B 337 13.44 3.91 3.95
N THR B 338 12.56 3.18 4.63
CA THR B 338 11.95 1.97 4.10
C THR B 338 10.64 2.32 3.38
N GLY B 339 10.23 1.44 2.46
CA GLY B 339 8.88 1.48 1.93
C GLY B 339 7.85 1.27 3.04
N SER B 340 8.23 0.44 4.02
CA SER B 340 7.43 0.17 5.22
C SER B 340 6.99 1.48 5.89
N LYS B 341 7.96 2.36 6.18
CA LYS B 341 7.65 3.65 6.78
C LYS B 341 6.78 4.52 5.88
N LEU B 342 7.17 4.64 4.61
CA LEU B 342 6.48 5.52 3.66
C LEU B 342 4.99 5.17 3.50
N GLN B 343 4.71 3.87 3.48
CA GLN B 343 3.32 3.38 3.51
C GLN B 343 2.57 3.96 4.73
N GLU B 344 3.15 3.78 5.91
CA GLU B 344 2.58 4.32 7.16
C GLU B 344 2.38 5.84 7.08
N THR B 345 3.38 6.55 6.53
CA THR B 345 3.29 8.00 6.34
C THR B 345 2.17 8.40 5.38
N CYS B 346 1.99 7.63 4.31
CA CYS B 346 0.96 7.93 3.33
C CYS B 346 -0.45 7.57 3.84
N ASN B 347 -0.55 6.53 4.68
CA ASN B 347 -1.81 6.23 5.37
C ASN B 347 -2.35 7.45 6.13
N ALA B 348 -1.47 8.11 6.89
CA ALA B 348 -1.84 9.27 7.70
C ALA B 348 -2.37 10.47 6.88
N ILE B 349 -2.06 10.49 5.59
CA ILE B 349 -2.49 11.58 4.73
C ILE B 349 -3.50 11.18 3.66
N ASN B 350 -4.13 10.02 3.86
CA ASN B 350 -5.06 9.43 2.91
C ASN B 350 -4.47 9.22 1.50
N VAL B 351 -3.23 8.75 1.46
CA VAL B 351 -2.57 8.30 0.22
C VAL B 351 -2.33 6.79 0.28
N SER B 352 -2.99 6.06 -0.61
CA SER B 352 -2.89 4.62 -0.63
C SER B 352 -1.77 4.20 -1.55
N LEU B 353 -0.76 3.59 -0.96
CA LEU B 353 0.29 2.93 -1.71
C LEU B 353 0.79 1.75 -0.86
N ASN B 354 1.67 0.91 -1.42
CA ASN B 354 2.21 -0.21 -0.66
C ASN B 354 3.70 -0.40 -0.85
N LYS B 355 4.35 -0.94 0.16
CA LYS B 355 5.78 -1.21 0.12
C LYS B 355 6.09 -2.29 -0.92
N ASN B 356 7.28 -2.23 -1.49
CA ASN B 356 7.69 -3.10 -2.58
C ASN B 356 9.19 -3.30 -2.50
N THR B 357 9.65 -4.53 -2.68
CA THR B 357 11.09 -4.80 -2.63
C THR B 357 11.78 -4.32 -3.90
N ILE B 358 13.09 -4.07 -3.79
CA ILE B 358 13.91 -3.64 -4.91
C ILE B 358 15.05 -4.65 -5.09
N PRO B 359 15.68 -4.70 -6.28
CA PRO B 359 16.64 -5.78 -6.55
C PRO B 359 17.69 -6.02 -5.45
N SER B 360 18.13 -4.96 -4.79
CA SER B 360 19.22 -5.05 -3.83
C SER B 360 18.78 -5.49 -2.42
N ASP B 361 17.47 -5.55 -2.21
CA ASP B 361 16.90 -6.07 -0.96
C ASP B 361 17.06 -7.58 -0.92
N VAL B 362 17.76 -8.07 0.10
CA VAL B 362 18.07 -9.50 0.20
C VAL B 362 16.83 -10.25 0.72
N ASP B 363 16.29 -9.78 1.84
CA ASP B 363 15.09 -10.36 2.43
C ASP B 363 13.86 -9.54 2.07
N CYS B 364 12.71 -10.02 2.53
CA CYS B 364 11.43 -9.34 2.31
C CYS B 364 11.01 -8.56 3.58
N VAL B 365 11.92 -8.48 4.54
CA VAL B 365 11.63 -7.95 5.87
C VAL B 365 11.32 -6.45 5.86
N SER B 366 12.26 -5.66 5.33
CA SER B 366 12.09 -4.20 5.29
C SER B 366 12.42 -3.62 3.90
N PRO B 367 11.48 -3.76 2.94
CA PRO B 367 11.65 -3.36 1.53
C PRO B 367 12.03 -1.90 1.35
N SER B 368 12.86 -1.64 0.36
CA SER B 368 13.40 -0.29 0.16
C SER B 368 12.64 0.51 -0.89
N GLY B 369 11.47 0.03 -1.31
CA GLY B 369 10.68 0.73 -2.30
C GLY B 369 9.20 0.75 -2.06
N VAL B 370 8.48 1.48 -2.90
CA VAL B 370 7.02 1.49 -2.90
C VAL B 370 6.47 1.33 -4.32
N ARG B 371 5.30 0.71 -4.45
CA ARG B 371 4.67 0.56 -5.73
C ARG B 371 3.48 1.51 -5.82
N ILE B 372 3.42 2.27 -6.90
CA ILE B 372 2.27 3.12 -7.16
C ILE B 372 1.72 2.89 -8.57
N GLY B 373 0.43 3.12 -8.75
CA GLY B 373 -0.20 2.94 -10.04
C GLY B 373 -1.27 3.97 -10.29
N THR B 374 -1.63 4.14 -11.56
CA THR B 374 -2.53 5.23 -11.97
C THR B 374 -3.99 4.87 -12.33
N PRO B 375 -4.35 3.57 -12.46
CA PRO B 375 -5.70 3.26 -12.96
C PRO B 375 -6.85 3.83 -12.13
N ALA B 376 -6.75 3.72 -10.81
CA ALA B 376 -7.81 4.21 -9.95
C ALA B 376 -7.95 5.75 -10.02
N MET B 377 -6.83 6.46 -10.03
CA MET B 377 -6.87 7.91 -10.10
C MET B 377 -7.33 8.43 -11.46
N THR B 378 -6.93 7.72 -12.53
CA THR B 378 -7.39 8.02 -13.88
C THR B 378 -8.90 7.83 -13.99
N THR B 379 -9.41 6.78 -13.37
CA THR B 379 -10.85 6.55 -13.31
C THR B 379 -11.58 7.73 -12.64
N ARG B 380 -10.91 8.37 -11.68
CA ARG B 380 -11.50 9.50 -10.97
C ARG B 380 -11.27 10.84 -11.69
N GLY B 381 -10.74 10.77 -12.91
CA GLY B 381 -10.69 11.94 -13.80
C GLY B 381 -9.43 12.79 -13.74
N ALA B 382 -8.37 12.27 -13.12
CA ALA B 382 -7.10 12.97 -13.04
C ALA B 382 -6.34 12.90 -14.38
N LYS B 383 -5.72 14.02 -14.76
CA LYS B 383 -5.02 14.13 -16.04
C LYS B 383 -3.53 14.35 -15.78
N GLU B 384 -2.73 14.54 -16.83
CA GLU B 384 -1.28 14.66 -16.62
C GLU B 384 -0.93 15.79 -15.66
N LYS B 385 -1.54 16.96 -15.86
CA LYS B 385 -1.31 18.13 -15.01
C LYS B 385 -1.50 17.80 -13.53
N ASP B 386 -2.38 16.85 -13.26
CA ASP B 386 -2.68 16.42 -11.89
C ASP B 386 -1.61 15.54 -11.27
N MET B 387 -0.73 15.00 -12.11
CA MET B 387 0.31 14.09 -11.63
C MET B 387 1.41 14.81 -10.87
N GLU B 388 1.63 16.07 -11.20
CA GLU B 388 2.59 16.92 -10.50
C GLU B 388 2.22 17.07 -9.00
N PHE B 389 0.94 17.30 -8.74
CA PHE B 389 0.43 17.44 -7.39
C PHE B 389 0.69 16.16 -6.61
N ILE B 390 0.30 15.03 -7.19
CA ILE B 390 0.53 13.72 -6.57
C ILE B 390 2.01 13.48 -6.33
N ALA B 391 2.83 13.79 -7.33
CA ALA B 391 4.28 13.71 -7.18
C ALA B 391 4.76 14.60 -6.03
N ASP B 392 4.24 15.83 -5.97
CA ASP B 392 4.62 16.77 -4.91
C ASP B 392 4.19 16.27 -3.53
N VAL B 393 2.96 15.75 -3.43
CA VAL B 393 2.47 15.19 -2.19
C VAL B 393 3.35 14.03 -1.73
N LEU B 394 3.75 13.18 -2.67
CA LEU B 394 4.64 12.05 -2.35
C LEU B 394 6.01 12.50 -1.87
N ALA B 395 6.55 13.54 -2.50
CA ALA B 395 7.85 14.10 -2.12
C ALA B 395 7.79 14.71 -0.70
N ARG B 396 6.67 15.38 -0.40
CA ARG B 396 6.47 15.94 0.93
C ARG B 396 6.43 14.81 1.97
N ALA B 397 5.72 13.72 1.67
CA ALA B 397 5.69 12.54 2.54
C ALA B 397 7.05 11.91 2.73
N ILE B 398 7.85 11.87 1.66
CA ILE B 398 9.16 11.26 1.76
C ILE B 398 10.01 12.07 2.73
N LYS B 399 9.95 13.40 2.59
CA LYS B 399 10.71 14.28 3.46
C LYS B 399 10.24 14.18 4.92
N ILE B 400 8.92 14.17 5.12
CA ILE B 400 8.37 14.06 6.47
C ILE B 400 8.85 12.75 7.09
N THR B 401 8.75 11.66 6.33
CA THR B 401 9.25 10.36 6.74
C THR B 401 10.72 10.45 7.18
N VAL B 402 11.52 11.20 6.45
CA VAL B 402 12.92 11.43 6.81
C VAL B 402 13.02 12.15 8.15
N ASP B 403 12.25 13.24 8.32
CA ASP B 403 12.24 14.01 9.57
C ASP B 403 11.79 13.17 10.77
N LEU B 404 10.69 12.43 10.60
CA LEU B 404 10.13 11.60 11.66
C LEU B 404 10.98 10.39 12.03
N GLN B 405 11.88 9.98 11.13
CA GLN B 405 12.81 8.92 11.46
C GLN B 405 13.98 9.50 12.25
N GLU B 406 14.32 10.75 11.96
CA GLU B 406 15.39 11.45 12.70
C GLU B 406 15.00 11.77 14.15
N GLN B 407 13.70 11.86 14.44
CA GLN B 407 13.22 12.11 15.79
C GLN B 407 12.95 10.85 16.64
N TYR B 408 12.52 9.76 15.99
CA TYR B 408 12.03 8.59 16.71
C TYR B 408 12.80 7.28 16.43
N GLY B 409 13.70 7.31 15.43
CA GLY B 409 14.55 6.14 15.17
C GLY B 409 14.12 5.20 14.04
N LYS B 410 14.95 4.19 13.80
CA LYS B 410 14.81 3.27 12.66
C LYS B 410 13.72 2.21 12.82
N LYS B 411 13.49 1.76 14.05
CA LYS B 411 12.51 0.69 14.29
C LYS B 411 11.08 1.20 14.03
N LEU B 412 10.36 0.45 13.20
CA LEU B 412 9.06 0.88 12.67
C LEU B 412 8.01 1.15 13.75
N VAL B 413 8.00 0.32 14.79
CA VAL B 413 7.09 0.49 15.93
C VAL B 413 7.22 1.91 16.50
N ASP B 414 8.46 2.35 16.68
CA ASP B 414 8.77 3.70 17.16
C ASP B 414 8.31 4.78 16.18
N PHE B 415 8.70 4.62 14.91
CA PHE B 415 8.32 5.53 13.84
C PHE B 415 6.83 5.84 13.85
N LYS B 416 6.01 4.79 13.93
CA LYS B 416 4.54 4.94 13.92
C LYS B 416 4.02 5.88 15.02
N LYS B 417 4.75 5.96 16.13
CA LYS B 417 4.38 6.81 17.25
C LYS B 417 4.48 8.29 16.88
N GLY B 418 5.35 8.59 15.92
CA GLY B 418 5.55 9.96 15.46
C GLY B 418 4.45 10.48 14.58
N LEU B 419 3.62 9.57 14.06
CA LEU B 419 2.63 9.93 13.03
C LEU B 419 1.41 10.71 13.53
N PRO B 420 0.76 10.25 14.62
CA PRO B 420 -0.47 10.94 15.01
C PRO B 420 -0.18 12.33 15.59
N GLY B 421 -1.03 13.29 15.24
CA GLY B 421 -0.91 14.65 15.78
C GLY B 421 -0.03 15.58 14.98
N ASN B 422 1.03 15.03 14.37
CA ASN B 422 1.97 15.79 13.52
C ASN B 422 1.29 16.86 12.69
N ALA B 423 1.59 18.13 13.02
CA ALA B 423 0.95 19.30 12.40
C ALA B 423 1.01 19.28 10.88
N GLN B 424 2.14 18.83 10.34
CA GLN B 424 2.37 18.80 8.89
C GLN B 424 1.46 17.79 8.18
N LEU B 425 1.43 16.56 8.66
CA LEU B 425 0.61 15.48 8.09
C LEU B 425 -0.87 15.83 8.12
N GLN B 426 -1.32 16.47 9.21
CA GLN B 426 -2.69 16.93 9.32
C GLN B 426 -3.04 17.95 8.25
N GLN B 427 -2.08 18.82 7.94
CA GLN B 427 -2.25 19.83 6.88
C GLN B 427 -2.17 19.20 5.48
N LEU B 428 -1.26 18.24 5.32
CA LEU B 428 -1.11 17.53 4.06
C LEU B 428 -2.32 16.63 3.79
N LYS B 429 -2.85 16.00 4.84
CA LYS B 429 -4.06 15.19 4.72
C LYS B 429 -5.24 16.00 4.18
N GLN B 430 -5.42 17.22 4.68
CA GLN B 430 -6.57 18.03 4.29
C GLN B 430 -6.49 18.46 2.83
N GLU B 431 -5.29 18.79 2.36
CA GLU B 431 -5.08 19.10 0.94
C GLU B 431 -5.53 17.92 0.08
N VAL B 432 -5.05 16.73 0.46
CA VAL B 432 -5.42 15.47 -0.18
C VAL B 432 -6.93 15.28 -0.17
N VAL B 433 -7.52 15.28 1.03
CA VAL B 433 -8.96 15.05 1.23
C VAL B 433 -9.79 16.05 0.42
N THR B 434 -9.36 17.31 0.37
CA THR B 434 -10.09 18.36 -0.34
C THR B 434 -10.04 18.14 -1.85
N TRP B 435 -8.88 17.77 -2.37
CA TRP B 435 -8.77 17.54 -3.82
C TRP B 435 -9.35 16.22 -4.22
N ALA B 436 -9.09 15.18 -3.42
CA ALA B 436 -9.60 13.83 -3.68
C ALA B 436 -11.10 13.75 -3.54
N GLY B 437 -11.63 14.34 -2.46
CA GLY B 437 -13.07 14.30 -2.15
C GLY B 437 -14.01 14.82 -3.23
N ALA B 438 -13.52 15.74 -4.06
CA ALA B 438 -14.34 16.43 -5.06
C ALA B 438 -14.18 15.89 -6.48
N LEU B 439 -13.37 14.83 -6.62
CA LEU B 439 -13.17 14.17 -7.90
C LEU B 439 -14.37 13.29 -8.28
N PRO B 440 -14.61 13.11 -9.59
CA PRO B 440 -15.62 12.15 -10.05
C PRO B 440 -15.46 10.82 -9.31
N PHE B 441 -16.59 10.21 -8.95
CA PHE B 441 -16.62 9.03 -8.09
C PHE B 441 -17.78 8.15 -8.55
N PRO B 442 -17.46 6.99 -9.16
CA PRO B 442 -18.52 6.07 -9.59
C PRO B 442 -19.23 5.43 -8.41
N MET C 1 58.38 59.72 25.24
CA MET C 1 57.28 60.72 25.34
C MET C 1 55.88 60.11 25.23
N PHE C 2 55.66 59.00 25.94
CA PHE C 2 54.37 58.30 25.93
C PHE C 2 53.90 57.98 27.35
N ASN C 3 52.61 57.66 27.47
CA ASN C 3 52.03 57.18 28.72
C ASN C 3 51.88 55.66 28.76
N ASN C 4 52.68 54.99 29.60
CA ASN C 4 52.70 53.54 29.61
C ASN C 4 52.06 52.89 30.83
N GLU C 5 51.18 53.62 31.50
CA GLU C 5 50.44 53.04 32.62
C GLU C 5 49.24 52.22 32.10
N PRO C 6 48.98 51.04 32.72
CA PRO C 6 47.93 50.10 32.31
C PRO C 6 46.55 50.73 32.10
N LEU C 7 45.72 50.06 31.30
CA LEU C 7 44.40 50.56 30.92
C LEU C 7 43.55 50.93 32.12
N GLU C 8 43.63 50.11 33.17
CA GLU C 8 42.99 50.37 34.48
C GLU C 8 43.30 51.78 34.99
N GLN C 9 44.58 52.14 35.03
CA GLN C 9 44.97 53.46 35.50
C GLN C 9 44.70 54.55 34.45
N ILE C 10 45.29 54.42 33.25
CA ILE C 10 45.21 55.47 32.22
C ILE C 10 43.79 55.88 31.85
N ASP C 11 42.86 54.94 31.89
CA ASP C 11 41.46 55.22 31.58
C ASP C 11 40.58 54.26 32.34
N LYS C 12 40.29 54.62 33.59
CA LYS C 12 39.43 53.83 34.47
C LYS C 12 37.99 53.80 33.93
N GLU C 13 37.56 54.89 33.30
CA GLU C 13 36.20 54.95 32.75
C GLU C 13 35.90 53.79 31.80
N LEU C 14 36.77 53.61 30.80
CA LEU C 14 36.61 52.58 29.77
C LEU C 14 36.77 51.17 30.34
N HIS C 15 37.82 50.97 31.14
CA HIS C 15 38.12 49.69 31.78
C HIS C 15 36.94 49.12 32.52
N ASP C 16 36.13 50.00 33.12
CA ASP C 16 34.94 49.61 33.86
C ASP C 16 33.94 48.92 32.94
N ILE C 17 33.61 49.60 31.84
CA ILE C 17 32.66 49.08 30.87
C ILE C 17 33.16 47.78 30.26
N LEU C 18 34.46 47.72 29.96
CA LEU C 18 35.07 46.52 29.41
C LEU C 18 35.01 45.34 30.38
N ALA C 19 35.18 45.62 31.67
CA ALA C 19 35.04 44.61 32.71
C ALA C 19 33.58 44.20 32.83
N ASP C 20 32.69 45.18 32.64
CA ASP C 20 31.25 44.95 32.63
C ASP C 20 30.83 44.02 31.49
N GLU C 21 31.29 44.33 30.27
CA GLU C 21 31.03 43.54 29.08
C GLU C 21 31.48 42.08 29.26
N GLU C 22 32.69 41.93 29.79
CA GLU C 22 33.25 40.65 30.18
C GLU C 22 32.31 39.83 31.08
N LYS C 23 31.64 40.53 32.01
CA LYS C 23 30.71 39.88 32.95
C LYS C 23 29.46 39.40 32.23
N ARG C 24 28.87 40.27 31.41
CA ARG C 24 27.74 39.89 30.57
C ARG C 24 28.04 38.63 29.72
N GLN C 25 29.16 38.62 29.00
CA GLN C 25 29.58 37.44 28.22
C GLN C 25 29.69 36.16 29.05
N ARG C 26 30.31 36.28 30.22
CA ARG C 26 30.45 35.19 31.18
C ARG C 26 29.10 34.64 31.68
N GLU C 27 28.09 35.52 31.74
CA GLU C 27 26.81 35.21 32.38
C GLU C 27 25.65 35.08 31.38
N THR C 28 25.97 34.81 30.13
CA THR C 28 24.96 34.68 29.06
C THR C 28 25.01 33.29 28.43
N ILE C 29 23.84 32.73 28.16
CA ILE C 29 23.72 31.65 27.19
C ILE C 29 23.71 32.32 25.78
N ASN C 30 24.89 32.32 25.17
CA ASN C 30 25.12 32.93 23.87
C ASN C 30 24.75 31.98 22.73
N LEU C 31 23.58 32.21 22.13
CA LEU C 31 23.11 31.38 21.03
C LEU C 31 23.21 32.11 19.68
N ILE C 32 23.96 33.20 19.60
CA ILE C 32 24.17 33.86 18.32
C ILE C 32 25.01 32.96 17.43
N ALA C 33 24.42 32.54 16.32
CA ALA C 33 25.02 31.50 15.47
C ALA C 33 26.36 31.95 14.93
N SER C 34 26.51 33.27 14.77
CA SER C 34 27.72 33.84 14.18
C SER C 34 28.77 34.30 15.19
N GLU C 35 28.56 33.98 16.46
CA GLU C 35 29.52 34.37 17.50
C GLU C 35 30.30 33.21 18.08
N ASN C 36 31.46 33.52 18.64
CA ASN C 36 32.27 32.55 19.34
C ASN C 36 33.06 33.28 20.42
N LEU C 37 33.97 32.57 21.07
CA LEU C 37 34.89 33.21 22.03
C LEU C 37 36.32 32.86 21.68
N THR C 38 37.12 33.88 21.40
CA THR C 38 38.54 33.70 21.09
C THR C 38 39.31 33.38 22.36
N ASN C 39 40.35 32.56 22.24
CA ASN C 39 41.20 32.23 23.38
C ASN C 39 42.19 33.36 23.65
N GLY C 40 43.00 33.22 24.70
CA GLY C 40 43.97 34.25 25.08
C GLY C 40 45.02 34.53 24.03
N ALA C 41 45.41 33.50 23.27
CA ALA C 41 46.48 33.61 22.28
C ALA C 41 46.10 34.37 21.02
N VAL C 42 44.85 34.22 20.61
CA VAL C 42 44.29 35.02 19.52
C VAL C 42 44.23 36.49 19.96
N ARG C 43 43.80 36.74 21.19
CA ARG C 43 43.78 38.10 21.73
C ARG C 43 45.14 38.71 22.01
N GLU C 44 46.15 37.86 22.19
CA GLU C 44 47.54 38.29 22.38
C GLU C 44 48.10 38.75 21.05
N CYS C 45 47.68 38.08 19.97
CA CYS C 45 48.08 38.44 18.62
C CYS C 45 47.39 39.73 18.15
N LEU C 46 46.14 39.92 18.53
CA LEU C 46 45.42 41.16 18.21
C LEU C 46 46.00 42.39 18.90
N GLY C 47 46.61 42.19 20.06
CA GLY C 47 47.21 43.29 20.81
C GLY C 47 48.72 43.38 20.65
N ASN C 48 49.23 42.77 19.57
CA ASN C 48 50.65 42.73 19.29
C ASN C 48 51.15 43.98 18.53
N ARG C 49 52.38 44.42 18.80
CA ARG C 49 52.97 45.61 18.15
C ARG C 49 53.13 45.47 16.62
N VAL C 50 52.76 44.32 16.10
CA VAL C 50 52.90 44.06 14.67
C VAL C 50 52.02 45.01 13.84
N SER C 51 51.03 45.63 14.50
CA SER C 51 50.11 46.56 13.82
C SER C 51 50.67 47.98 13.71
N ASN C 52 51.86 48.21 14.26
CA ASN C 52 52.62 49.43 14.01
C ASN C 52 53.13 49.54 12.56
N LYS C 53 52.94 48.49 11.77
CA LYS C 53 53.64 48.35 10.52
C LYS C 53 52.78 48.57 9.28
N TYR C 54 53.22 49.50 8.44
CA TYR C 54 52.61 49.68 7.13
C TYR C 54 53.17 48.65 6.15
N SER C 55 52.29 47.81 5.62
CA SER C 55 52.69 46.67 4.81
C SER C 55 51.95 46.58 3.48
N GLU C 56 51.65 47.73 2.88
CA GLU C 56 50.95 47.74 1.59
C GLU C 56 51.64 46.82 0.59
N GLY C 57 50.83 46.03 -0.12
CA GLY C 57 51.35 45.08 -1.09
C GLY C 57 51.17 43.66 -0.61
N TYR C 58 52.06 42.79 -1.08
CA TYR C 58 52.04 41.38 -0.71
C TYR C 58 53.45 40.91 -0.40
N PRO C 59 53.58 39.78 0.33
CA PRO C 59 54.91 39.27 0.70
C PRO C 59 55.91 39.30 -0.46
N LYS C 60 57.14 39.74 -0.18
CA LYS C 60 58.21 39.84 -1.18
C LYS C 60 57.97 40.94 -2.22
N LYS C 61 56.79 41.58 -2.17
CA LYS C 61 56.44 42.66 -3.10
C LYS C 61 55.77 43.85 -2.39
N ARG C 62 56.40 44.35 -1.34
CA ARG C 62 55.84 45.47 -0.57
C ARG C 62 56.27 46.80 -1.18
N TYR C 63 55.56 47.87 -0.82
CA TYR C 63 56.01 49.19 -1.22
C TYR C 63 57.10 49.73 -0.30
N TYR C 64 57.03 49.40 0.99
CA TYR C 64 58.07 49.82 1.91
C TYR C 64 58.91 48.64 2.39
N GLY C 65 60.15 48.92 2.77
CA GLY C 65 61.03 47.93 3.38
C GLY C 65 60.72 47.65 4.83
N GLY C 66 61.69 47.06 5.52
CA GLY C 66 61.51 46.59 6.89
C GLY C 66 60.42 45.54 7.06
N ASN C 67 59.97 44.94 5.95
CA ASN C 67 58.79 44.03 5.96
C ASN C 67 59.07 42.51 5.96
N ASP C 68 60.30 42.12 6.32
CA ASP C 68 60.72 40.71 6.32
C ASP C 68 59.91 39.84 7.28
N PHE C 69 59.80 40.29 8.52
CA PHE C 69 59.09 39.52 9.52
C PHE C 69 57.59 39.52 9.31
N ILE C 70 57.07 40.62 8.75
CA ILE C 70 55.66 40.74 8.33
C ILE C 70 55.41 39.77 7.19
N ASP C 71 56.31 39.76 6.21
CA ASP C 71 56.20 38.82 5.07
C ASP C 71 56.09 37.36 5.52
N LYS C 72 56.90 37.00 6.53
CA LYS C 72 56.89 35.64 7.09
C LYS C 72 55.60 35.35 7.82
N ILE C 73 54.97 36.39 8.39
CA ILE C 73 53.69 36.22 9.06
C ILE C 73 52.55 36.04 8.07
N GLU C 74 52.50 36.89 7.06
CA GLU C 74 51.47 36.75 6.02
C GLU C 74 51.62 35.44 5.24
N GLU C 75 52.87 34.98 5.05
CA GLU C 75 53.14 33.74 4.28
C GLU C 75 52.73 32.50 5.06
N LEU C 76 53.12 32.47 6.33
CA LEU C 76 52.66 31.46 7.26
C LEU C 76 51.13 31.34 7.24
N CYS C 77 50.46 32.50 7.27
CA CYS C 77 49.01 32.56 7.32
C CYS C 77 48.36 31.91 6.09
N GLN C 78 48.86 32.26 4.91
CA GLN C 78 48.41 31.67 3.65
C GLN C 78 48.60 30.15 3.61
N LYS C 79 49.77 29.68 4.03
CA LYS C 79 50.07 28.25 4.10
C LYS C 79 49.05 27.54 4.99
N ARG C 80 48.95 28.02 6.23
CA ARG C 80 48.07 27.45 7.26
C ARG C 80 46.62 27.47 6.84
N ALA C 81 46.25 28.43 5.97
CA ALA C 81 44.88 28.58 5.47
C ALA C 81 44.53 27.51 4.45
N LEU C 82 45.31 27.47 3.38
CA LEU C 82 45.21 26.43 2.35
C LEU C 82 45.30 25.02 2.94
N GLU C 83 46.25 24.80 3.84
CA GLU C 83 46.36 23.54 4.57
C GLU C 83 45.05 23.20 5.30
N ALA C 84 44.60 24.12 6.17
CA ALA C 84 43.37 23.94 6.95
C ALA C 84 42.17 23.58 6.10
N PHE C 85 42.07 24.16 4.92
CA PHE C 85 40.95 23.86 4.03
C PHE C 85 41.31 22.79 2.98
N ASN C 86 42.26 21.94 3.37
CA ASN C 86 42.62 20.73 2.64
C ASN C 86 42.70 20.99 1.14
N VAL C 87 43.64 21.85 0.78
CA VAL C 87 43.72 22.37 -0.56
C VAL C 87 45.19 22.68 -0.87
N SER C 88 45.57 22.47 -2.14
CA SER C 88 46.97 22.51 -2.55
C SER C 88 47.39 23.90 -3.02
N ASP C 89 48.54 24.36 -2.51
CA ASP C 89 49.08 25.70 -2.87
C ASP C 89 49.45 25.82 -4.36
N GLU C 90 49.09 24.79 -5.12
CA GLU C 90 49.35 24.74 -6.55
C GLU C 90 48.08 24.92 -7.37
N GLU C 91 46.94 24.62 -6.75
CA GLU C 91 45.62 24.74 -7.40
C GLU C 91 44.83 25.96 -6.87
N TRP C 92 45.08 26.30 -5.62
CA TRP C 92 44.34 27.35 -4.91
C TRP C 92 45.24 28.38 -4.31
N GLY C 93 44.81 29.64 -4.38
CA GLY C 93 45.44 30.73 -3.62
C GLY C 93 44.49 31.39 -2.62
N VAL C 94 45.09 32.07 -1.63
CA VAL C 94 44.37 32.90 -0.65
C VAL C 94 44.82 34.35 -0.59
N ASN C 95 43.86 35.23 -0.30
CA ASN C 95 44.17 36.57 0.21
C ASN C 95 43.74 36.70 1.70
N VAL C 96 44.69 37.13 2.53
CA VAL C 96 44.48 37.20 3.99
C VAL C 96 44.32 38.65 4.49
N GLN C 97 44.18 39.57 3.56
CA GLN C 97 44.14 40.98 3.89
C GLN C 97 42.76 41.58 4.14
N PRO C 98 41.68 40.96 3.60
CA PRO C 98 40.35 41.55 3.85
C PRO C 98 40.09 41.74 5.34
N LEU C 99 39.55 42.90 5.69
CA LEU C 99 39.41 43.28 7.11
C LEU C 99 38.19 42.66 7.78
N SER C 100 37.20 42.29 6.98
CA SER C 100 35.99 41.63 7.50
C SER C 100 35.25 40.93 6.36
N GLY C 101 34.24 40.13 6.70
CA GLY C 101 33.49 39.38 5.69
C GLY C 101 32.90 40.23 4.59
N SER C 102 32.29 41.36 4.96
CA SER C 102 31.64 42.25 4.01
C SER C 102 32.64 42.83 3.01
N ALA C 103 33.77 43.30 3.50
CA ALA C 103 34.82 43.82 2.62
C ALA C 103 35.30 42.72 1.67
N ALA C 104 35.46 41.51 2.21
CA ALA C 104 35.99 40.39 1.46
C ALA C 104 35.07 40.02 0.31
N ASN C 105 33.76 40.09 0.55
CA ASN C 105 32.79 39.78 -0.50
C ASN C 105 32.68 40.89 -1.55
N VAL C 106 32.69 42.15 -1.11
CA VAL C 106 32.66 43.28 -2.04
C VAL C 106 33.88 43.24 -2.96
N GLN C 107 35.04 42.95 -2.39
CA GLN C 107 36.30 42.86 -3.14
C GLN C 107 36.31 41.69 -4.13
N ALA C 108 35.97 40.49 -3.65
CA ALA C 108 35.89 39.28 -4.49
C ALA C 108 34.91 39.43 -5.65
N LEU C 109 33.73 39.99 -5.38
CA LEU C 109 32.72 40.21 -6.42
C LEU C 109 33.24 41.18 -7.47
N TYR C 110 33.86 42.27 -7.03
CA TYR C 110 34.45 43.25 -7.94
C TYR C 110 35.49 42.60 -8.85
N ALA C 111 36.42 41.86 -8.23
CA ALA C 111 37.48 41.16 -8.96
C ALA C 111 36.94 40.31 -10.12
N LEU C 112 35.79 39.68 -9.90
CA LEU C 112 35.20 38.76 -10.86
C LEU C 112 34.37 39.46 -11.93
N VAL C 113 33.60 40.47 -11.52
CA VAL C 113 32.58 41.03 -12.41
C VAL C 113 32.76 42.51 -12.78
N GLY C 114 33.41 43.28 -11.90
CA GLY C 114 33.59 44.71 -12.12
C GLY C 114 32.32 45.50 -11.96
N VAL C 115 32.44 46.82 -12.01
CA VAL C 115 31.31 47.73 -11.84
C VAL C 115 30.30 47.49 -12.96
N LYS C 116 29.02 47.60 -12.62
CA LYS C 116 27.91 47.30 -13.52
C LYS C 116 27.76 45.79 -13.80
N GLY C 117 28.66 44.98 -13.23
CA GLY C 117 28.58 43.52 -13.38
C GLY C 117 27.30 42.90 -12.82
N LYS C 118 26.97 41.70 -13.31
CA LYS C 118 25.72 41.03 -12.92
C LYS C 118 25.99 39.90 -11.92
N ILE C 119 25.21 39.89 -10.83
CA ILE C 119 25.40 38.88 -9.77
C ILE C 119 24.07 38.31 -9.24
N MET C 120 24.08 37.01 -8.93
CA MET C 120 22.96 36.37 -8.25
C MET C 120 23.32 35.99 -6.81
N GLY C 121 22.44 36.34 -5.88
CA GLY C 121 22.61 35.97 -4.49
C GLY C 121 21.28 35.55 -3.91
N MET C 122 21.32 34.83 -2.79
CA MET C 122 20.10 34.53 -2.06
C MET C 122 19.62 35.75 -1.27
N HIS C 123 18.32 36.03 -1.36
CA HIS C 123 17.66 37.12 -0.65
C HIS C 123 17.96 37.04 0.82
N LEU C 124 18.01 38.21 1.48
CA LEU C 124 18.28 38.28 2.92
C LEU C 124 17.20 37.60 3.74
N CYS C 125 15.94 37.82 3.37
CA CYS C 125 14.80 37.20 4.06
C CYS C 125 14.81 35.68 3.94
N SER C 126 15.54 35.15 2.95
CA SER C 126 15.64 33.71 2.73
C SER C 126 16.88 33.11 3.41
N GLY C 127 17.77 33.97 3.88
CA GLY C 127 18.94 33.50 4.60
C GLY C 127 20.27 33.89 4.01
N GLY C 128 20.23 34.72 2.97
CA GLY C 128 21.46 35.29 2.41
C GLY C 128 21.97 36.48 3.22
N HIS C 129 23.12 36.99 2.79
CA HIS C 129 23.76 38.11 3.44
C HIS C 129 23.63 39.36 2.64
N LEU C 130 23.68 40.49 3.35
CA LEU C 130 23.64 41.80 2.73
C LEU C 130 24.58 41.90 1.52
N THR C 131 25.83 41.46 1.70
CA THR C 131 26.84 41.53 0.63
C THR C 131 26.62 40.52 -0.51
N HIS C 132 25.50 39.80 -0.48
CA HIS C 132 25.11 38.96 -1.60
C HIS C 132 24.14 39.67 -2.52
N GLY C 133 24.26 40.99 -2.63
CA GLY C 133 23.48 41.77 -3.58
C GLY C 133 22.11 42.20 -3.11
N PHE C 134 21.99 42.49 -1.82
CA PHE C 134 20.67 42.75 -1.26
C PHE C 134 20.12 44.15 -1.55
N PHE C 135 18.82 44.21 -1.86
CA PHE C 135 18.12 45.48 -2.00
C PHE C 135 16.66 45.42 -1.60
N ASP C 136 16.11 46.59 -1.27
CA ASP C 136 14.69 46.75 -1.01
C ASP C 136 14.08 47.08 -2.36
N GLU C 137 12.85 47.58 -2.36
CA GLU C 137 12.32 48.18 -3.59
C GLU C 137 12.96 49.56 -3.75
N LYS C 138 13.76 49.70 -4.82
CA LYS C 138 14.40 50.98 -5.19
C LYS C 138 15.54 51.39 -4.25
N LYS C 139 15.44 51.05 -2.96
CA LYS C 139 16.52 51.30 -2.00
C LYS C 139 17.58 50.19 -2.09
N LYS C 140 18.70 50.50 -2.73
CA LYS C 140 19.83 49.58 -2.85
C LYS C 140 20.55 49.52 -1.52
N VAL C 141 20.05 48.70 -0.61
CA VAL C 141 20.52 48.69 0.78
C VAL C 141 22.02 48.40 0.89
N SER C 142 22.48 47.38 0.17
CA SER C 142 23.87 46.98 0.19
C SER C 142 24.57 47.54 -1.04
N ILE C 143 25.84 47.89 -0.90
CA ILE C 143 26.63 48.33 -2.05
C ILE C 143 26.60 47.27 -3.16
N THR C 144 26.50 46.00 -2.77
CA THR C 144 26.58 44.89 -3.73
C THR C 144 25.40 44.85 -4.69
N SER C 145 24.38 45.67 -4.42
CA SER C 145 23.24 45.83 -5.32
C SER C 145 23.32 47.12 -6.12
N ASP C 146 24.14 48.07 -5.64
CA ASP C 146 24.31 49.36 -6.30
C ASP C 146 25.47 49.38 -7.29
N MET C 147 26.63 48.90 -6.87
CA MET C 147 27.81 48.95 -7.74
C MET C 147 27.81 47.77 -8.71
N PHE C 148 26.98 46.79 -8.42
CA PHE C 148 26.73 45.67 -9.31
C PHE C 148 25.23 45.66 -9.59
N GLU C 149 24.81 44.94 -10.63
CA GLU C 149 23.39 44.73 -10.89
C GLU C 149 23.05 43.35 -10.36
N SER C 150 22.10 43.30 -9.43
CA SER C 150 21.87 42.05 -8.73
C SER C 150 20.44 41.57 -8.79
N LYS C 151 20.27 40.26 -8.71
CA LYS C 151 18.96 39.65 -8.61
C LYS C 151 18.97 38.55 -7.57
N LEU C 152 17.86 38.46 -6.83
CA LEU C 152 17.81 37.63 -5.64
C LEU C 152 16.89 36.43 -5.77
N TYR C 153 17.44 35.24 -5.52
CA TYR C 153 16.63 34.02 -5.47
C TYR C 153 16.14 33.76 -4.06
N LYS C 154 15.05 32.99 -3.94
CA LYS C 154 14.48 32.67 -2.62
C LYS C 154 14.56 31.18 -2.32
N CYS C 155 14.10 30.81 -1.14
CA CYS C 155 13.98 29.40 -0.78
C CYS C 155 12.50 29.08 -0.96
N ASN C 156 12.16 27.79 -0.99
CA ASN C 156 10.74 27.40 -1.12
C ASN C 156 10.03 27.51 0.22
N SER C 157 8.71 27.28 0.25
CA SER C 157 7.99 27.46 1.51
C SER C 157 8.34 26.40 2.58
N GLN C 158 9.13 25.40 2.19
CA GLN C 158 9.68 24.39 3.11
C GLN C 158 11.02 24.87 3.71
N GLY C 159 11.55 25.98 3.21
CA GLY C 159 12.80 26.58 3.71
C GLY C 159 14.11 26.14 3.06
N TYR C 160 14.02 25.41 1.95
CA TYR C 160 15.23 24.93 1.25
C TYR C 160 15.55 25.78 0.02
N VAL C 161 16.81 25.78 -0.40
CA VAL C 161 17.23 26.39 -1.66
C VAL C 161 16.38 25.85 -2.82
N ASP C 162 15.70 26.77 -3.50
CA ASP C 162 14.84 26.44 -4.63
C ASP C 162 15.67 26.31 -5.90
N LEU C 163 16.47 25.23 -6.00
CA LEU C 163 17.39 25.04 -7.13
C LEU C 163 16.75 25.22 -8.50
N ASP C 164 15.46 24.87 -8.62
CA ASP C 164 14.71 25.06 -9.85
C ASP C 164 14.49 26.54 -10.21
N ALA C 165 14.19 27.36 -9.21
CA ALA C 165 14.02 28.80 -9.45
C ALA C 165 15.34 29.50 -9.71
N VAL C 166 16.41 28.98 -9.08
CA VAL C 166 17.78 29.45 -9.29
C VAL C 166 18.17 29.30 -10.78
N ARG C 167 17.76 28.19 -11.39
CA ARG C 167 18.01 27.95 -12.81
C ARG C 167 17.11 28.84 -13.67
N GLU C 168 15.82 28.86 -13.39
CA GLU C 168 14.86 29.69 -14.13
C GLU C 168 15.18 31.18 -14.05
N MET C 169 15.96 31.55 -13.02
CA MET C 169 16.42 32.92 -12.85
C MET C 169 17.77 33.15 -13.52
N ALA C 170 18.69 32.18 -13.40
CA ALA C 170 20.01 32.29 -14.03
C ALA C 170 19.94 32.41 -15.57
N LEU C 171 19.08 31.60 -16.19
CA LEU C 171 18.89 31.63 -17.64
C LEU C 171 18.19 32.91 -18.10
N SER C 172 17.29 33.42 -17.28
CA SER C 172 16.57 34.65 -17.57
C SER C 172 17.38 35.93 -17.31
N PHE C 173 18.26 35.90 -16.30
CA PHE C 173 19.04 37.07 -15.89
C PHE C 173 20.46 37.11 -16.45
N LYS C 174 21.04 35.93 -16.68
CA LYS C 174 22.39 35.78 -17.22
C LYS C 174 23.49 36.47 -16.38
N PRO C 175 23.72 36.00 -15.14
CA PRO C 175 24.72 36.59 -14.25
C PRO C 175 26.12 36.07 -14.50
N LYS C 176 27.14 36.81 -14.06
CA LYS C 176 28.54 36.38 -14.22
C LYS C 176 29.12 35.73 -12.96
N VAL C 177 28.33 35.74 -11.88
CA VAL C 177 28.65 35.00 -10.65
C VAL C 177 27.38 34.71 -9.87
N ILE C 178 27.27 33.49 -9.33
CA ILE C 178 26.17 33.13 -8.43
C ILE C 178 26.73 32.78 -7.06
N ILE C 179 26.15 33.35 -6.01
CA ILE C 179 26.63 33.15 -4.64
C ILE C 179 25.77 32.13 -3.89
N CYS C 180 26.43 31.19 -3.22
CA CYS C 180 25.79 30.30 -2.26
C CYS C 180 26.67 30.26 -1.02
N GLY C 181 26.15 29.67 0.07
CA GLY C 181 26.77 29.82 1.38
C GLY C 181 26.08 31.02 2.04
N TYR C 182 25.59 30.83 3.27
CA TYR C 182 24.56 31.72 3.77
C TYR C 182 24.72 32.23 5.21
N THR C 183 23.92 33.26 5.52
CA THR C 183 23.92 33.88 6.83
C THR C 183 23.11 33.01 7.79
N SER C 184 21.93 32.62 7.33
CA SER C 184 21.00 31.87 8.14
C SER C 184 20.43 30.77 7.31
N TYR C 185 21.09 29.61 7.33
CA TYR C 185 20.63 28.46 6.60
C TYR C 185 20.98 27.21 7.38
N PRO C 186 19.95 26.46 7.82
CA PRO C 186 20.11 25.28 8.70
C PRO C 186 20.55 23.99 7.99
N ARG C 187 20.69 24.03 6.68
CA ARG C 187 21.06 22.80 5.93
C ARG C 187 22.34 22.94 5.13
N ASP C 188 22.89 21.80 4.71
CA ASP C 188 24.07 21.80 3.84
C ASP C 188 23.65 22.22 2.43
N ILE C 189 24.63 22.53 1.60
CA ILE C 189 24.40 23.11 0.27
C ILE C 189 24.81 22.12 -0.81
N ASP C 190 24.05 22.10 -1.90
CA ASP C 190 24.43 21.32 -3.06
C ASP C 190 25.32 22.15 -3.99
N TYR C 191 26.62 22.14 -3.71
CA TYR C 191 27.58 22.90 -4.50
C TYR C 191 27.64 22.32 -5.90
N GLN C 192 27.74 20.99 -5.97
CA GLN C 192 27.64 20.24 -7.23
C GLN C 192 26.56 20.85 -8.14
N GLN C 193 25.34 20.97 -7.61
CA GLN C 193 24.20 21.47 -8.37
C GLN C 193 24.30 22.95 -8.71
N PHE C 194 24.97 23.73 -7.86
CA PHE C 194 25.21 25.14 -8.16
C PHE C 194 26.21 25.28 -9.30
N ARG C 195 27.26 24.46 -9.25
CA ARG C 195 28.26 24.36 -10.31
C ARG C 195 27.62 24.11 -11.69
N GLN C 196 26.68 23.16 -11.74
CA GLN C 196 25.99 22.81 -12.99
C GLN C 196 25.24 23.99 -13.58
N ILE C 197 24.59 24.77 -12.70
CA ILE C 197 23.81 25.93 -13.14
C ILE C 197 24.72 27.04 -13.65
N CYS C 198 25.82 27.26 -12.95
CA CYS C 198 26.79 28.26 -13.33
C CYS C 198 27.42 27.97 -14.71
N ASP C 199 27.85 26.71 -14.91
CA ASP C 199 28.38 26.26 -16.20
C ASP C 199 27.45 26.62 -17.37
N GLU C 200 26.16 26.31 -17.21
CA GLU C 200 25.17 26.54 -18.27
C GLU C 200 25.18 27.97 -18.77
N VAL C 201 25.33 28.93 -17.85
CA VAL C 201 25.21 30.35 -18.21
C VAL C 201 26.56 31.06 -18.31
N ASN C 202 27.64 30.28 -18.23
CA ASN C 202 29.01 30.79 -18.17
C ASN C 202 29.22 31.79 -17.02
N ALA C 203 29.02 31.30 -15.80
CA ALA C 203 29.13 32.10 -14.60
C ALA C 203 30.14 31.52 -13.62
N TYR C 204 30.76 32.40 -12.85
CA TYR C 204 31.61 31.99 -11.72
C TYR C 204 30.78 31.42 -10.58
N LEU C 205 31.38 30.53 -9.79
CA LEU C 205 30.77 29.95 -8.59
C LEU C 205 31.38 30.49 -7.28
N PHE C 206 30.56 31.21 -6.52
CA PHE C 206 30.98 31.85 -5.27
C PHE C 206 30.42 31.10 -4.06
N ALA C 207 31.31 30.56 -3.25
CA ALA C 207 30.95 29.97 -1.96
C ALA C 207 31.34 30.87 -0.77
N ASP C 208 30.33 31.37 -0.07
CA ASP C 208 30.57 32.11 1.15
C ASP C 208 30.21 31.18 2.30
N ILE C 209 31.23 30.51 2.84
CA ILE C 209 31.08 29.51 3.89
C ILE C 209 31.35 30.03 5.33
N SER C 210 31.20 31.34 5.52
CA SER C 210 31.49 32.01 6.81
C SER C 210 30.87 31.33 8.01
N HIS C 211 29.65 30.85 7.85
CA HIS C 211 28.94 30.23 8.97
C HIS C 211 29.25 28.79 9.19
N ILE C 212 29.86 28.15 8.20
CA ILE C 212 30.04 26.71 8.25
C ILE C 212 31.50 26.30 7.97
N SER C 213 32.38 27.29 7.91
CA SER C 213 33.78 27.12 7.53
C SER C 213 34.46 25.90 8.18
N SER C 214 34.28 25.76 9.49
CA SER C 214 34.83 24.64 10.25
C SER C 214 34.37 23.28 9.74
N PHE C 215 33.09 23.16 9.40
CA PHE C 215 32.55 21.94 8.84
C PHE C 215 33.21 21.59 7.52
N VAL C 216 33.52 22.61 6.73
CA VAL C 216 34.14 22.40 5.43
C VAL C 216 35.59 21.97 5.62
N ALA C 217 36.27 22.55 6.60
CA ALA C 217 37.67 22.23 6.84
C ALA C 217 37.83 20.83 7.43
N CYS C 218 36.88 20.41 8.26
CA CYS C 218 36.96 19.15 8.99
C CYS C 218 36.26 17.99 8.26
N ASN C 219 35.93 18.17 6.98
CA ASN C 219 35.27 17.14 6.13
C ASN C 219 34.00 16.51 6.72
N ILE C 220 33.22 17.37 7.38
CA ILE C 220 31.97 16.98 8.02
C ILE C 220 30.77 17.36 7.14
N LEU C 221 30.97 18.36 6.28
CA LEU C 221 29.95 18.81 5.35
C LEU C 221 30.49 18.85 3.91
N ASN C 222 29.60 19.03 2.94
CA ASN C 222 29.98 19.15 1.52
C ASN C 222 31.14 20.09 1.29
N ASN C 223 31.99 19.75 0.31
CA ASN C 223 33.20 20.54 0.04
C ASN C 223 33.03 21.49 -1.14
N PRO C 224 33.01 22.81 -0.87
CA PRO C 224 32.78 23.78 -1.94
C PRO C 224 34.01 23.91 -2.84
N PHE C 225 35.18 23.58 -2.31
CA PHE C 225 36.43 23.71 -3.06
C PHE C 225 36.50 22.83 -4.30
N LEU C 226 35.69 21.76 -4.32
CA LEU C 226 35.64 20.85 -5.46
C LEU C 226 34.94 21.47 -6.67
N HIS C 227 34.04 22.41 -6.42
CA HIS C 227 33.26 23.02 -7.50
C HIS C 227 33.48 24.50 -7.66
N ALA C 228 33.90 25.16 -6.58
CA ALA C 228 33.91 26.65 -6.53
C ALA C 228 35.12 27.34 -7.15
N ASP C 229 34.84 28.42 -7.87
CA ASP C 229 35.87 29.32 -8.36
C ASP C 229 36.45 30.19 -7.23
N VAL C 230 35.56 30.69 -6.38
CA VAL C 230 35.93 31.56 -5.25
C VAL C 230 35.23 31.14 -3.97
N VAL C 231 35.99 30.96 -2.90
CA VAL C 231 35.42 30.76 -1.59
C VAL C 231 35.82 31.88 -0.63
N THR C 232 34.83 32.50 0.01
CA THR C 232 35.12 33.44 1.09
C THR C 232 34.65 32.87 2.42
N THR C 233 35.35 33.27 3.48
CA THR C 233 34.94 32.99 4.84
C THR C 233 35.39 34.08 5.81
N THR C 234 34.54 34.44 6.75
CA THR C 234 34.98 35.21 7.91
C THR C 234 35.76 34.27 8.81
N THR C 235 36.48 34.81 9.78
CA THR C 235 37.33 33.98 10.65
C THR C 235 36.86 33.99 12.12
N HIS C 236 35.89 34.84 12.41
CA HIS C 236 35.44 35.09 13.80
C HIS C 236 34.25 34.28 14.22
N LYS C 237 33.66 33.54 13.30
CA LYS C 237 32.46 32.76 13.59
C LYS C 237 32.85 31.36 14.04
N ILE C 238 32.30 30.32 13.41
CA ILE C 238 32.60 28.92 13.82
C ILE C 238 34.11 28.58 13.82
N LEU C 239 34.88 29.18 12.91
CA LEU C 239 36.35 29.08 12.91
C LEU C 239 37.01 29.56 14.19
N ARG C 240 36.31 30.40 14.94
CA ARG C 240 36.74 30.86 16.28
C ARG C 240 38.06 31.61 16.22
N GLY C 241 38.24 32.40 15.16
CA GLY C 241 39.39 33.30 15.05
C GLY C 241 39.01 34.74 15.33
N PRO C 242 39.86 35.69 14.87
CA PRO C 242 39.62 37.11 15.05
C PRO C 242 38.62 37.60 14.03
N ARG C 243 38.27 38.88 14.12
CA ARG C 243 37.37 39.47 13.15
C ARG C 243 38.21 39.82 11.93
N SER C 244 38.02 39.00 10.89
CA SER C 244 38.79 39.09 9.65
C SER C 244 38.18 38.16 8.60
N ALA C 245 38.70 38.20 7.39
CA ALA C 245 38.16 37.36 6.35
C ALA C 245 39.23 36.80 5.42
N LEU C 246 38.88 35.72 4.73
CA LEU C 246 39.77 35.05 3.80
C LEU C 246 39.11 34.96 2.43
N ILE C 247 39.91 35.16 1.38
CA ILE C 247 39.43 34.94 0.00
C ILE C 247 40.24 33.85 -0.69
N PHE C 248 39.53 32.80 -1.12
CA PHE C 248 40.13 31.68 -1.81
C PHE C 248 39.75 31.73 -3.28
N PHE C 249 40.73 31.47 -4.15
CA PHE C 249 40.47 31.50 -5.59
C PHE C 249 41.12 30.30 -6.28
N ASN C 250 40.34 29.64 -7.12
CA ASN C 250 40.80 28.48 -7.88
C ASN C 250 41.47 28.93 -9.17
N LYS C 251 42.79 29.03 -9.13
CA LYS C 251 43.58 29.48 -10.30
C LYS C 251 43.63 28.42 -11.41
N LYS C 252 43.60 27.14 -11.01
CA LYS C 252 43.60 26.02 -11.95
C LYS C 252 42.32 25.97 -12.79
N ARG C 253 41.29 26.69 -12.38
CA ARG C 253 40.08 26.79 -13.17
C ARG C 253 39.99 28.14 -13.87
N ASN C 254 40.76 29.12 -13.36
CA ASN C 254 40.66 30.50 -13.83
C ASN C 254 42.02 31.13 -14.05
N PRO C 255 42.30 31.54 -15.31
CA PRO C 255 43.64 31.93 -15.77
C PRO C 255 44.30 33.00 -14.89
N GLY C 256 43.88 34.25 -15.05
CA GLY C 256 44.47 35.36 -14.31
C GLY C 256 43.61 35.81 -13.15
N ILE C 257 43.28 34.89 -12.25
CA ILE C 257 42.44 35.20 -11.09
C ILE C 257 43.28 35.60 -9.87
N GLU C 258 44.53 35.13 -9.80
CA GLU C 258 45.43 35.52 -8.73
C GLU C 258 45.59 37.03 -8.67
N GLN C 259 45.97 37.62 -9.81
CA GLN C 259 46.11 39.07 -9.95
C GLN C 259 44.79 39.77 -9.61
N LYS C 260 43.70 39.36 -10.27
CA LYS C 260 42.40 40.03 -10.15
C LYS C 260 41.87 40.13 -8.72
N ILE C 261 42.03 39.07 -7.92
CA ILE C 261 41.65 39.09 -6.51
C ILE C 261 42.64 39.93 -5.72
N ASN C 262 43.93 39.69 -5.93
CA ASN C 262 44.97 40.33 -5.14
C ASN C 262 45.01 41.84 -5.26
N SER C 263 44.54 42.35 -6.40
CA SER C 263 44.49 43.79 -6.59
C SER C 263 43.12 44.39 -6.35
N ALA C 264 42.07 43.58 -6.32
CA ALA C 264 40.78 44.06 -5.83
C ALA C 264 40.89 44.41 -4.33
N VAL C 265 41.71 43.67 -3.60
CA VAL C 265 41.96 43.90 -2.19
C VAL C 265 42.88 45.12 -2.04
N PHE C 266 44.01 45.09 -2.75
CA PHE C 266 44.91 46.22 -2.78
C PHE C 266 45.56 46.36 -4.15
N PRO C 267 45.49 47.55 -4.76
CA PRO C 267 45.06 48.82 -4.17
C PRO C 267 43.68 49.30 -4.57
N SER C 268 42.80 48.41 -5.00
CA SER C 268 41.47 48.84 -5.38
C SER C 268 40.68 49.34 -4.15
N PHE C 269 40.59 48.52 -3.12
CA PHE C 269 39.71 48.81 -1.97
C PHE C 269 40.45 49.22 -0.69
N GLN C 270 41.42 48.42 -0.27
CA GLN C 270 42.12 48.61 1.01
C GLN C 270 43.47 49.30 0.85
N GLY C 271 44.06 49.70 1.97
CA GLY C 271 45.43 50.20 2.01
C GLY C 271 46.30 49.24 2.81
N GLY C 272 46.95 49.76 3.85
CA GLY C 272 47.76 48.93 4.74
C GLY C 272 46.95 47.75 5.26
N PRO C 273 47.56 46.54 5.28
CA PRO C 273 46.86 45.44 5.96
C PRO C 273 46.96 45.61 7.46
N HIS C 274 46.05 44.98 8.20
CA HIS C 274 46.12 45.00 9.65
C HIS C 274 46.82 43.75 10.08
N ASN C 275 48.12 43.89 10.29
CA ASN C 275 49.01 42.76 10.57
C ASN C 275 48.67 41.99 11.83
N ASN C 276 48.07 42.65 12.83
CA ASN C 276 47.64 41.96 14.05
C ASN C 276 46.50 40.98 13.77
N LYS C 277 45.70 41.31 12.76
CA LYS C 277 44.64 40.44 12.32
C LYS C 277 45.26 39.23 11.64
N ILE C 278 46.23 39.46 10.76
CA ILE C 278 46.90 38.38 10.03
C ILE C 278 47.57 37.41 11.01
N ALA C 279 48.30 37.96 11.98
CA ALA C 279 48.88 37.18 13.07
C ALA C 279 47.86 36.35 13.86
N ALA C 280 46.69 36.92 14.17
CA ALA C 280 45.69 36.17 14.93
C ALA C 280 45.04 35.05 14.13
N VAL C 281 44.80 35.31 12.85
CA VAL C 281 44.29 34.31 11.92
C VAL C 281 45.30 33.17 11.80
N ALA C 282 46.58 33.52 11.63
CA ALA C 282 47.65 32.55 11.55
C ALA C 282 47.59 31.59 12.73
N CYS C 283 47.42 32.17 13.91
CA CYS C 283 47.39 31.44 15.17
C CYS C 283 46.22 30.46 15.28
N GLN C 284 45.05 30.91 14.85
CA GLN C 284 43.84 30.09 14.94
C GLN C 284 43.82 29.00 13.86
N LEU C 285 44.34 29.33 12.68
CA LEU C 285 44.38 28.37 11.58
C LEU C 285 45.22 27.14 11.93
N LYS C 286 46.31 27.34 12.67
CA LYS C 286 47.08 26.23 13.19
C LYS C 286 46.15 25.33 13.96
N GLU C 287 45.47 25.91 14.96
CA GLU C 287 44.52 25.18 15.79
C GLU C 287 43.43 24.49 14.98
N VAL C 288 43.00 25.11 13.89
CA VAL C 288 41.95 24.56 13.03
C VAL C 288 42.36 23.22 12.43
N HIS C 289 43.64 23.09 12.09
CA HIS C 289 44.14 21.86 11.45
C HIS C 289 44.28 20.67 12.36
N SER C 290 44.38 20.89 13.67
CA SER C 290 44.53 19.81 14.64
C SER C 290 43.21 19.07 14.87
N PRO C 291 43.23 17.71 14.87
CA PRO C 291 42.03 16.90 15.10
C PRO C 291 41.31 17.19 16.44
N ALA C 292 41.99 17.86 17.37
CA ALA C 292 41.34 18.35 18.59
C ALA C 292 40.23 19.37 18.27
N PHE C 293 40.47 20.20 17.25
CA PHE C 293 39.49 21.17 16.80
C PHE C 293 38.39 20.47 16.01
N LYS C 294 38.77 19.43 15.26
CA LYS C 294 37.77 18.58 14.59
C LYS C 294 36.82 18.00 15.62
N GLU C 295 37.37 17.67 16.80
CA GLU C 295 36.56 17.20 17.92
C GLU C 295 35.52 18.28 18.27
N TYR C 296 36.00 19.51 18.49
CA TYR C 296 35.14 20.63 18.84
C TYR C 296 34.03 20.83 17.82
N THR C 297 34.40 20.87 16.53
CA THR C 297 33.46 21.04 15.42
C THR C 297 32.40 19.95 15.43
N GLN C 298 32.84 18.70 15.60
CA GLN C 298 31.94 17.56 15.80
C GLN C 298 30.95 17.82 16.92
N GLN C 299 31.47 18.32 18.06
CA GLN C 299 30.62 18.62 19.23
C GLN C 299 29.61 19.74 18.95
N VAL C 300 30.02 20.73 18.16
CA VAL C 300 29.10 21.78 17.70
C VAL C 300 27.89 21.15 16.98
N LEU C 301 28.17 20.18 16.11
CA LEU C 301 27.09 19.49 15.39
C LEU C 301 26.25 18.63 16.33
N LEU C 302 26.91 17.80 17.14
CA LEU C 302 26.20 16.95 18.09
C LEU C 302 25.28 17.80 18.97
N ASN C 303 25.83 18.88 19.53
CA ASN C 303 25.03 19.85 20.30
C ASN C 303 23.85 20.44 19.53
N SER C 304 24.08 20.80 18.28
CA SER C 304 23.02 21.33 17.42
C SER C 304 21.91 20.30 17.14
N LYS C 305 22.30 19.08 16.77
CA LYS C 305 21.36 17.97 16.61
C LYS C 305 20.54 17.74 17.87
N ALA C 306 21.20 17.75 19.03
CA ALA C 306 20.55 17.48 20.31
C ALA C 306 19.58 18.59 20.70
N LEU C 307 19.90 19.81 20.31
CA LEU C 307 19.07 20.97 20.58
C LEU C 307 17.83 21.00 19.70
N ALA C 308 18.02 20.68 18.42
CA ALA C 308 16.93 20.58 17.47
C ALA C 308 15.90 19.56 17.96
N LYS C 309 16.39 18.37 18.28
CA LYS C 309 15.55 17.27 18.76
C LYS C 309 14.78 17.64 20.02
N ALA C 310 15.47 18.30 20.96
CA ALA C 310 14.89 18.59 22.28
C ALA C 310 13.82 19.66 22.14
N LEU C 311 14.06 20.62 21.25
CA LEU C 311 13.06 21.62 20.91
C LEU C 311 11.85 20.95 20.30
N ILE C 312 12.09 20.03 19.34
CA ILE C 312 11.00 19.29 18.71
C ILE C 312 10.18 18.49 19.71
N SER C 313 10.87 17.80 20.62
CA SER C 313 10.20 17.03 21.69
C SER C 313 9.32 17.90 22.59
N LYS C 314 9.48 19.22 22.51
CA LYS C 314 8.64 20.18 23.26
C LYS C 314 7.64 20.88 22.34
N GLN C 315 7.32 20.23 21.21
CA GLN C 315 6.40 20.75 20.19
C GLN C 315 6.76 22.12 19.67
N ILE C 316 8.05 22.33 19.41
CA ILE C 316 8.50 23.57 18.77
C ILE C 316 8.91 23.27 17.32
N ASP C 317 8.35 24.05 16.40
CA ASP C 317 8.64 23.89 14.98
C ASP C 317 9.99 24.51 14.57
N LEU C 318 10.72 23.79 13.72
CA LEU C 318 11.96 24.27 13.12
C LEU C 318 11.81 24.33 11.60
N VAL C 319 12.35 25.38 10.99
CA VAL C 319 12.32 25.50 9.52
C VAL C 319 13.21 24.42 8.93
N THR C 320 12.66 23.66 7.98
CA THR C 320 13.23 22.41 7.44
C THR C 320 13.22 21.25 8.46
N ASN C 321 12.56 21.46 9.60
CA ASN C 321 12.41 20.43 10.65
C ASN C 321 13.68 19.82 11.23
N GLY C 322 14.80 20.50 11.08
CA GLY C 322 16.05 20.05 11.69
C GLY C 322 17.24 20.89 11.26
N THR C 323 18.42 20.31 11.37
CA THR C 323 19.67 20.99 11.04
C THR C 323 20.74 20.00 10.53
N ASP C 324 21.61 20.47 9.64
CA ASP C 324 22.76 19.70 9.20
C ASP C 324 24.01 20.33 9.79
N ASN C 325 23.84 21.49 10.42
CA ASN C 325 24.97 22.28 10.87
C ASN C 325 24.82 22.81 12.30
N HIS C 326 25.37 23.99 12.53
CA HIS C 326 25.44 24.63 13.84
C HIS C 326 24.21 25.47 14.16
N LEU C 327 23.28 25.53 13.21
CA LEU C 327 22.29 26.60 13.16
C LEU C 327 20.86 26.05 13.10
N ILE C 328 20.01 26.52 14.01
CA ILE C 328 18.60 26.14 13.98
C ILE C 328 17.79 27.40 13.70
N VAL C 329 16.67 27.27 12.99
CA VAL C 329 15.72 28.37 12.93
C VAL C 329 14.38 27.93 13.44
N VAL C 330 13.93 28.55 14.53
CA VAL C 330 12.65 28.24 15.14
C VAL C 330 11.53 28.99 14.41
N ASP C 331 10.50 28.26 14.01
CA ASP C 331 9.26 28.82 13.47
C ASP C 331 8.25 29.00 14.60
N LEU C 332 7.88 30.26 14.85
CA LEU C 332 7.01 30.62 15.97
C LEU C 332 5.52 30.84 15.65
N ARG C 333 5.10 30.75 14.38
CA ARG C 333 3.68 30.93 13.99
C ARG C 333 2.74 30.31 15.02
N LYS C 334 2.92 29.00 15.23
CA LYS C 334 2.21 28.16 16.19
C LYS C 334 1.80 28.86 17.50
N PHE C 335 2.62 29.82 17.93
CA PHE C 335 2.44 30.51 19.19
C PHE C 335 1.92 31.95 19.04
N SER C 336 1.74 32.39 17.79
CA SER C 336 1.28 33.75 17.50
C SER C 336 2.12 34.83 18.20
N ILE C 337 3.43 34.69 18.09
CA ILE C 337 4.39 35.67 18.59
C ILE C 337 5.46 35.86 17.52
N THR C 338 6.19 36.98 17.60
CA THR C 338 7.25 37.30 16.66
C THR C 338 8.60 36.89 17.24
N GLY C 339 9.58 36.68 16.35
CA GLY C 339 10.97 36.59 16.76
C GLY C 339 11.42 37.86 17.47
N SER C 340 10.86 38.99 17.02
CA SER C 340 11.10 40.32 17.58
C SER C 340 10.86 40.33 19.08
N LYS C 341 9.70 39.85 19.50
CA LYS C 341 9.37 39.74 20.91
C LYS C 341 10.28 38.77 21.66
N LEU C 342 10.48 37.57 21.10
CA LEU C 342 11.23 36.52 21.77
C LEU C 342 12.67 36.94 22.04
N GLN C 343 13.25 37.64 21.06
CA GLN C 343 14.56 38.28 21.25
C GLN C 343 14.56 39.19 22.49
N GLU C 344 13.54 40.03 22.63
CA GLU C 344 13.43 40.92 23.79
C GLU C 344 13.30 40.14 25.10
N THR C 345 12.51 39.06 25.06
CA THR C 345 12.33 38.18 26.22
C THR C 345 13.61 37.48 26.63
N CYS C 346 14.41 37.04 25.66
CA CYS C 346 15.65 36.32 25.97
C CYS C 346 16.73 37.29 26.47
N ASN C 347 16.74 38.51 25.93
CA ASN C 347 17.58 39.59 26.47
C ASN C 347 17.40 39.75 27.99
N ALA C 348 16.14 39.77 28.43
CA ALA C 348 15.82 39.91 29.86
C ALA C 348 16.31 38.75 30.74
N ILE C 349 16.58 37.59 30.14
CA ILE C 349 17.04 36.44 30.90
C ILE C 349 18.47 36.02 30.54
N ASN C 350 19.24 36.97 30.04
CA ASN C 350 20.59 36.73 29.57
C ASN C 350 20.74 35.55 28.56
N VAL C 351 19.74 35.40 27.69
CA VAL C 351 19.83 34.46 26.57
C VAL C 351 20.00 35.26 25.28
N SER C 352 21.15 35.11 24.65
CA SER C 352 21.47 35.89 23.47
C SER C 352 21.07 35.10 22.26
N LEU C 353 20.09 35.63 21.52
CA LEU C 353 19.67 35.09 20.24
C LEU C 353 19.12 36.22 19.38
N ASN C 354 18.77 35.92 18.13
CA ASN C 354 18.28 36.97 17.24
C ASN C 354 17.13 36.54 16.35
N LYS C 355 16.30 37.51 16.01
CA LYS C 355 15.15 37.31 15.15
C LYS C 355 15.61 36.95 13.73
N ASN C 356 14.75 36.20 13.04
CA ASN C 356 15.05 35.67 11.73
C ASN C 356 13.74 35.44 10.97
N THR C 357 13.69 35.85 9.70
CA THR C 357 12.49 35.64 8.88
C THR C 357 12.34 34.18 8.48
N ILE C 358 11.09 33.78 8.21
CA ILE C 358 10.76 32.45 7.74
C ILE C 358 10.08 32.58 6.36
N PRO C 359 10.06 31.51 5.54
CA PRO C 359 9.58 31.65 4.14
C PRO C 359 8.23 32.36 3.98
N SER C 360 7.34 32.21 4.95
CA SER C 360 5.99 32.77 4.87
C SER C 360 5.94 34.25 5.24
N ASP C 361 7.04 34.76 5.79
CA ASP C 361 7.18 36.18 6.09
C ASP C 361 7.43 36.92 4.78
N VAL C 362 6.56 37.87 4.46
CA VAL C 362 6.66 38.55 3.18
C VAL C 362 7.66 39.72 3.23
N ASP C 363 7.80 40.33 4.41
CA ASP C 363 8.74 41.43 4.62
C ASP C 363 9.67 41.11 5.80
N CYS C 364 10.58 42.03 6.08
CA CYS C 364 11.49 41.89 7.23
C CYS C 364 11.05 42.77 8.41
N VAL C 365 9.79 43.22 8.39
CA VAL C 365 9.26 44.10 9.43
C VAL C 365 9.12 43.37 10.77
N SER C 366 8.34 42.29 10.79
CA SER C 366 8.12 41.53 12.03
C SER C 366 8.26 40.01 11.83
N PRO C 367 9.53 39.54 11.76
CA PRO C 367 9.88 38.14 11.48
C PRO C 367 9.23 37.13 12.43
N SER C 368 8.87 35.97 11.89
CA SER C 368 8.20 34.95 12.67
C SER C 368 9.15 33.86 13.19
N GLY C 369 10.45 34.12 13.12
CA GLY C 369 11.42 33.14 13.61
C GLY C 369 12.55 33.68 14.44
N VAL C 370 13.31 32.77 15.04
CA VAL C 370 14.59 33.13 15.67
C VAL C 370 15.68 32.19 15.18
N ARG C 371 16.91 32.70 15.11
CA ARG C 371 18.05 31.90 14.74
C ARG C 371 18.89 31.64 15.97
N ILE C 372 19.29 30.39 16.15
CA ILE C 372 20.14 30.00 17.27
C ILE C 372 21.27 29.13 16.73
N GLY C 373 22.41 29.16 17.40
CA GLY C 373 23.57 28.39 16.99
C GLY C 373 24.29 27.86 18.21
N THR C 374 25.16 26.87 18.00
CA THR C 374 25.82 26.19 19.11
C THR C 374 27.32 26.45 19.32
N PRO C 375 28.01 27.13 18.37
CA PRO C 375 29.46 27.23 18.49
C PRO C 375 29.95 27.85 19.80
N ALA C 376 29.35 28.97 20.20
CA ALA C 376 29.75 29.66 21.41
C ALA C 376 29.61 28.77 22.67
N MET C 377 28.45 28.13 22.83
CA MET C 377 28.21 27.31 24.01
C MET C 377 29.06 26.05 24.05
N THR C 378 29.25 25.43 22.88
CA THR C 378 30.15 24.29 22.73
C THR C 378 31.56 24.66 23.18
N THR C 379 31.99 25.87 22.82
CA THR C 379 33.27 26.40 23.27
C THR C 379 33.33 26.50 24.80
N ARG C 380 32.19 26.80 25.42
CA ARG C 380 32.14 26.94 26.87
C ARG C 380 31.97 25.59 27.60
N GLY C 381 31.97 24.50 26.84
CA GLY C 381 31.97 23.15 27.43
C GLY C 381 30.65 22.40 27.45
N ALA C 382 29.56 23.07 27.07
CA ALA C 382 28.25 22.41 27.02
C ALA C 382 28.28 21.19 26.09
N LYS C 383 27.59 20.12 26.52
CA LYS C 383 27.54 18.84 25.81
C LYS C 383 26.09 18.51 25.50
N GLU C 384 25.84 17.33 24.91
CA GLU C 384 24.50 17.02 24.44
C GLU C 384 23.43 17.18 25.53
N LYS C 385 23.70 16.58 26.69
CA LYS C 385 22.79 16.63 27.85
C LYS C 385 22.42 18.05 28.28
N ASP C 386 23.31 18.98 27.99
CA ASP C 386 23.11 20.40 28.36
C ASP C 386 22.11 21.10 27.45
N MET C 387 21.82 20.51 26.29
CA MET C 387 20.89 21.12 25.33
C MET C 387 19.43 21.05 25.78
N GLU C 388 19.10 20.04 26.58
CA GLU C 388 17.77 19.91 27.14
C GLU C 388 17.40 21.16 27.97
N PHE C 389 18.33 21.57 28.83
CA PHE C 389 18.16 22.75 29.67
C PHE C 389 18.03 24.02 28.83
N ILE C 390 18.91 24.19 27.84
CA ILE C 390 18.80 25.32 26.90
C ILE C 390 17.46 25.27 26.17
N ALA C 391 17.08 24.09 25.66
CA ALA C 391 15.76 23.93 25.05
C ALA C 391 14.64 24.30 26.03
N ASP C 392 14.79 23.87 27.28
CA ASP C 392 13.82 24.15 28.33
C ASP C 392 13.71 25.64 28.65
N VAL C 393 14.86 26.31 28.75
CA VAL C 393 14.89 27.75 28.96
C VAL C 393 14.16 28.46 27.82
N LEU C 394 14.43 28.02 26.59
CA LEU C 394 13.83 28.64 25.40
C LEU C 394 12.31 28.46 25.35
N ALA C 395 11.83 27.28 25.73
CA ALA C 395 10.41 27.00 25.81
C ALA C 395 9.73 27.89 26.89
N ARG C 396 10.36 28.00 28.05
CA ARG C 396 9.87 28.87 29.13
C ARG C 396 9.79 30.33 28.66
N ALA C 397 10.81 30.78 27.93
CA ALA C 397 10.82 32.11 27.34
C ALA C 397 9.76 32.28 26.27
N ILE C 398 9.52 31.24 25.49
CA ILE C 398 8.46 31.28 24.48
C ILE C 398 7.09 31.46 25.17
N LYS C 399 6.88 30.72 26.25
CA LYS C 399 5.60 30.74 26.96
C LYS C 399 5.35 32.09 27.68
N ILE C 400 6.38 32.59 28.35
CA ILE C 400 6.31 33.90 29.01
C ILE C 400 5.98 34.97 27.97
N THR C 401 6.59 34.86 26.80
CA THR C 401 6.30 35.78 25.71
C THR C 401 4.83 35.73 25.31
N VAL C 402 4.23 34.54 25.39
CA VAL C 402 2.81 34.39 25.06
C VAL C 402 1.95 35.05 26.14
N ASP C 403 2.36 34.90 27.40
CA ASP C 403 1.65 35.49 28.55
C ASP C 403 1.67 37.03 28.53
N LEU C 404 2.84 37.60 28.23
CA LEU C 404 3.03 39.05 28.19
C LEU C 404 2.38 39.72 26.97
N GLN C 405 2.23 38.98 25.88
CA GLN C 405 1.55 39.53 24.71
C GLN C 405 0.03 39.59 24.93
N GLU C 406 -0.48 38.73 25.80
CA GLU C 406 -1.90 38.74 26.18
C GLU C 406 -2.22 39.82 27.23
N GLN C 407 -1.22 40.23 28.01
CA GLN C 407 -1.39 41.28 29.02
C GLN C 407 -1.24 42.71 28.45
N TYR C 408 -0.36 42.87 27.47
CA TYR C 408 0.05 44.17 26.99
C TYR C 408 -0.19 44.40 25.50
N GLY C 409 -0.52 43.35 24.76
CA GLY C 409 -0.86 43.48 23.34
C GLY C 409 0.28 43.20 22.37
N LYS C 410 -0.04 43.28 21.08
CA LYS C 410 0.84 42.83 19.98
C LYS C 410 1.90 43.83 19.52
N LYS C 411 1.72 45.10 19.87
CA LYS C 411 2.66 46.13 19.45
C LYS C 411 3.92 46.07 20.31
N LEU C 412 5.07 46.04 19.64
CA LEU C 412 6.36 45.77 20.29
C LEU C 412 6.74 46.74 21.40
N VAL C 413 6.36 48.01 21.24
CA VAL C 413 6.59 49.05 22.25
C VAL C 413 5.91 48.68 23.57
N ASP C 414 4.67 48.23 23.47
CA ASP C 414 3.86 47.81 24.61
C ASP C 414 4.42 46.55 25.29
N PHE C 415 4.77 45.56 24.46
CA PHE C 415 5.32 44.29 24.93
C PHE C 415 6.52 44.47 25.86
N LYS C 416 7.49 45.28 25.42
CA LYS C 416 8.72 45.51 26.19
C LYS C 416 8.43 46.00 27.61
N LYS C 417 7.37 46.79 27.77
CA LYS C 417 6.99 47.38 29.05
C LYS C 417 6.78 46.34 30.15
N GLY C 418 6.52 45.10 29.74
CA GLY C 418 6.23 44.02 30.67
C GLY C 418 7.43 43.25 31.18
N LEU C 419 8.61 43.54 30.61
CA LEU C 419 9.81 42.73 30.87
C LEU C 419 10.48 42.98 32.23
N PRO C 420 10.66 44.27 32.61
CA PRO C 420 11.33 44.50 33.88
C PRO C 420 10.38 44.20 35.03
N GLY C 421 10.92 43.71 36.15
CA GLY C 421 10.12 43.46 37.35
C GLY C 421 9.41 42.11 37.38
N ASN C 422 9.07 41.60 36.20
CA ASN C 422 8.42 40.29 36.03
C ASN C 422 9.11 39.19 36.83
N ALA C 423 8.41 38.73 37.87
CA ALA C 423 8.93 37.72 38.81
C ALA C 423 9.55 36.51 38.12
N GLN C 424 8.92 36.05 37.04
CA GLN C 424 9.33 34.82 36.33
C GLN C 424 10.67 34.96 35.59
N LEU C 425 10.83 36.07 34.86
CA LEU C 425 12.06 36.33 34.12
C LEU C 425 13.29 36.52 35.01
N GLN C 426 13.11 37.18 36.15
CA GLN C 426 14.19 37.39 37.11
C GLN C 426 14.66 36.06 37.67
N GLN C 427 13.70 35.16 37.92
CA GLN C 427 13.98 33.80 38.37
C GLN C 427 14.75 33.03 37.29
N LEU C 428 14.24 33.09 36.07
CA LEU C 428 14.85 32.40 34.92
C LEU C 428 16.23 32.98 34.62
N LYS C 429 16.35 34.31 34.66
CA LYS C 429 17.64 34.99 34.50
C LYS C 429 18.67 34.43 35.48
N GLN C 430 18.24 34.18 36.72
CA GLN C 430 19.13 33.68 37.75
C GLN C 430 19.57 32.24 37.51
N GLU C 431 18.62 31.37 37.13
CA GLU C 431 18.95 30.03 36.66
C GLU C 431 19.98 30.11 35.52
N VAL C 432 19.71 30.98 34.55
CA VAL C 432 20.63 31.21 33.43
C VAL C 432 21.99 31.69 33.92
N VAL C 433 21.99 32.81 34.65
CA VAL C 433 23.21 33.42 35.16
C VAL C 433 24.06 32.38 35.91
N THR C 434 23.42 31.65 36.83
CA THR C 434 24.13 30.67 37.64
C THR C 434 24.77 29.56 36.83
N TRP C 435 24.06 29.05 35.83
CA TRP C 435 24.62 27.96 35.02
C TRP C 435 25.59 28.44 33.99
N ALA C 436 25.29 29.59 33.39
CA ALA C 436 26.22 30.22 32.43
C ALA C 436 27.49 30.72 33.10
N GLY C 437 27.33 31.42 34.24
CA GLY C 437 28.45 32.04 34.96
C GLY C 437 29.64 31.16 35.33
N ALA C 438 29.39 29.88 35.58
CA ALA C 438 30.43 28.93 36.04
C ALA C 438 30.95 27.98 34.96
N LEU C 439 30.56 28.23 33.72
CA LEU C 439 31.07 27.46 32.58
C LEU C 439 32.49 27.92 32.21
N PRO C 440 33.32 26.98 31.71
CA PRO C 440 34.64 27.37 31.20
C PRO C 440 34.51 28.58 30.28
N PHE C 441 35.51 29.47 30.34
CA PHE C 441 35.43 30.78 29.72
C PHE C 441 36.85 31.20 29.32
N PRO C 442 37.12 31.22 28.00
CA PRO C 442 38.42 31.71 27.55
C PRO C 442 38.54 33.22 27.77
N1 PLP D . -20.10 -28.99 0.54
C2 PLP D . -21.29 -29.60 0.37
C2A PLP D . -21.83 -30.53 1.43
C3 PLP D . -22.08 -29.35 -0.86
O3 PLP D . -23.27 -29.97 -1.01
C4 PLP D . -21.52 -28.43 -1.88
C4A PLP D . -22.27 -28.17 -3.13
C5 PLP D . -20.19 -27.83 -1.54
C6 PLP D . -19.56 -28.15 -0.35
C5A PLP D . -19.41 -26.88 -2.42
O4P PLP D . -20.06 -25.63 -2.54
P PLP D . -19.69 -24.66 -3.75
O1P PLP D . -18.20 -24.79 -3.98
O2P PLP D . -20.60 -25.12 -4.87
O3P PLP D . -20.15 -23.37 -3.13
N SER E . -23.36 -28.71 -3.47
CA SER E . -24.21 -28.86 -4.67
C SER E . -25.65 -29.00 -4.20
O SER E . -26.60 -28.76 -5.00
CB SER E . -23.85 -30.12 -5.45
OG SER E . -22.44 -30.31 -5.54
OXT SER E . -25.91 -29.70 -3.21
N1 PLP F . -1.92 -12.47 -10.54
C2 PLP F . -1.17 -11.37 -10.37
C2A PLP F . -0.11 -10.99 -11.38
C3 PLP F . -1.39 -10.53 -9.18
O3 PLP F . -0.64 -9.40 -8.99
C4 PLP F . -2.44 -10.93 -8.21
C4A PLP F . -2.67 -10.10 -7.01
C5 PLP F . -3.19 -12.18 -8.53
C6 PLP F . -2.87 -12.88 -9.69
C5A PLP F . -4.28 -12.78 -7.66
O4P PLP F . -5.44 -11.97 -7.53
P PLP F . -6.51 -12.36 -6.40
O1P PLP F . -6.10 -11.47 -5.23
O2P PLP F . -7.86 -11.98 -6.98
O3P PLP F . -6.33 -13.84 -6.17
N SER G . -1.94 -9.10 -6.70
CA SER G . -1.87 -8.19 -5.55
C SER G . -1.64 -6.75 -5.99
O SER G . -0.97 -6.50 -7.00
CB SER G . -0.76 -8.62 -4.57
OG SER G . -0.86 -9.99 -4.24
OXT SER G . -2.01 -5.86 -5.19
CL CL H . -19.25 -11.87 -5.44
N1 PLP I . 29.08 36.46 4.99
C2 PLP I . 28.08 35.84 5.66
C2A PLP I . 27.48 34.55 5.14
C3 PLP I . 27.60 36.42 6.92
O3 PLP I . 26.60 35.83 7.62
C4 PLP I . 28.22 37.68 7.39
C4A PLP I . 27.71 38.29 8.67
C5 PLP I . 29.31 38.26 6.55
C6 PLP I . 29.67 37.59 5.38
C5A PLP I . 30.05 39.54 6.85
O4P PLP I . 30.76 39.53 8.07
P PLP I . 31.26 40.93 8.71
O1P PLP I . 31.39 41.90 7.56
O2P PLP I . 30.11 41.23 9.65
O3P PLP I . 32.58 40.59 9.39
N SER J . 26.73 37.80 9.36
CA SER J . 25.90 38.22 10.49
C SER J . 25.49 37.03 11.33
O SER J . 25.17 37.25 12.53
CB SER J . 24.63 38.96 10.02
OG SER J . 24.96 40.01 9.11
OXT SER J . 25.30 35.93 10.81
CL CL K . 42.02 44.81 14.94
#